data_2M9Y
#
_entry.id   2M9Y
#
loop_
_entity.id
_entity.type
_entity.pdbx_description
1 polymer 'E3 ubiquitin-protein ligase ARIH1'
2 non-polymer 'ZINC ION'
#
_entity_poly.entity_id   1
_entity_poly.type   'polypeptide(L)'
_entity_poly.pdbx_seq_one_letter_code
;GSKKCDDDSETSNWIAANTKECPKCHVTIEKDGGSNHMVCRNQNCKAEFCWVCLGPWEPHGSAWYNCNRYNEDD
;
_entity_poly.pdbx_strand_id   A
#
loop_
_chem_comp.id
_chem_comp.type
_chem_comp.name
_chem_comp.formula
ZN non-polymer 'ZINC ION' 'Zn 2'
#
# COMPACT_ATOMS: atom_id res chain seq x y z
N GLY A 1 -1.14 -9.54 24.84
CA GLY A 1 -1.45 -8.46 23.89
C GLY A 1 -2.40 -8.91 22.80
N SER A 2 -2.12 -10.04 22.21
CA SER A 2 -2.95 -10.56 21.14
C SER A 2 -4.01 -11.51 21.72
N LYS A 3 -5.19 -10.97 21.98
CA LYS A 3 -6.29 -11.78 22.50
C LYS A 3 -6.81 -12.69 21.40
N LYS A 4 -6.89 -12.14 20.20
CA LYS A 4 -7.28 -12.87 19.04
C LYS A 4 -6.07 -13.10 18.15
N CYS A 5 -6.28 -13.15 16.84
CA CYS A 5 -5.18 -13.34 15.92
C CYS A 5 -5.10 -12.18 14.92
N ASP A 6 -5.92 -11.14 15.16
CA ASP A 6 -5.99 -9.96 14.28
C ASP A 6 -6.36 -10.39 12.86
N ASP A 7 -7.08 -11.50 12.76
CA ASP A 7 -7.48 -12.05 11.47
C ASP A 7 -8.63 -11.25 10.87
N ASP A 8 -9.43 -10.64 11.73
CA ASP A 8 -10.57 -9.84 11.30
C ASP A 8 -10.10 -8.49 10.80
N SER A 9 -10.40 -8.20 9.54
CA SER A 9 -10.01 -6.91 8.97
C SER A 9 -11.06 -5.85 9.30
N GLU A 10 -12.27 -6.31 9.59
CA GLU A 10 -13.39 -5.42 9.92
C GLU A 10 -13.05 -4.48 11.07
N THR A 11 -12.43 -5.02 12.10
CA THR A 11 -12.05 -4.24 13.26
C THR A 11 -11.01 -3.19 12.88
N SER A 12 -10.11 -3.55 11.97
CA SER A 12 -9.06 -2.67 11.50
C SER A 12 -8.19 -2.19 12.64
N ASN A 13 -8.12 -2.98 13.70
CA ASN A 13 -7.32 -2.63 14.85
C ASN A 13 -5.85 -2.89 14.57
N TRP A 14 -5.59 -3.59 13.48
CA TRP A 14 -4.22 -3.90 13.10
C TRP A 14 -3.82 -3.11 11.85
N ILE A 15 -4.76 -2.96 10.93
CA ILE A 15 -4.52 -2.21 9.70
C ILE A 15 -4.12 -0.77 10.01
N ALA A 16 -4.54 -0.30 11.17
CA ALA A 16 -4.24 1.06 11.63
C ALA A 16 -2.73 1.37 11.60
N ALA A 17 -1.90 0.33 11.75
CA ALA A 17 -0.45 0.54 11.76
C ALA A 17 0.32 -0.66 11.22
N ASN A 18 -0.37 -1.59 10.59
CA ASN A 18 0.31 -2.77 10.05
C ASN A 18 0.00 -2.96 8.59
N THR A 19 -0.89 -2.13 8.07
CA THR A 19 -1.30 -2.23 6.69
C THR A 19 -1.83 -0.89 6.19
N LYS A 20 -2.08 -0.81 4.89
CA LYS A 20 -2.65 0.38 4.29
C LYS A 20 -3.60 -0.04 3.17
N GLU A 21 -4.20 0.93 2.53
CA GLU A 21 -5.15 0.65 1.46
C GLU A 21 -4.69 1.30 0.17
N CYS A 22 -5.39 0.96 -0.91
CA CYS A 22 -5.14 1.54 -2.21
C CYS A 22 -5.59 3.00 -2.20
N PRO A 23 -4.75 3.91 -2.68
CA PRO A 23 -5.08 5.33 -2.72
C PRO A 23 -6.02 5.66 -3.87
N LYS A 24 -6.40 4.63 -4.61
CA LYS A 24 -7.27 4.80 -5.74
C LYS A 24 -8.68 4.28 -5.44
N CYS A 25 -8.78 3.03 -5.03
CA CYS A 25 -10.08 2.43 -4.73
C CYS A 25 -10.27 2.18 -3.23
N HIS A 26 -9.19 2.34 -2.48
CA HIS A 26 -9.18 2.14 -1.04
C HIS A 26 -9.55 0.73 -0.65
N VAL A 27 -8.79 -0.21 -1.17
CA VAL A 27 -8.94 -1.60 -0.83
C VAL A 27 -7.80 -2.00 0.07
N THR A 28 -8.07 -2.83 1.08
CA THR A 28 -7.04 -3.26 1.99
C THR A 28 -5.98 -4.07 1.26
N ILE A 29 -4.76 -3.56 1.26
CA ILE A 29 -3.66 -4.23 0.61
C ILE A 29 -2.65 -4.63 1.64
N GLU A 30 -1.48 -5.04 1.21
CA GLU A 30 -0.42 -5.43 2.13
C GLU A 30 0.92 -5.39 1.42
N LYS A 31 1.85 -4.67 2.01
CA LYS A 31 3.17 -4.48 1.43
C LYS A 31 3.94 -5.77 1.30
N ASP A 32 4.65 -5.91 0.19
CA ASP A 32 5.45 -7.09 -0.08
C ASP A 32 6.79 -7.01 0.63
N GLY A 33 7.43 -5.85 0.54
CA GLY A 33 8.70 -5.65 1.20
C GLY A 33 9.85 -5.64 0.23
N GLY A 34 9.55 -5.86 -1.04
CA GLY A 34 10.58 -5.87 -2.06
C GLY A 34 11.01 -4.49 -2.52
N SER A 35 11.00 -4.28 -3.82
CA SER A 35 11.47 -3.04 -4.43
C SER A 35 10.46 -1.89 -4.30
N ASN A 36 9.49 -2.04 -3.39
CA ASN A 36 8.45 -1.03 -3.13
C ASN A 36 7.42 -1.01 -4.22
N HIS A 37 7.54 -1.92 -5.16
CA HIS A 37 6.58 -2.04 -6.25
C HIS A 37 5.29 -2.62 -5.72
N MET A 38 4.45 -1.76 -5.22
CA MET A 38 3.16 -2.16 -4.68
C MET A 38 2.07 -1.99 -5.73
N VAL A 39 1.29 -3.04 -5.92
CA VAL A 39 0.19 -3.01 -6.84
C VAL A 39 -1.08 -3.47 -6.15
N CYS A 40 -2.18 -2.78 -6.45
CA CYS A 40 -3.49 -3.04 -5.85
C CYS A 40 -3.89 -4.52 -6.00
N ARG A 41 -4.70 -4.98 -5.07
CA ARG A 41 -5.16 -6.36 -5.06
C ARG A 41 -6.54 -6.45 -5.66
N ASN A 42 -7.21 -5.31 -5.69
CA ASN A 42 -8.55 -5.24 -6.24
C ASN A 42 -8.52 -5.53 -7.72
N GLN A 43 -9.21 -6.59 -8.12
CA GLN A 43 -9.28 -7.02 -9.51
C GLN A 43 -9.99 -6.01 -10.39
N ASN A 44 -10.62 -5.04 -9.77
CA ASN A 44 -11.30 -3.97 -10.47
C ASN A 44 -10.44 -2.71 -10.46
N CYS A 45 -9.17 -2.90 -10.12
CA CYS A 45 -8.24 -1.80 -10.01
C CYS A 45 -6.86 -2.23 -10.52
N LYS A 46 -6.12 -2.94 -9.66
CA LYS A 46 -4.78 -3.43 -9.97
C LYS A 46 -3.82 -2.30 -10.31
N ALA A 47 -4.09 -1.13 -9.74
CA ALA A 47 -3.26 0.04 -9.98
C ALA A 47 -1.94 -0.10 -9.24
N GLU A 48 -0.85 0.22 -9.91
CA GLU A 48 0.47 0.16 -9.31
C GLU A 48 0.84 1.51 -8.72
N PHE A 49 1.19 1.53 -7.46
CA PHE A 49 1.49 2.77 -6.78
C PHE A 49 2.61 2.61 -5.76
N CYS A 50 3.25 3.72 -5.46
CA CYS A 50 4.30 3.76 -4.48
C CYS A 50 3.70 3.64 -3.11
N TRP A 51 3.83 2.49 -2.51
CA TRP A 51 3.30 2.23 -1.17
C TRP A 51 3.75 3.29 -0.17
N VAL A 52 5.00 3.75 -0.33
CA VAL A 52 5.59 4.71 0.59
C VAL A 52 4.72 5.95 0.76
N CYS A 53 4.52 6.68 -0.32
CA CYS A 53 3.76 7.91 -0.25
C CYS A 53 2.33 7.70 -0.75
N LEU A 54 2.04 6.47 -1.18
CA LEU A 54 0.73 6.12 -1.74
C LEU A 54 0.44 6.95 -3.00
N GLY A 55 1.48 7.21 -3.77
CA GLY A 55 1.32 7.93 -5.02
C GLY A 55 1.55 7.03 -6.21
N PRO A 56 1.55 7.55 -7.43
CA PRO A 56 1.75 6.74 -8.66
C PRO A 56 3.15 6.12 -8.71
N TRP A 57 3.21 4.81 -8.97
CA TRP A 57 4.49 4.10 -9.03
C TRP A 57 5.27 4.42 -10.31
N GLU A 58 4.54 4.73 -11.37
CA GLU A 58 5.13 5.00 -12.68
C GLU A 58 6.29 6.02 -12.66
N PRO A 59 6.12 7.22 -12.05
CA PRO A 59 7.19 8.22 -11.97
C PRO A 59 8.35 7.76 -11.06
N HIS A 60 8.05 6.83 -10.14
CA HIS A 60 9.04 6.32 -9.19
C HIS A 60 9.94 5.28 -9.82
N GLY A 61 9.51 4.70 -10.93
CA GLY A 61 10.27 3.64 -11.57
C GLY A 61 11.49 4.13 -12.33
N SER A 62 12.43 4.76 -11.60
CA SER A 62 13.68 5.27 -12.17
C SER A 62 13.43 6.25 -13.32
N ALA A 63 12.29 6.92 -13.28
CA ALA A 63 11.92 7.85 -14.32
C ALA A 63 12.52 9.23 -14.09
N TRP A 64 12.30 9.75 -12.89
CA TRP A 64 12.76 11.10 -12.52
C TRP A 64 12.27 11.46 -11.12
N TYR A 65 11.20 10.83 -10.72
CA TYR A 65 10.56 11.13 -9.48
C TYR A 65 11.18 10.32 -8.34
N ASN A 66 11.82 11.01 -7.42
CA ASN A 66 12.45 10.38 -6.28
C ASN A 66 11.49 10.39 -5.09
N CYS A 67 11.67 9.46 -4.17
CA CYS A 67 10.82 9.36 -3.00
C CYS A 67 11.66 9.07 -1.77
N ASN A 68 11.06 9.25 -0.61
CA ASN A 68 11.75 9.01 0.64
C ASN A 68 11.02 7.97 1.44
N ARG A 69 11.57 6.76 1.45
CA ARG A 69 10.95 5.65 2.17
C ARG A 69 10.92 5.90 3.68
N TYR A 70 12.08 5.89 4.30
CA TYR A 70 12.18 6.12 5.74
C TYR A 70 13.14 7.26 6.05
N ASN A 71 13.98 7.57 5.09
CA ASN A 71 14.95 8.64 5.24
C ASN A 71 14.52 9.85 4.42
N GLU A 72 13.96 10.84 5.09
CA GLU A 72 13.51 12.04 4.41
C GLU A 72 14.64 13.04 4.29
N ASP A 73 14.69 13.73 3.17
CA ASP A 73 15.70 14.77 2.96
C ASP A 73 15.15 16.12 3.41
N ASP A 74 13.84 16.15 3.62
CA ASP A 74 13.14 17.35 4.08
C ASP A 74 13.75 17.87 5.37
ZN ZN B . -6.93 -0.15 -6.06
ZN ZN C . 6.65 7.50 -3.24
N GLY A 1 -9.30 -17.95 -6.43
CA GLY A 1 -8.83 -18.70 -5.25
C GLY A 1 -9.95 -19.04 -4.31
N SER A 2 -9.75 -20.07 -3.52
CA SER A 2 -10.77 -20.50 -2.58
C SER A 2 -10.75 -19.61 -1.34
N LYS A 3 -11.71 -18.72 -1.25
CA LYS A 3 -11.79 -17.81 -0.13
C LYS A 3 -12.99 -18.15 0.74
N LYS A 4 -12.80 -19.11 1.62
CA LYS A 4 -13.85 -19.54 2.53
C LYS A 4 -13.73 -18.85 3.87
N CYS A 5 -12.73 -18.00 3.98
CA CYS A 5 -12.53 -17.21 5.17
C CYS A 5 -13.25 -15.88 5.04
N ASP A 6 -14.10 -15.57 5.98
CA ASP A 6 -14.85 -14.33 5.94
C ASP A 6 -14.22 -13.30 6.85
N ASP A 7 -13.19 -12.66 6.36
CA ASP A 7 -12.49 -11.63 7.10
C ASP A 7 -12.92 -10.27 6.62
N ASP A 8 -13.29 -9.40 7.54
CA ASP A 8 -13.74 -8.06 7.19
C ASP A 8 -12.55 -7.08 7.28
N SER A 9 -12.80 -5.82 6.97
CA SER A 9 -11.76 -4.82 7.00
C SER A 9 -11.84 -3.97 8.27
N GLU A 10 -12.93 -4.15 9.03
CA GLU A 10 -13.12 -3.40 10.26
C GLU A 10 -12.11 -3.84 11.33
N THR A 11 -11.59 -5.03 11.19
CA THR A 11 -10.62 -5.55 12.11
C THR A 11 -9.23 -5.03 11.75
N SER A 12 -9.02 -3.75 11.97
CA SER A 12 -7.78 -3.10 11.63
C SER A 12 -6.94 -2.84 12.85
N ASN A 13 -7.02 -3.74 13.81
CA ASN A 13 -6.26 -3.62 15.05
C ASN A 13 -4.75 -3.57 14.77
N TRP A 14 -4.34 -4.14 13.65
CA TRP A 14 -2.94 -4.12 13.25
C TRP A 14 -2.77 -3.34 11.96
N ILE A 15 -3.81 -3.35 11.15
CA ILE A 15 -3.83 -2.64 9.87
C ILE A 15 -3.61 -1.14 10.07
N ALA A 16 -3.97 -0.65 11.25
CA ALA A 16 -3.85 0.78 11.59
C ALA A 16 -2.47 1.36 11.24
N ALA A 17 -1.43 0.56 11.39
CA ALA A 17 -0.09 1.03 11.08
C ALA A 17 0.78 -0.04 10.43
N ASN A 18 0.17 -1.17 10.08
CA ASN A 18 0.94 -2.26 9.46
C ASN A 18 0.44 -2.55 8.07
N THR A 19 -0.62 -1.89 7.68
CA THR A 19 -1.19 -2.08 6.36
C THR A 19 -1.88 -0.79 5.90
N LYS A 20 -2.16 -0.68 4.61
CA LYS A 20 -2.83 0.51 4.07
C LYS A 20 -3.80 0.11 2.97
N GLU A 21 -4.45 1.09 2.36
CA GLU A 21 -5.44 0.81 1.33
C GLU A 21 -5.07 1.47 0.01
N CYS A 22 -5.69 0.99 -1.06
CA CYS A 22 -5.50 1.54 -2.39
C CYS A 22 -6.03 2.96 -2.44
N PRO A 23 -5.20 3.91 -2.88
CA PRO A 23 -5.60 5.31 -2.98
C PRO A 23 -6.52 5.56 -4.18
N LYS A 24 -6.92 4.49 -4.83
CA LYS A 24 -7.78 4.58 -5.98
C LYS A 24 -9.19 4.04 -5.69
N CYS A 25 -9.27 2.81 -5.22
CA CYS A 25 -10.58 2.20 -4.96
C CYS A 25 -10.82 1.95 -3.47
N HIS A 26 -9.80 2.26 -2.67
CA HIS A 26 -9.85 2.09 -1.22
C HIS A 26 -10.11 0.65 -0.84
N VAL A 27 -9.14 -0.18 -1.08
CA VAL A 27 -9.22 -1.58 -0.74
C VAL A 27 -8.00 -1.96 0.09
N THR A 28 -8.21 -2.72 1.14
CA THR A 28 -7.13 -3.12 2.02
C THR A 28 -6.10 -3.97 1.28
N ILE A 29 -4.92 -3.41 1.09
CA ILE A 29 -3.85 -4.10 0.41
C ILE A 29 -2.88 -4.67 1.43
N GLU A 30 -1.68 -5.01 1.01
CA GLU A 30 -0.67 -5.54 1.93
C GLU A 30 0.71 -5.45 1.31
N LYS A 31 1.62 -4.79 2.01
CA LYS A 31 2.97 -4.58 1.54
C LYS A 31 3.81 -5.84 1.62
N ASP A 32 4.69 -6.01 0.65
CA ASP A 32 5.60 -7.15 0.59
C ASP A 32 6.78 -6.93 1.52
N GLY A 33 7.41 -5.78 1.36
CA GLY A 33 8.55 -5.45 2.19
C GLY A 33 9.57 -4.66 1.42
N GLY A 34 10.57 -5.37 0.90
CA GLY A 34 11.62 -4.72 0.14
C GLY A 34 11.11 -4.14 -1.16
N SER A 35 10.27 -4.89 -1.86
CA SER A 35 9.70 -4.41 -3.10
C SER A 35 8.72 -3.27 -2.84
N ASN A 36 8.95 -2.15 -3.48
CA ASN A 36 8.11 -1.00 -3.31
C ASN A 36 7.03 -0.98 -4.37
N HIS A 37 7.17 -1.85 -5.35
CA HIS A 37 6.19 -1.99 -6.42
C HIS A 37 4.92 -2.63 -5.85
N MET A 38 4.10 -1.80 -5.26
CA MET A 38 2.87 -2.24 -4.65
C MET A 38 1.70 -2.13 -5.63
N VAL A 39 0.98 -3.20 -5.81
CA VAL A 39 -0.17 -3.22 -6.69
C VAL A 39 -1.44 -3.63 -5.94
N CYS A 40 -2.53 -2.98 -6.30
CA CYS A 40 -3.83 -3.18 -5.69
C CYS A 40 -4.27 -4.65 -5.72
N ARG A 41 -5.25 -4.97 -4.89
CA ARG A 41 -5.78 -6.33 -4.77
C ARG A 41 -7.05 -6.42 -5.58
N ASN A 42 -7.79 -5.32 -5.61
CA ASN A 42 -9.06 -5.24 -6.28
C ASN A 42 -8.93 -5.60 -7.74
N GLN A 43 -9.65 -6.64 -8.14
CA GLN A 43 -9.63 -7.15 -9.50
C GLN A 43 -10.32 -6.20 -10.46
N ASN A 44 -10.96 -5.18 -9.91
CA ASN A 44 -11.62 -4.15 -10.70
C ASN A 44 -10.73 -2.92 -10.76
N CYS A 45 -9.50 -3.07 -10.25
CA CYS A 45 -8.56 -1.97 -10.16
C CYS A 45 -7.18 -2.41 -10.60
N LYS A 46 -6.47 -3.10 -9.71
CA LYS A 46 -5.12 -3.61 -9.96
C LYS A 46 -4.14 -2.47 -10.25
N ALA A 47 -4.42 -1.31 -9.66
CA ALA A 47 -3.57 -0.15 -9.83
C ALA A 47 -2.22 -0.36 -9.17
N GLU A 48 -1.17 0.00 -9.87
CA GLU A 48 0.18 -0.12 -9.34
C GLU A 48 0.68 1.23 -8.87
N PHE A 49 0.98 1.32 -7.59
CA PHE A 49 1.41 2.58 -6.99
C PHE A 49 2.53 2.38 -6.00
N CYS A 50 3.19 3.47 -5.65
CA CYS A 50 4.25 3.43 -4.67
C CYS A 50 3.63 3.41 -3.30
N TRP A 51 3.78 2.31 -2.61
CA TRP A 51 3.22 2.13 -1.28
C TRP A 51 3.69 3.23 -0.31
N VAL A 52 4.93 3.66 -0.46
CA VAL A 52 5.54 4.61 0.46
C VAL A 52 4.79 5.93 0.49
N CYS A 53 4.74 6.59 -0.64
CA CYS A 53 4.07 7.88 -0.74
C CYS A 53 2.64 7.73 -1.23
N LEU A 54 2.24 6.48 -1.51
CA LEU A 54 0.91 6.18 -2.04
C LEU A 54 0.64 6.93 -3.33
N GLY A 55 1.70 7.22 -4.07
CA GLY A 55 1.58 7.91 -5.32
C GLY A 55 1.79 6.98 -6.48
N PRO A 56 1.84 7.51 -7.70
CA PRO A 56 2.02 6.69 -8.89
C PRO A 56 3.43 6.07 -8.97
N TRP A 57 3.50 4.85 -9.45
CA TRP A 57 4.76 4.14 -9.58
C TRP A 57 5.56 4.64 -10.80
N GLU A 58 4.85 5.27 -11.74
CA GLU A 58 5.48 5.79 -12.97
C GLU A 58 6.70 6.70 -12.68
N PRO A 59 6.55 7.77 -11.84
CA PRO A 59 7.69 8.65 -11.49
C PRO A 59 8.79 7.91 -10.72
N HIS A 60 8.46 6.71 -10.24
CA HIS A 60 9.41 5.90 -9.49
C HIS A 60 10.12 4.92 -10.41
N GLY A 61 9.74 4.94 -11.68
CA GLY A 61 10.37 4.06 -12.63
C GLY A 61 11.59 4.67 -13.26
N SER A 62 12.62 4.91 -12.44
CA SER A 62 13.89 5.48 -12.89
C SER A 62 13.69 6.88 -13.48
N ALA A 63 12.67 7.58 -13.00
CA ALA A 63 12.39 8.93 -13.48
C ALA A 63 13.11 9.96 -12.61
N TRP A 64 12.77 11.22 -12.82
CA TRP A 64 13.38 12.33 -12.08
C TRP A 64 13.05 12.25 -10.60
N TYR A 65 11.96 11.58 -10.29
CA TYR A 65 11.44 11.51 -8.95
C TYR A 65 12.03 10.33 -8.19
N ASN A 66 12.48 10.60 -6.99
CA ASN A 66 13.00 9.58 -6.10
C ASN A 66 12.09 9.44 -4.90
N CYS A 67 12.24 8.36 -4.15
CA CYS A 67 11.41 8.14 -2.98
C CYS A 67 12.24 7.57 -1.85
N ASN A 68 12.26 8.27 -0.74
CA ASN A 68 12.99 7.82 0.43
C ASN A 68 12.16 6.79 1.19
N ARG A 69 12.24 5.54 0.74
CA ARG A 69 11.46 4.48 1.32
C ARG A 69 12.13 3.88 2.55
N TYR A 70 13.42 3.64 2.45
CA TYR A 70 14.17 3.06 3.57
C TYR A 70 15.09 4.10 4.16
N ASN A 71 15.36 5.14 3.40
CA ASN A 71 16.23 6.20 3.84
C ASN A 71 15.48 7.18 4.72
N GLU A 72 15.69 7.06 6.02
CA GLU A 72 15.07 7.95 6.99
C GLU A 72 15.67 9.34 6.89
N ASP A 73 14.93 10.34 7.36
CA ASP A 73 15.40 11.71 7.28
C ASP A 73 16.40 11.97 8.37
N ASP A 74 16.28 11.20 9.44
CA ASP A 74 17.17 11.33 10.57
C ASP A 74 17.58 9.95 11.06
ZN ZN B . -7.32 -0.31 -6.17
ZN ZN C . 7.13 6.77 -3.44
N GLY A 1 -13.99 -24.16 14.07
CA GLY A 1 -14.99 -23.20 14.59
C GLY A 1 -15.38 -22.19 13.53
N SER A 2 -15.29 -20.91 13.88
CA SER A 2 -15.63 -19.83 12.95
C SER A 2 -15.22 -18.49 13.53
N LYS A 3 -14.76 -17.60 12.67
CA LYS A 3 -14.39 -16.25 13.08
C LYS A 3 -15.18 -15.25 12.27
N LYS A 4 -16.13 -15.74 11.50
CA LYS A 4 -16.93 -14.89 10.63
C LYS A 4 -17.97 -14.12 11.42
N CYS A 5 -17.98 -12.82 11.24
CA CYS A 5 -18.94 -11.96 11.88
C CYS A 5 -19.43 -10.93 10.88
N ASP A 6 -20.70 -10.57 10.98
CA ASP A 6 -21.29 -9.60 10.07
C ASP A 6 -20.91 -8.18 10.47
N ASP A 7 -20.53 -8.01 11.72
CA ASP A 7 -20.15 -6.69 12.24
C ASP A 7 -19.13 -6.82 13.36
N ASP A 8 -17.88 -6.68 13.01
CA ASP A 8 -16.80 -6.72 14.00
C ASP A 8 -16.15 -5.35 14.09
N SER A 9 -15.61 -5.02 15.25
CA SER A 9 -14.99 -3.73 15.46
C SER A 9 -13.49 -3.80 15.19
N GLU A 10 -13.03 -4.96 14.76
CA GLU A 10 -11.61 -5.18 14.50
C GLU A 10 -11.32 -4.95 13.02
N THR A 11 -12.10 -4.08 12.41
CA THR A 11 -11.98 -3.78 11.00
C THR A 11 -10.58 -3.26 10.65
N SER A 12 -10.06 -2.35 11.44
CA SER A 12 -8.76 -1.79 11.20
C SER A 12 -7.95 -1.70 12.47
N ASN A 13 -8.13 -2.65 13.36
CA ASN A 13 -7.39 -2.66 14.60
C ASN A 13 -5.92 -2.91 14.33
N TRP A 14 -5.64 -3.66 13.27
CA TRP A 14 -4.27 -3.98 12.89
C TRP A 14 -3.81 -3.09 11.74
N ILE A 15 -4.74 -2.79 10.84
CA ILE A 15 -4.47 -1.94 9.69
C ILE A 15 -4.03 -0.54 10.11
N ALA A 16 -4.40 -0.17 11.34
CA ALA A 16 -4.07 1.15 11.90
C ALA A 16 -2.59 1.47 11.81
N ALA A 17 -1.74 0.45 11.88
CA ALA A 17 -0.30 0.68 11.82
C ALA A 17 0.46 -0.50 11.21
N ASN A 18 -0.27 -1.42 10.60
CA ASN A 18 0.37 -2.59 10.00
C ASN A 18 0.04 -2.72 8.53
N THR A 19 -0.83 -1.84 8.06
CA THR A 19 -1.25 -1.90 6.67
C THR A 19 -1.79 -0.58 6.18
N LYS A 20 -2.04 -0.51 4.89
CA LYS A 20 -2.63 0.67 4.28
C LYS A 20 -3.58 0.23 3.19
N GLU A 21 -4.20 1.17 2.53
CA GLU A 21 -5.15 0.86 1.48
C GLU A 21 -4.75 1.49 0.17
N CYS A 22 -5.37 1.03 -0.90
CA CYS A 22 -5.14 1.56 -2.22
C CYS A 22 -5.52 3.04 -2.27
N PRO A 23 -4.67 3.87 -2.85
CA PRO A 23 -4.94 5.29 -2.97
C PRO A 23 -5.87 5.60 -4.13
N LYS A 24 -6.30 4.55 -4.82
CA LYS A 24 -7.18 4.68 -5.95
C LYS A 24 -8.59 4.23 -5.63
N CYS A 25 -8.73 3.02 -5.12
CA CYS A 25 -10.05 2.48 -4.80
C CYS A 25 -10.25 2.31 -3.30
N HIS A 26 -9.21 2.55 -2.54
CA HIS A 26 -9.22 2.40 -1.09
C HIS A 26 -9.62 1.01 -0.67
N VAL A 27 -8.79 0.06 -0.99
CA VAL A 27 -9.00 -1.31 -0.61
C VAL A 27 -7.85 -1.75 0.27
N THR A 28 -8.15 -2.51 1.30
CA THR A 28 -7.13 -2.97 2.21
C THR A 28 -6.14 -3.91 1.52
N ILE A 29 -4.92 -3.45 1.39
CA ILE A 29 -3.88 -4.24 0.77
C ILE A 29 -2.97 -4.76 1.87
N GLU A 30 -1.77 -5.18 1.51
CA GLU A 30 -0.80 -5.65 2.49
C GLU A 30 0.58 -5.72 1.87
N LYS A 31 1.52 -5.02 2.47
CA LYS A 31 2.86 -4.95 1.95
C LYS A 31 3.64 -6.23 2.25
N ASP A 32 4.42 -6.65 1.28
CA ASP A 32 5.25 -7.84 1.41
C ASP A 32 6.71 -7.46 1.51
N GLY A 33 7.08 -6.45 0.72
CA GLY A 33 8.45 -5.99 0.67
C GLY A 33 8.93 -5.87 -0.75
N GLY A 34 9.84 -6.75 -1.15
CA GLY A 34 10.34 -6.75 -2.52
C GLY A 34 10.97 -5.44 -2.92
N SER A 35 10.62 -4.97 -4.10
CA SER A 35 11.14 -3.72 -4.62
C SER A 35 10.18 -2.57 -4.37
N ASN A 36 9.21 -2.79 -3.47
CA ASN A 36 8.21 -1.77 -3.11
C ASN A 36 7.18 -1.57 -4.21
N HIS A 37 7.24 -2.41 -5.22
CA HIS A 37 6.29 -2.39 -6.30
C HIS A 37 4.98 -3.01 -5.82
N MET A 38 4.20 -2.21 -5.13
CA MET A 38 2.94 -2.66 -4.56
C MET A 38 1.81 -2.58 -5.58
N VAL A 39 1.04 -3.66 -5.68
CA VAL A 39 -0.06 -3.74 -6.60
C VAL A 39 -1.37 -3.96 -5.84
N CYS A 40 -2.40 -3.22 -6.21
CA CYS A 40 -3.71 -3.32 -5.60
C CYS A 40 -4.25 -4.76 -5.67
N ARG A 41 -5.09 -5.11 -4.70
CA ARG A 41 -5.65 -6.46 -4.65
C ARG A 41 -7.05 -6.46 -5.24
N ASN A 42 -7.65 -5.28 -5.29
CA ASN A 42 -8.99 -5.12 -5.82
C ASN A 42 -9.02 -5.50 -7.28
N GLN A 43 -9.83 -6.50 -7.59
CA GLN A 43 -9.98 -7.00 -8.97
C GLN A 43 -10.63 -5.95 -9.87
N ASN A 44 -11.19 -4.93 -9.27
CA ASN A 44 -11.81 -3.84 -10.00
C ASN A 44 -10.83 -2.69 -10.12
N CYS A 45 -9.56 -2.96 -9.80
CA CYS A 45 -8.53 -1.94 -9.80
C CYS A 45 -7.20 -2.51 -10.29
N LYS A 46 -6.50 -3.21 -9.38
CA LYS A 46 -5.19 -3.82 -9.67
C LYS A 46 -4.17 -2.75 -10.06
N ALA A 47 -4.36 -1.55 -9.56
CA ALA A 47 -3.46 -0.45 -9.84
C ALA A 47 -2.10 -0.67 -9.20
N GLU A 48 -1.06 -0.29 -9.91
CA GLU A 48 0.29 -0.41 -9.42
C GLU A 48 0.76 0.91 -8.87
N PHE A 49 1.09 0.94 -7.61
CA PHE A 49 1.46 2.19 -6.98
C PHE A 49 2.59 2.02 -5.99
N CYS A 50 3.27 3.11 -5.73
CA CYS A 50 4.35 3.14 -4.79
C CYS A 50 3.79 3.13 -3.39
N TRP A 51 3.86 2.00 -2.73
CA TRP A 51 3.38 1.85 -1.37
C TRP A 51 3.91 2.96 -0.44
N VAL A 52 5.14 3.39 -0.68
CA VAL A 52 5.81 4.40 0.16
C VAL A 52 4.97 5.66 0.30
N CYS A 53 4.69 6.31 -0.81
CA CYS A 53 3.95 7.55 -0.80
C CYS A 53 2.52 7.35 -1.26
N LEU A 54 2.19 6.10 -1.59
CA LEU A 54 0.89 5.74 -2.12
C LEU A 54 0.59 6.53 -3.40
N GLY A 55 1.61 6.72 -4.22
CA GLY A 55 1.44 7.41 -5.46
C GLY A 55 1.62 6.49 -6.65
N PRO A 56 1.53 7.01 -7.87
CA PRO A 56 1.67 6.19 -9.08
C PRO A 56 3.09 5.63 -9.20
N TRP A 57 3.20 4.33 -9.39
CA TRP A 57 4.51 3.68 -9.48
C TRP A 57 5.24 4.05 -10.78
N GLU A 58 4.49 4.46 -11.77
CA GLU A 58 5.06 4.80 -13.09
C GLU A 58 6.24 5.81 -13.03
N PRO A 59 6.06 7.01 -12.42
CA PRO A 59 7.15 8.00 -12.33
C PRO A 59 8.25 7.59 -11.34
N HIS A 60 8.05 6.48 -10.64
CA HIS A 60 9.01 6.03 -9.66
C HIS A 60 10.14 5.27 -10.29
N GLY A 61 11.11 6.01 -10.76
CA GLY A 61 12.28 5.43 -11.36
C GLY A 61 13.41 6.43 -11.37
N SER A 62 14.42 6.17 -12.16
CA SER A 62 15.54 7.09 -12.27
C SER A 62 15.19 8.23 -13.21
N ALA A 63 14.36 9.14 -12.75
CA ALA A 63 13.90 10.24 -13.55
C ALA A 63 13.71 11.48 -12.68
N TRP A 64 12.84 12.37 -13.14
CA TRP A 64 12.53 13.60 -12.43
C TRP A 64 11.95 13.33 -11.04
N TYR A 65 11.17 12.26 -10.94
CA TYR A 65 10.47 11.96 -9.73
C TYR A 65 11.35 11.18 -8.75
N ASN A 66 11.52 11.74 -7.58
CA ASN A 66 12.30 11.12 -6.52
C ASN A 66 11.39 10.69 -5.38
N CYS A 67 11.72 9.59 -4.74
CA CYS A 67 10.94 9.09 -3.63
C CYS A 67 11.87 8.46 -2.60
N ASN A 68 11.36 8.29 -1.41
CA ASN A 68 12.14 7.71 -0.32
C ASN A 68 11.87 6.21 -0.20
N ARG A 69 12.32 5.46 -1.20
CA ARG A 69 12.12 4.01 -1.20
C ARG A 69 13.18 3.37 -0.33
N TYR A 70 14.42 3.79 -0.54
CA TYR A 70 15.55 3.24 0.16
C TYR A 70 16.32 4.34 0.90
N ASN A 71 16.26 5.55 0.36
CA ASN A 71 16.96 6.68 0.96
C ASN A 71 16.00 7.49 1.82
N GLU A 72 16.28 7.54 3.10
CA GLU A 72 15.44 8.28 4.03
C GLU A 72 15.64 9.77 3.86
N ASP A 73 14.56 10.51 3.95
CA ASP A 73 14.59 11.96 3.80
C ASP A 73 15.13 12.59 5.07
N ASP A 74 14.80 11.97 6.18
CA ASP A 74 15.23 12.43 7.47
C ASP A 74 16.05 11.36 8.15
ZN ZN B . -7.00 -0.23 -6.00
ZN ZN C . 6.81 6.78 -3.72
N GLY A 1 -16.31 -7.62 29.48
CA GLY A 1 -17.29 -6.52 29.61
C GLY A 1 -17.84 -6.08 28.28
N SER A 2 -17.55 -4.85 27.89
CA SER A 2 -18.00 -4.31 26.63
C SER A 2 -17.14 -4.85 25.48
N LYS A 3 -17.76 -5.11 24.34
CA LYS A 3 -17.05 -5.62 23.20
C LYS A 3 -17.77 -5.25 21.91
N LYS A 4 -17.05 -5.30 20.83
CA LYS A 4 -17.62 -5.06 19.51
C LYS A 4 -17.70 -6.37 18.74
N CYS A 5 -18.21 -6.31 17.54
CA CYS A 5 -18.35 -7.50 16.73
C CYS A 5 -17.46 -7.42 15.49
N ASP A 6 -17.55 -8.43 14.63
CA ASP A 6 -16.77 -8.46 13.40
C ASP A 6 -17.59 -7.87 12.26
N ASP A 7 -18.77 -7.38 12.61
CA ASP A 7 -19.69 -6.80 11.64
C ASP A 7 -19.25 -5.41 11.23
N ASP A 8 -18.76 -4.65 12.18
CA ASP A 8 -18.31 -3.29 11.92
C ASP A 8 -16.89 -3.28 11.37
N SER A 9 -16.43 -2.10 11.00
CA SER A 9 -15.10 -1.96 10.42
C SER A 9 -14.12 -1.33 11.43
N GLU A 10 -14.50 -1.33 12.70
CA GLU A 10 -13.68 -0.73 13.75
C GLU A 10 -12.61 -1.68 14.25
N THR A 11 -12.41 -2.77 13.52
CA THR A 11 -11.40 -3.74 13.86
C THR A 11 -10.06 -3.37 13.22
N SER A 12 -10.02 -2.20 12.61
CA SER A 12 -8.82 -1.73 11.89
C SER A 12 -7.73 -1.23 12.84
N ASN A 13 -7.73 -1.73 14.06
CA ASN A 13 -6.75 -1.32 15.05
C ASN A 13 -5.37 -1.83 14.67
N TRP A 14 -5.33 -2.84 13.82
CA TRP A 14 -4.05 -3.40 13.43
C TRP A 14 -3.59 -2.79 12.12
N ILE A 15 -4.52 -2.62 11.20
CA ILE A 15 -4.26 -2.01 9.90
C ILE A 15 -3.70 -0.60 10.08
N ALA A 16 -4.07 0.03 11.18
CA ALA A 16 -3.66 1.40 11.51
C ALA A 16 -2.15 1.61 11.35
N ALA A 17 -1.36 0.57 11.60
CA ALA A 17 0.09 0.70 11.50
C ALA A 17 0.76 -0.57 11.00
N ASN A 18 -0.02 -1.47 10.43
CA ASN A 18 0.54 -2.72 9.91
C ASN A 18 0.16 -2.93 8.47
N THR A 19 -0.76 -2.12 7.98
CA THR A 19 -1.23 -2.26 6.63
C THR A 19 -1.76 -0.94 6.10
N LYS A 20 -2.06 -0.90 4.82
CA LYS A 20 -2.66 0.28 4.21
C LYS A 20 -3.66 -0.15 3.16
N GLU A 21 -4.30 0.81 2.54
CA GLU A 21 -5.30 0.52 1.54
C GLU A 21 -4.93 1.19 0.22
N CYS A 22 -5.63 0.79 -0.83
CA CYS A 22 -5.42 1.36 -2.14
C CYS A 22 -5.85 2.82 -2.13
N PRO A 23 -5.03 3.70 -2.68
CA PRO A 23 -5.34 5.13 -2.75
C PRO A 23 -6.31 5.44 -3.88
N LYS A 24 -6.75 4.41 -4.57
CA LYS A 24 -7.64 4.55 -5.68
C LYS A 24 -9.05 4.05 -5.33
N CYS A 25 -9.14 2.79 -4.92
CA CYS A 25 -10.44 2.20 -4.61
C CYS A 25 -10.63 2.00 -3.12
N HIS A 26 -9.56 2.21 -2.37
CA HIS A 26 -9.55 2.05 -0.92
C HIS A 26 -9.90 0.64 -0.50
N VAL A 27 -9.02 -0.27 -0.83
CA VAL A 27 -9.17 -1.65 -0.45
C VAL A 27 -7.98 -2.05 0.40
N THR A 28 -8.22 -2.78 1.47
CA THR A 28 -7.14 -3.20 2.33
C THR A 28 -6.20 -4.12 1.60
N ILE A 29 -4.98 -3.67 1.43
CA ILE A 29 -3.98 -4.42 0.75
C ILE A 29 -2.95 -4.91 1.76
N GLU A 30 -1.82 -5.37 1.29
CA GLU A 30 -0.77 -5.82 2.18
C GLU A 30 0.57 -5.80 1.46
N LYS A 31 1.52 -5.09 2.04
CA LYS A 31 2.83 -4.92 1.43
C LYS A 31 3.59 -6.24 1.37
N ASP A 32 4.33 -6.42 0.29
CA ASP A 32 5.10 -7.63 0.10
C ASP A 32 6.36 -7.60 0.95
N GLY A 33 7.16 -6.56 0.78
CA GLY A 33 8.35 -6.42 1.56
C GLY A 33 9.38 -5.53 0.89
N GLY A 34 10.34 -6.15 0.24
CA GLY A 34 11.39 -5.42 -0.41
C GLY A 34 10.90 -4.59 -1.57
N SER A 35 10.22 -5.24 -2.50
CA SER A 35 9.71 -4.57 -3.68
C SER A 35 8.65 -3.51 -3.32
N ASN A 36 8.82 -2.33 -3.88
CA ASN A 36 7.91 -1.22 -3.62
C ASN A 36 6.76 -1.21 -4.60
N HIS A 37 6.93 -1.98 -5.68
CA HIS A 37 5.91 -2.10 -6.71
C HIS A 37 4.70 -2.84 -6.15
N MET A 38 3.86 -2.11 -5.47
CA MET A 38 2.67 -2.66 -4.87
C MET A 38 1.48 -2.61 -5.83
N VAL A 39 0.89 -3.76 -6.05
CA VAL A 39 -0.24 -3.89 -6.94
C VAL A 39 -1.52 -4.12 -6.13
N CYS A 40 -2.54 -3.34 -6.44
CA CYS A 40 -3.83 -3.44 -5.76
C CYS A 40 -4.37 -4.87 -5.82
N ARG A 41 -5.09 -5.24 -4.79
CA ARG A 41 -5.64 -6.58 -4.68
C ARG A 41 -7.01 -6.62 -5.30
N ASN A 42 -7.69 -5.48 -5.26
CA ASN A 42 -9.03 -5.36 -5.80
C ASN A 42 -9.04 -5.70 -7.28
N GLN A 43 -9.79 -6.74 -7.62
CA GLN A 43 -9.90 -7.21 -8.98
C GLN A 43 -10.66 -6.23 -9.87
N ASN A 44 -11.27 -5.25 -9.25
CA ASN A 44 -11.98 -4.21 -9.97
C ASN A 44 -11.09 -2.98 -10.11
N CYS A 45 -9.84 -3.13 -9.72
CA CYS A 45 -8.88 -2.04 -9.73
C CYS A 45 -7.57 -2.52 -10.31
N LYS A 46 -6.82 -3.27 -9.50
CA LYS A 46 -5.52 -3.82 -9.90
C LYS A 46 -4.54 -2.70 -10.26
N ALA A 47 -4.72 -1.54 -9.65
CA ALA A 47 -3.87 -0.41 -9.90
C ALA A 47 -2.50 -0.62 -9.30
N GLU A 48 -1.48 -0.33 -10.06
CA GLU A 48 -0.12 -0.47 -9.62
C GLU A 48 0.40 0.87 -9.14
N PHE A 49 0.73 0.93 -7.87
CA PHE A 49 1.17 2.18 -7.27
C PHE A 49 2.32 1.94 -6.31
N CYS A 50 2.98 3.02 -5.94
CA CYS A 50 4.05 2.94 -4.98
C CYS A 50 3.46 2.87 -3.60
N TRP A 51 3.64 1.76 -2.93
CA TRP A 51 3.13 1.59 -1.58
C TRP A 51 3.65 2.68 -0.64
N VAL A 52 4.92 3.04 -0.81
CA VAL A 52 5.58 3.99 0.09
C VAL A 52 4.80 5.30 0.20
N CYS A 53 4.72 6.01 -0.89
CA CYS A 53 4.05 7.30 -0.91
C CYS A 53 2.60 7.17 -1.32
N LEU A 54 2.22 5.96 -1.73
CA LEU A 54 0.87 5.68 -2.23
C LEU A 54 0.56 6.50 -3.47
N GLY A 55 1.61 6.86 -4.21
CA GLY A 55 1.45 7.64 -5.41
C GLY A 55 1.61 6.81 -6.66
N PRO A 56 1.78 7.46 -7.81
CA PRO A 56 1.96 6.76 -9.08
C PRO A 56 3.34 6.11 -9.18
N TRP A 57 3.38 4.86 -9.56
CA TRP A 57 4.63 4.13 -9.69
C TRP A 57 5.43 4.60 -10.90
N GLU A 58 4.71 5.04 -11.91
CA GLU A 58 5.30 5.44 -13.19
C GLU A 58 6.56 6.35 -13.05
N PRO A 59 6.49 7.49 -12.31
CA PRO A 59 7.65 8.40 -12.15
C PRO A 59 8.75 7.86 -11.21
N HIS A 60 8.60 6.64 -10.73
CA HIS A 60 9.57 6.04 -9.83
C HIS A 60 10.68 5.35 -10.60
N GLY A 61 11.67 6.13 -10.99
CA GLY A 61 12.80 5.59 -11.70
C GLY A 61 13.90 6.60 -11.82
N SER A 62 14.83 6.37 -12.73
CA SER A 62 15.92 7.30 -12.96
C SER A 62 15.42 8.54 -13.69
N ALA A 63 14.94 9.51 -12.94
CA ALA A 63 14.40 10.73 -13.49
C ALA A 63 14.38 11.84 -12.44
N TRP A 64 13.64 12.89 -12.72
CA TRP A 64 13.50 14.01 -11.81
C TRP A 64 12.86 13.58 -10.49
N TYR A 65 12.01 12.59 -10.57
CA TYR A 65 11.25 12.13 -9.43
C TYR A 65 12.02 11.09 -8.63
N ASN A 66 11.77 11.07 -7.33
CA ASN A 66 12.38 10.09 -6.44
C ASN A 66 11.44 9.80 -5.28
N CYS A 67 11.67 8.69 -4.60
CA CYS A 67 10.85 8.32 -3.47
C CYS A 67 11.73 7.94 -2.32
N ASN A 68 11.47 8.52 -1.17
CA ASN A 68 12.28 8.28 0.00
C ASN A 68 11.60 7.34 0.97
N ARG A 69 11.89 6.05 0.83
CA ARG A 69 11.36 5.04 1.73
C ARG A 69 12.32 4.84 2.89
N TYR A 70 13.54 4.48 2.56
CA TYR A 70 14.57 4.25 3.57
C TYR A 70 15.69 5.26 3.43
N ASN A 71 15.65 5.97 2.33
CA ASN A 71 16.64 6.99 2.04
C ASN A 71 16.21 8.33 2.61
N GLU A 72 17.05 8.89 3.45
CA GLU A 72 16.78 10.19 4.04
C GLU A 72 17.85 11.18 3.66
N ASP A 73 17.45 12.43 3.58
CA ASP A 73 18.38 13.51 3.28
C ASP A 73 18.63 14.32 4.54
N ASP A 74 17.64 14.30 5.43
CA ASP A 74 17.74 15.00 6.70
C ASP A 74 18.70 14.29 7.61
ZN ZN B . -7.26 -0.41 -5.91
ZN ZN C . 6.87 6.29 -3.76
N GLY A 1 -26.59 -14.40 23.53
CA GLY A 1 -26.71 -14.46 25.01
C GLY A 1 -27.62 -13.38 25.54
N SER A 2 -27.59 -13.17 26.85
CA SER A 2 -28.41 -12.17 27.48
C SER A 2 -27.89 -10.76 27.17
N LYS A 3 -26.60 -10.54 27.39
CA LYS A 3 -26.00 -9.24 27.15
C LYS A 3 -24.52 -9.33 26.80
N LYS A 4 -23.90 -10.48 27.08
CA LYS A 4 -22.49 -10.68 26.72
C LYS A 4 -22.38 -10.84 25.22
N CYS A 5 -21.79 -9.86 24.58
CA CYS A 5 -21.65 -9.88 23.14
C CYS A 5 -20.39 -10.60 22.69
N ASP A 6 -20.50 -11.34 21.62
CA ASP A 6 -19.38 -12.07 21.06
C ASP A 6 -18.90 -11.37 19.82
N ASP A 7 -17.99 -10.44 20.01
CA ASP A 7 -17.46 -9.65 18.91
C ASP A 7 -15.96 -9.88 18.78
N ASP A 8 -15.48 -9.98 17.54
CA ASP A 8 -14.05 -10.20 17.28
C ASP A 8 -13.24 -8.99 17.71
N SER A 9 -13.81 -7.80 17.49
CA SER A 9 -13.19 -6.53 17.85
C SER A 9 -11.89 -6.29 17.08
N GLU A 10 -11.83 -6.82 15.88
CA GLU A 10 -10.69 -6.63 15.00
C GLU A 10 -10.93 -5.43 14.12
N THR A 11 -11.29 -4.33 14.74
CA THR A 11 -11.59 -3.11 14.05
C THR A 11 -10.31 -2.38 13.60
N SER A 12 -9.61 -2.99 12.64
CA SER A 12 -8.37 -2.45 12.07
C SER A 12 -7.36 -2.06 13.13
N ASN A 13 -7.35 -2.83 14.20
CA ASN A 13 -6.46 -2.58 15.32
C ASN A 13 -5.00 -2.61 14.90
N TRP A 14 -4.67 -3.45 13.93
CA TRP A 14 -3.30 -3.57 13.47
C TRP A 14 -3.09 -2.81 12.17
N ILE A 15 -4.11 -2.82 11.32
CA ILE A 15 -4.06 -2.12 10.04
C ILE A 15 -3.76 -0.63 10.23
N ALA A 16 -4.15 -0.10 11.39
CA ALA A 16 -3.94 1.29 11.73
C ALA A 16 -2.50 1.76 11.49
N ALA A 17 -1.54 0.86 11.73
CA ALA A 17 -0.13 1.23 11.57
C ALA A 17 0.70 0.10 10.95
N ASN A 18 0.05 -0.90 10.39
CA ASN A 18 0.79 -2.02 9.80
C ASN A 18 0.34 -2.28 8.37
N THR A 19 -0.71 -1.62 7.97
CA THR A 19 -1.24 -1.83 6.63
C THR A 19 -1.85 -0.54 6.09
N LYS A 20 -2.12 -0.51 4.80
CA LYS A 20 -2.71 0.67 4.18
C LYS A 20 -3.72 0.26 3.12
N GLU A 21 -4.28 1.23 2.44
CA GLU A 21 -5.28 0.96 1.43
C GLU A 21 -4.86 1.51 0.09
N CYS A 22 -5.54 1.08 -0.95
CA CYS A 22 -5.29 1.55 -2.29
C CYS A 22 -5.72 3.00 -2.40
N PRO A 23 -4.86 3.86 -2.95
CA PRO A 23 -5.17 5.27 -3.10
C PRO A 23 -6.11 5.52 -4.28
N LYS A 24 -6.51 4.44 -4.93
CA LYS A 24 -7.38 4.53 -6.07
C LYS A 24 -8.79 4.04 -5.75
N CYS A 25 -8.91 2.83 -5.23
CA CYS A 25 -10.22 2.27 -4.92
C CYS A 25 -10.46 2.16 -3.42
N HIS A 26 -9.43 2.48 -2.64
CA HIS A 26 -9.48 2.44 -1.18
C HIS A 26 -9.82 1.04 -0.67
N VAL A 27 -9.03 0.08 -1.09
CA VAL A 27 -9.21 -1.28 -0.64
C VAL A 27 -8.08 -1.65 0.31
N THR A 28 -8.38 -2.40 1.35
CA THR A 28 -7.37 -2.80 2.28
C THR A 28 -6.41 -3.77 1.61
N ILE A 29 -5.18 -3.32 1.43
CA ILE A 29 -4.19 -4.13 0.79
C ILE A 29 -3.20 -4.63 1.82
N GLU A 30 -2.09 -5.15 1.37
CA GLU A 30 -1.06 -5.64 2.26
C GLU A 30 0.24 -5.76 1.50
N LYS A 31 1.29 -5.20 2.05
CA LYS A 31 2.59 -5.19 1.39
C LYS A 31 3.19 -6.59 1.30
N ASP A 32 3.85 -6.86 0.19
CA ASP A 32 4.46 -8.17 -0.06
C ASP A 32 5.89 -8.23 0.46
N GLY A 33 6.65 -7.20 0.17
CA GLY A 33 8.01 -7.16 0.60
C GLY A 33 8.69 -5.88 0.22
N GLY A 34 10.00 -5.89 0.16
CA GLY A 34 10.76 -4.68 -0.16
C GLY A 34 10.85 -4.41 -1.65
N SER A 35 9.88 -4.91 -2.40
CA SER A 35 9.84 -4.70 -3.84
C SER A 35 9.43 -3.28 -4.16
N ASN A 36 8.65 -2.67 -3.24
CA ASN A 36 8.13 -1.30 -3.37
C ASN A 36 6.97 -1.24 -4.36
N HIS A 37 7.10 -2.00 -5.44
CA HIS A 37 6.07 -2.09 -6.46
C HIS A 37 4.86 -2.84 -5.91
N MET A 38 3.94 -2.09 -5.35
CA MET A 38 2.73 -2.64 -4.78
C MET A 38 1.58 -2.63 -5.79
N VAL A 39 0.96 -3.78 -5.97
CA VAL A 39 -0.16 -3.90 -6.88
C VAL A 39 -1.42 -4.19 -6.07
N CYS A 40 -2.47 -3.44 -6.36
CA CYS A 40 -3.75 -3.56 -5.65
C CYS A 40 -4.26 -4.99 -5.64
N ARG A 41 -5.08 -5.28 -4.64
CA ARG A 41 -5.65 -6.62 -4.48
C ARG A 41 -7.03 -6.65 -5.08
N ASN A 42 -7.64 -5.47 -5.17
CA ASN A 42 -8.98 -5.34 -5.71
C ASN A 42 -9.03 -5.75 -7.16
N GLN A 43 -9.83 -6.76 -7.43
CA GLN A 43 -10.01 -7.30 -8.79
C GLN A 43 -10.67 -6.28 -9.72
N ASN A 44 -11.21 -5.23 -9.14
CA ASN A 44 -11.85 -4.16 -9.90
C ASN A 44 -10.89 -2.98 -10.01
N CYS A 45 -9.63 -3.23 -9.71
CA CYS A 45 -8.61 -2.19 -9.72
C CYS A 45 -7.30 -2.73 -10.25
N LYS A 46 -6.57 -3.45 -9.38
CA LYS A 46 -5.28 -4.04 -9.73
C LYS A 46 -4.27 -2.96 -10.13
N ALA A 47 -4.43 -1.77 -9.56
CA ALA A 47 -3.55 -0.66 -9.86
C ALA A 47 -2.14 -0.90 -9.35
N GLU A 48 -1.17 -0.45 -10.11
CA GLU A 48 0.23 -0.61 -9.74
C GLU A 48 0.78 0.72 -9.26
N PHE A 49 0.92 0.85 -7.96
CA PHE A 49 1.36 2.10 -7.37
C PHE A 49 2.51 1.87 -6.41
N CYS A 50 3.14 2.95 -6.00
CA CYS A 50 4.19 2.89 -5.03
C CYS A 50 3.58 2.86 -3.66
N TRP A 51 3.68 1.73 -3.00
CA TRP A 51 3.15 1.57 -1.66
C TRP A 51 3.66 2.65 -0.70
N VAL A 52 4.94 2.98 -0.84
CA VAL A 52 5.59 3.93 0.07
C VAL A 52 4.87 5.26 0.15
N CYS A 53 4.74 5.94 -0.98
CA CYS A 53 4.10 7.25 -1.00
C CYS A 53 2.65 7.14 -1.50
N LEU A 54 2.22 5.92 -1.78
CA LEU A 54 0.87 5.66 -2.30
C LEU A 54 0.61 6.48 -3.56
N GLY A 55 1.65 6.67 -4.36
CA GLY A 55 1.54 7.44 -5.56
C GLY A 55 1.80 6.61 -6.79
N PRO A 56 1.90 7.24 -7.97
CA PRO A 56 2.15 6.53 -9.22
C PRO A 56 3.54 5.89 -9.24
N TRP A 57 3.61 4.67 -9.71
CA TRP A 57 4.85 3.91 -9.75
C TRP A 57 5.76 4.40 -10.90
N GLU A 58 5.15 4.92 -11.96
CA GLU A 58 5.90 5.36 -13.15
C GLU A 58 7.10 6.31 -12.83
N PRO A 59 6.90 7.40 -12.06
CA PRO A 59 8.00 8.35 -11.73
C PRO A 59 8.99 7.79 -10.69
N HIS A 60 9.07 6.47 -10.55
CA HIS A 60 9.99 5.87 -9.58
C HIS A 60 11.20 5.25 -10.25
N GLY A 61 11.28 5.38 -11.56
CA GLY A 61 12.44 4.90 -12.27
C GLY A 61 13.54 5.95 -12.28
N SER A 62 13.87 6.44 -13.46
CA SER A 62 14.86 7.49 -13.59
C SER A 62 14.17 8.78 -13.99
N ALA A 63 13.77 9.55 -13.01
CA ALA A 63 13.07 10.80 -13.24
C ALA A 63 13.40 11.82 -12.16
N TRP A 64 12.72 12.95 -12.23
CA TRP A 64 12.88 14.05 -11.27
C TRP A 64 12.36 13.64 -9.89
N TYR A 65 11.42 12.73 -9.90
CA TYR A 65 10.74 12.29 -8.71
C TYR A 65 11.56 11.27 -7.96
N ASN A 66 11.84 11.55 -6.70
CA ASN A 66 12.60 10.63 -5.87
C ASN A 66 11.79 10.25 -4.64
N CYS A 67 11.61 8.96 -4.43
CA CYS A 67 10.85 8.47 -3.31
C CYS A 67 11.74 8.23 -2.11
N ASN A 68 11.23 8.54 -0.94
CA ASN A 68 11.97 8.37 0.30
C ASN A 68 11.83 6.95 0.82
N ARG A 69 11.71 6.00 -0.09
CA ARG A 69 11.55 4.60 0.27
C ARG A 69 12.80 4.02 0.92
N TYR A 70 13.92 4.67 0.68
CA TYR A 70 15.20 4.23 1.25
C TYR A 70 15.72 5.27 2.23
N ASN A 71 15.15 6.45 2.16
CA ASN A 71 15.56 7.56 3.00
C ASN A 71 14.51 7.85 4.05
N GLU A 72 14.81 7.55 5.29
CA GLU A 72 13.87 7.81 6.37
C GLU A 72 13.71 9.31 6.58
N ASP A 73 12.52 9.72 6.94
CA ASP A 73 12.23 11.12 7.15
C ASP A 73 12.51 11.51 8.58
N ASP A 74 12.29 10.59 9.49
CA ASP A 74 12.52 10.85 10.90
C ASP A 74 13.78 10.15 11.37
ZN ZN B . -7.07 -0.46 -5.93
ZN ZN C . 7.04 6.24 -3.77
N GLY A 1 -21.71 -5.12 34.22
CA GLY A 1 -20.79 -4.02 34.57
C GLY A 1 -19.60 -3.97 33.65
N SER A 2 -18.49 -3.48 34.15
CA SER A 2 -17.26 -3.38 33.36
C SER A 2 -16.73 -4.78 33.04
N LYS A 3 -16.27 -4.96 31.81
CA LYS A 3 -15.77 -6.22 31.35
C LYS A 3 -14.42 -6.06 30.67
N LYS A 4 -13.50 -6.91 31.03
CA LYS A 4 -12.19 -6.92 30.41
C LYS A 4 -12.01 -8.21 29.65
N CYS A 5 -11.97 -8.11 28.34
CA CYS A 5 -11.86 -9.27 27.49
C CYS A 5 -10.77 -9.07 26.44
N ASP A 6 -10.35 -10.17 25.81
CA ASP A 6 -9.37 -10.12 24.74
C ASP A 6 -10.07 -10.07 23.39
N ASP A 7 -11.39 -10.22 23.43
CA ASP A 7 -12.20 -10.18 22.22
C ASP A 7 -12.36 -8.74 21.73
N ASP A 8 -11.36 -8.27 21.00
CA ASP A 8 -11.38 -6.92 20.46
C ASP A 8 -12.25 -6.85 19.23
N SER A 9 -12.52 -5.65 18.79
CA SER A 9 -13.32 -5.43 17.60
C SER A 9 -12.47 -5.70 16.37
N GLU A 10 -11.14 -5.58 16.56
CA GLU A 10 -10.10 -5.83 15.53
C GLU A 10 -10.38 -5.12 14.21
N THR A 11 -11.12 -4.04 14.29
CA THR A 11 -11.51 -3.26 13.15
C THR A 11 -10.32 -2.48 12.59
N SER A 12 -9.46 -3.21 11.87
CA SER A 12 -8.26 -2.66 11.25
C SER A 12 -7.30 -2.08 12.28
N ASN A 13 -7.35 -2.62 13.48
CA ASN A 13 -6.52 -2.13 14.56
C ASN A 13 -5.05 -2.36 14.26
N TRP A 14 -4.77 -3.33 13.42
CA TRP A 14 -3.40 -3.65 13.06
C TRP A 14 -3.06 -2.99 11.73
N ILE A 15 -4.01 -3.03 10.82
CA ILE A 15 -3.87 -2.40 9.51
C ILE A 15 -3.53 -0.94 9.66
N ALA A 16 -4.07 -0.34 10.72
CA ALA A 16 -3.87 1.07 11.03
C ALA A 16 -2.39 1.47 11.03
N ALA A 17 -1.51 0.53 11.36
CA ALA A 17 -0.08 0.85 11.42
C ALA A 17 0.79 -0.27 10.88
N ASN A 18 0.20 -1.24 10.19
CA ASN A 18 0.97 -2.35 9.64
C ASN A 18 0.63 -2.58 8.18
N THR A 19 -0.37 -1.87 7.71
CA THR A 19 -0.81 -2.03 6.33
C THR A 19 -1.47 -0.74 5.85
N LYS A 20 -1.88 -0.70 4.59
CA LYS A 20 -2.57 0.45 4.03
C LYS A 20 -3.58 0.00 2.98
N GLU A 21 -4.27 0.93 2.40
CA GLU A 21 -5.27 0.63 1.40
C GLU A 21 -4.96 1.32 0.08
N CYS A 22 -5.69 0.95 -0.95
CA CYS A 22 -5.54 1.54 -2.26
C CYS A 22 -6.10 2.95 -2.28
N PRO A 23 -5.35 3.91 -2.81
CA PRO A 23 -5.78 5.29 -2.89
C PRO A 23 -6.81 5.51 -4.01
N LYS A 24 -7.27 4.42 -4.60
CA LYS A 24 -8.25 4.48 -5.65
C LYS A 24 -9.56 3.80 -5.23
N CYS A 25 -9.48 2.57 -4.76
CA CYS A 25 -10.69 1.84 -4.37
C CYS A 25 -10.75 1.61 -2.86
N HIS A 26 -9.68 2.01 -2.16
CA HIS A 26 -9.59 1.86 -0.70
C HIS A 26 -9.75 0.40 -0.30
N VAL A 27 -9.02 -0.45 -0.98
CA VAL A 27 -9.03 -1.86 -0.65
C VAL A 27 -7.82 -2.18 0.21
N THR A 28 -7.99 -3.03 1.19
CA THR A 28 -6.89 -3.40 2.05
C THR A 28 -5.84 -4.17 1.26
N ILE A 29 -4.70 -3.54 1.04
CA ILE A 29 -3.62 -4.16 0.32
C ILE A 29 -2.62 -4.67 1.33
N GLU A 30 -1.41 -4.96 0.89
CA GLU A 30 -0.39 -5.45 1.80
C GLU A 30 0.98 -5.34 1.15
N LYS A 31 1.88 -4.62 1.81
CA LYS A 31 3.20 -4.38 1.28
C LYS A 31 4.05 -5.64 1.32
N ASP A 32 4.87 -5.80 0.29
CA ASP A 32 5.77 -6.95 0.18
C ASP A 32 6.87 -6.87 1.22
N GLY A 33 7.62 -5.79 1.17
CA GLY A 33 8.69 -5.60 2.12
C GLY A 33 9.97 -5.20 1.42
N GLY A 34 10.34 -5.98 0.42
CA GLY A 34 11.52 -5.67 -0.35
C GLY A 34 11.17 -5.03 -1.66
N SER A 35 10.06 -5.46 -2.24
CA SER A 35 9.57 -4.88 -3.46
C SER A 35 8.71 -3.68 -3.17
N ASN A 36 8.99 -2.59 -3.83
CA ASN A 36 8.26 -1.35 -3.61
C ASN A 36 7.20 -1.16 -4.66
N HIS A 37 7.24 -1.99 -5.69
CA HIS A 37 6.25 -1.94 -6.74
C HIS A 37 4.94 -2.52 -6.23
N MET A 38 4.17 -1.70 -5.56
CA MET A 38 2.91 -2.11 -4.98
C MET A 38 1.77 -2.04 -6.00
N VAL A 39 1.15 -3.18 -6.23
CA VAL A 39 0.01 -3.28 -7.12
C VAL A 39 -1.23 -3.63 -6.32
N CYS A 40 -2.32 -2.91 -6.57
CA CYS A 40 -3.59 -3.14 -5.88
C CYS A 40 -4.02 -4.60 -6.01
N ARG A 41 -4.67 -5.10 -4.97
CA ARG A 41 -5.07 -6.50 -4.93
C ARG A 41 -6.45 -6.64 -5.50
N ASN A 42 -7.20 -5.55 -5.50
CA ASN A 42 -8.56 -5.55 -6.01
C ASN A 42 -8.58 -5.89 -7.49
N GLN A 43 -9.26 -6.97 -7.81
CA GLN A 43 -9.36 -7.47 -9.18
C GLN A 43 -10.16 -6.52 -10.06
N ASN A 44 -10.80 -5.55 -9.46
CA ASN A 44 -11.57 -4.56 -10.19
C ASN A 44 -10.80 -3.25 -10.23
N CYS A 45 -9.51 -3.33 -9.90
CA CYS A 45 -8.67 -2.16 -9.85
C CYS A 45 -7.28 -2.48 -10.38
N LYS A 46 -6.48 -3.16 -9.54
CA LYS A 46 -5.12 -3.54 -9.88
C LYS A 46 -4.25 -2.31 -10.17
N ALA A 47 -4.62 -1.19 -9.57
CA ALA A 47 -3.89 0.06 -9.75
C ALA A 47 -2.46 -0.07 -9.21
N GLU A 48 -1.51 0.37 -10.00
CA GLU A 48 -0.11 0.33 -9.60
C GLU A 48 0.30 1.69 -9.06
N PHE A 49 0.77 1.72 -7.82
CA PHE A 49 1.13 2.97 -7.19
C PHE A 49 2.29 2.81 -6.22
N CYS A 50 2.95 3.91 -5.93
CA CYS A 50 4.05 3.93 -4.98
C CYS A 50 3.49 3.86 -3.59
N TRP A 51 3.56 2.68 -2.99
CA TRP A 51 3.09 2.46 -1.62
C TRP A 51 3.64 3.52 -0.67
N VAL A 52 4.88 3.90 -0.90
CA VAL A 52 5.61 4.81 -0.02
C VAL A 52 4.89 6.14 0.15
N CYS A 53 4.29 6.65 -0.91
CA CYS A 53 3.58 7.93 -0.83
C CYS A 53 2.12 7.78 -1.28
N LEU A 54 1.78 6.58 -1.73
CA LEU A 54 0.45 6.28 -2.28
C LEU A 54 0.17 7.13 -3.51
N GLY A 55 1.21 7.43 -4.27
CA GLY A 55 1.07 8.23 -5.47
C GLY A 55 1.36 7.43 -6.73
N PRO A 56 1.38 8.08 -7.90
CA PRO A 56 1.62 7.42 -9.19
C PRO A 56 2.99 6.74 -9.25
N TRP A 57 3.00 5.45 -9.51
CA TRP A 57 4.24 4.67 -9.59
C TRP A 57 5.04 5.07 -10.84
N GLU A 58 4.33 5.63 -11.82
CA GLU A 58 4.91 6.02 -13.11
C GLU A 58 6.31 6.71 -13.00
N PRO A 59 6.44 7.85 -12.27
CA PRO A 59 7.75 8.55 -12.11
C PRO A 59 8.68 7.89 -11.07
N HIS A 60 8.21 6.87 -10.38
CA HIS A 60 9.00 6.24 -9.31
C HIS A 60 9.92 5.16 -9.84
N GLY A 61 9.69 4.72 -11.07
CA GLY A 61 10.47 3.64 -11.65
C GLY A 61 11.95 3.97 -11.79
N SER A 62 12.30 4.69 -12.83
CA SER A 62 13.68 5.02 -13.10
C SER A 62 13.86 6.52 -13.37
N ALA A 63 12.93 7.32 -12.89
CA ALA A 63 12.99 8.76 -13.09
C ALA A 63 13.77 9.45 -11.97
N TRP A 64 13.63 10.76 -11.90
CA TRP A 64 14.32 11.60 -10.91
C TRP A 64 13.65 11.49 -9.54
N TYR A 65 12.42 11.01 -9.55
CA TYR A 65 11.59 10.94 -8.36
C TYR A 65 12.25 10.06 -7.28
N ASN A 66 12.24 10.54 -6.04
CA ASN A 66 12.94 9.87 -4.94
C ASN A 66 12.00 9.13 -3.97
N CYS A 67 11.34 9.89 -3.10
CA CYS A 67 10.46 9.34 -2.02
C CYS A 67 11.26 8.60 -0.95
N ASN A 68 12.58 8.52 -1.13
CA ASN A 68 13.46 7.78 -0.22
C ASN A 68 13.02 6.33 -0.12
N ARG A 69 12.45 5.83 -1.20
CA ARG A 69 11.97 4.46 -1.24
C ARG A 69 13.12 3.50 -1.48
N TYR A 70 14.28 4.05 -1.74
CA TYR A 70 15.50 3.28 -1.95
C TYR A 70 16.64 3.87 -1.16
N ASN A 71 16.33 4.90 -0.41
CA ASN A 71 17.32 5.63 0.35
C ASN A 71 16.91 5.72 1.82
N GLU A 72 17.87 5.56 2.70
CA GLU A 72 17.62 5.69 4.13
C GLU A 72 17.69 7.15 4.53
N ASP A 73 16.91 7.54 5.53
CA ASP A 73 16.88 8.92 5.98
C ASP A 73 18.04 9.20 6.91
N ASP A 74 18.40 8.20 7.67
CA ASP A 74 19.47 8.31 8.64
C ASP A 74 20.60 7.34 8.31
ZN ZN B . -7.30 -0.40 -5.98
ZN ZN C . 6.38 7.70 -3.79
N GLY A 1 -27.09 -17.27 9.23
CA GLY A 1 -27.04 -17.39 7.76
C GLY A 1 -26.06 -16.42 7.13
N SER A 2 -25.10 -15.94 7.92
CA SER A 2 -24.10 -15.03 7.42
C SER A 2 -22.75 -15.37 8.02
N LYS A 3 -21.78 -15.63 7.17
CA LYS A 3 -20.44 -15.96 7.61
C LYS A 3 -19.72 -14.72 8.09
N LYS A 4 -19.98 -13.61 7.42
CA LYS A 4 -19.39 -12.35 7.79
C LYS A 4 -20.27 -11.65 8.82
N CYS A 5 -19.65 -10.93 9.73
CA CYS A 5 -20.38 -10.21 10.74
C CYS A 5 -20.80 -8.85 10.21
N ASP A 6 -21.92 -8.35 10.69
CA ASP A 6 -22.41 -7.06 10.25
C ASP A 6 -22.07 -6.00 11.26
N ASP A 7 -20.86 -5.51 11.17
CA ASP A 7 -20.39 -4.47 12.07
C ASP A 7 -19.95 -3.26 11.25
N ASP A 8 -19.11 -2.43 11.83
CA ASP A 8 -18.63 -1.24 11.16
C ASP A 8 -17.26 -1.52 10.51
N SER A 9 -16.59 -0.48 10.04
CA SER A 9 -15.29 -0.62 9.42
C SER A 9 -14.19 -0.25 10.43
N GLU A 10 -14.54 -0.30 11.71
CA GLU A 10 -13.61 0.02 12.80
C GLU A 10 -12.69 -1.16 13.11
N THR A 11 -12.71 -2.17 12.26
CA THR A 11 -11.87 -3.32 12.41
C THR A 11 -10.46 -3.05 11.87
N SER A 12 -10.18 -1.78 11.65
CA SER A 12 -8.90 -1.34 11.14
C SER A 12 -7.97 -0.92 12.26
N ASN A 13 -8.22 -1.45 13.44
CA ASN A 13 -7.44 -1.12 14.62
C ASN A 13 -5.98 -1.59 14.49
N TRP A 14 -5.75 -2.47 13.52
CA TRP A 14 -4.41 -2.98 13.28
C TRP A 14 -3.84 -2.37 12.01
N ILE A 15 -4.71 -2.17 11.03
CA ILE A 15 -4.33 -1.57 9.75
C ILE A 15 -3.71 -0.21 9.96
N ALA A 16 -4.17 0.47 11.01
CA ALA A 16 -3.70 1.81 11.36
C ALA A 16 -2.16 1.92 11.37
N ALA A 17 -1.48 0.84 11.75
CA ALA A 17 -0.02 0.88 11.82
C ALA A 17 0.62 -0.39 11.28
N ASN A 18 -0.15 -1.18 10.55
CA ASN A 18 0.39 -2.41 9.99
C ASN A 18 0.10 -2.52 8.53
N THR A 19 -0.77 -1.67 8.04
CA THR A 19 -1.19 -1.77 6.66
C THR A 19 -1.67 -0.44 6.11
N LYS A 20 -1.98 -0.45 4.82
CA LYS A 20 -2.53 0.71 4.16
C LYS A 20 -3.55 0.25 3.13
N GLU A 21 -4.14 1.18 2.44
CA GLU A 21 -5.14 0.85 1.44
C GLU A 21 -4.78 1.44 0.09
N CYS A 22 -5.49 0.99 -0.94
CA CYS A 22 -5.28 1.49 -2.28
C CYS A 22 -5.65 2.96 -2.35
N PRO A 23 -4.78 3.79 -2.91
CA PRO A 23 -5.03 5.21 -3.05
C PRO A 23 -5.99 5.52 -4.18
N LYS A 24 -6.51 4.46 -4.81
CA LYS A 24 -7.43 4.61 -5.91
C LYS A 24 -8.85 4.20 -5.49
N CYS A 25 -9.00 2.98 -4.99
CA CYS A 25 -10.32 2.50 -4.61
C CYS A 25 -10.47 2.39 -3.10
N HIS A 26 -9.38 2.57 -2.39
CA HIS A 26 -9.34 2.48 -0.93
C HIS A 26 -9.75 1.10 -0.45
N VAL A 27 -8.96 0.12 -0.84
CA VAL A 27 -9.18 -1.24 -0.42
C VAL A 27 -8.01 -1.69 0.45
N THR A 28 -8.30 -2.38 1.52
CA THR A 28 -7.27 -2.85 2.42
C THR A 28 -6.36 -3.84 1.72
N ILE A 29 -5.11 -3.48 1.61
CA ILE A 29 -4.12 -4.31 0.99
C ILE A 29 -3.14 -4.78 2.04
N GLU A 30 -2.00 -5.28 1.61
CA GLU A 30 -0.96 -5.68 2.51
C GLU A 30 0.34 -5.82 1.76
N LYS A 31 1.38 -5.22 2.30
CA LYS A 31 2.68 -5.24 1.66
C LYS A 31 3.45 -6.48 2.03
N ASP A 32 4.20 -6.99 1.08
CA ASP A 32 5.04 -8.15 1.30
C ASP A 32 6.50 -7.73 1.34
N GLY A 33 6.85 -6.80 0.47
CA GLY A 33 8.20 -6.30 0.40
C GLY A 33 8.70 -6.24 -1.02
N GLY A 34 9.71 -7.03 -1.31
CA GLY A 34 10.25 -7.10 -2.65
C GLY A 34 10.82 -5.79 -3.15
N SER A 35 10.52 -5.46 -4.40
CA SER A 35 11.04 -4.27 -5.04
C SER A 35 10.10 -3.06 -4.86
N ASN A 36 9.20 -3.15 -3.87
CA ASN A 36 8.27 -2.06 -3.52
C ASN A 36 7.09 -2.02 -4.48
N HIS A 37 7.15 -2.82 -5.52
CA HIS A 37 6.10 -2.90 -6.52
C HIS A 37 4.82 -3.49 -5.92
N MET A 38 4.01 -2.63 -5.35
CA MET A 38 2.75 -3.02 -4.75
C MET A 38 1.60 -2.96 -5.77
N VAL A 39 0.77 -3.99 -5.76
CA VAL A 39 -0.37 -4.07 -6.66
C VAL A 39 -1.66 -4.21 -5.85
N CYS A 40 -2.67 -3.44 -6.23
CA CYS A 40 -3.96 -3.47 -5.57
C CYS A 40 -4.52 -4.89 -5.56
N ARG A 41 -5.23 -5.22 -4.50
CA ARG A 41 -5.81 -6.54 -4.35
C ARG A 41 -7.15 -6.58 -5.04
N ASN A 42 -7.82 -5.45 -5.02
CA ASN A 42 -9.14 -5.34 -5.63
C ASN A 42 -9.08 -5.71 -7.10
N GLN A 43 -9.74 -6.79 -7.43
CA GLN A 43 -9.78 -7.32 -8.80
C GLN A 43 -10.51 -6.36 -9.75
N ASN A 44 -11.21 -5.41 -9.18
CA ASN A 44 -11.91 -4.40 -9.95
C ASN A 44 -11.06 -3.15 -10.06
N CYS A 45 -9.77 -3.28 -9.70
CA CYS A 45 -8.85 -2.17 -9.68
C CYS A 45 -7.50 -2.62 -10.19
N LYS A 46 -6.80 -3.38 -9.35
CA LYS A 46 -5.47 -3.91 -9.66
C LYS A 46 -4.49 -2.81 -10.04
N ALA A 47 -4.70 -1.63 -9.47
CA ALA A 47 -3.83 -0.49 -9.71
C ALA A 47 -2.46 -0.76 -9.14
N GLU A 48 -1.44 -0.51 -9.93
CA GLU A 48 -0.09 -0.70 -9.48
C GLU A 48 0.48 0.62 -9.02
N PHE A 49 0.75 0.72 -7.73
CA PHE A 49 1.24 1.94 -7.15
C PHE A 49 2.38 1.68 -6.21
N CYS A 50 3.15 2.70 -5.97
CA CYS A 50 4.26 2.59 -5.06
C CYS A 50 3.73 2.60 -3.65
N TRP A 51 3.83 1.49 -2.99
CA TRP A 51 3.38 1.38 -1.62
C TRP A 51 4.03 2.43 -0.71
N VAL A 52 5.30 2.75 -0.99
CA VAL A 52 6.06 3.67 -0.16
C VAL A 52 5.40 5.03 -0.04
N CYS A 53 5.23 5.69 -1.16
CA CYS A 53 4.64 7.03 -1.17
C CYS A 53 3.17 6.98 -1.55
N LEU A 54 2.66 5.77 -1.81
CA LEU A 54 1.28 5.57 -2.27
C LEU A 54 1.02 6.33 -3.58
N GLY A 55 2.09 6.59 -4.31
CA GLY A 55 1.97 7.31 -5.54
C GLY A 55 2.00 6.40 -6.74
N PRO A 56 2.05 6.95 -7.95
CA PRO A 56 2.07 6.17 -9.17
C PRO A 56 3.39 5.40 -9.32
N TRP A 57 3.30 4.14 -9.73
CA TRP A 57 4.49 3.33 -9.92
C TRP A 57 5.22 3.71 -11.21
N GLU A 58 4.48 4.31 -12.13
CA GLU A 58 5.01 4.72 -13.44
C GLU A 58 6.40 5.42 -13.34
N PRO A 59 6.55 6.50 -12.52
CA PRO A 59 7.84 7.20 -12.33
C PRO A 59 8.84 6.34 -11.52
N HIS A 60 9.59 6.99 -10.62
CA HIS A 60 10.60 6.33 -9.77
C HIS A 60 11.86 5.98 -10.57
N GLY A 61 12.90 6.75 -10.35
CA GLY A 61 14.15 6.52 -11.05
C GLY A 61 14.77 7.81 -11.51
N SER A 62 15.13 7.87 -12.78
CA SER A 62 15.71 9.06 -13.35
C SER A 62 14.63 10.06 -13.73
N ALA A 63 14.20 10.84 -12.76
CA ALA A 63 13.16 11.83 -12.95
C ALA A 63 13.06 12.72 -11.73
N TRP A 64 12.12 13.65 -11.75
CA TRP A 64 11.87 14.56 -10.64
C TRP A 64 11.30 13.82 -9.45
N TYR A 65 10.64 12.72 -9.74
CA TYR A 65 9.94 11.95 -8.75
C TYR A 65 10.88 11.07 -7.95
N ASN A 66 11.31 11.58 -6.80
CA ASN A 66 12.16 10.83 -5.89
C ASN A 66 11.29 10.13 -4.86
N CYS A 67 11.74 9.00 -4.36
CA CYS A 67 10.96 8.24 -3.40
C CYS A 67 11.82 7.86 -2.19
N ASN A 68 11.23 7.92 -1.02
CA ASN A 68 11.93 7.61 0.21
C ASN A 68 11.88 6.12 0.53
N ARG A 69 12.11 5.31 -0.49
CA ARG A 69 12.13 3.85 -0.33
C ARG A 69 13.25 3.45 0.62
N TYR A 70 14.46 3.76 0.21
CA TYR A 70 15.65 3.43 0.94
C TYR A 70 16.54 4.64 1.10
N ASN A 71 16.27 5.64 0.29
CA ASN A 71 17.04 6.87 0.29
C ASN A 71 16.27 7.98 0.97
N GLU A 72 16.81 8.50 2.04
CA GLU A 72 16.18 9.58 2.78
C GLU A 72 17.06 10.83 2.70
N ASP A 73 16.45 11.98 2.89
CA ASP A 73 17.17 13.25 2.82
C ASP A 73 17.70 13.64 4.19
N ASP A 74 17.01 13.17 5.20
CA ASP A 74 17.37 13.46 6.58
C ASP A 74 18.43 12.49 7.05
ZN ZN B . -7.34 -0.38 -5.86
ZN ZN C . 7.31 5.80 -4.17
N GLY A 1 5.73 -11.43 3.32
CA GLY A 1 4.77 -12.51 3.60
C GLY A 1 3.34 -12.05 3.42
N SER A 2 2.44 -12.65 4.18
CA SER A 2 1.05 -12.29 4.14
C SER A 2 0.34 -12.77 5.39
N LYS A 3 -0.28 -11.85 6.11
CA LYS A 3 -0.99 -12.23 7.32
C LYS A 3 -2.49 -12.00 7.14
N LYS A 4 -2.91 -11.81 5.90
CA LYS A 4 -4.31 -11.61 5.61
C LYS A 4 -5.08 -12.92 5.75
N CYS A 5 -5.77 -13.06 6.85
CA CYS A 5 -6.55 -14.27 7.13
C CYS A 5 -7.91 -14.18 6.45
N ASP A 6 -8.68 -15.26 6.58
CA ASP A 6 -10.01 -15.30 6.00
C ASP A 6 -10.93 -14.33 6.72
N ASP A 7 -10.91 -14.41 8.04
CA ASP A 7 -11.73 -13.53 8.85
C ASP A 7 -10.96 -12.35 9.37
N ASP A 8 -11.09 -11.25 8.67
CA ASP A 8 -10.47 -10.00 9.07
C ASP A 8 -11.27 -9.37 10.18
N SER A 9 -12.58 -9.55 10.11
CA SER A 9 -13.51 -9.05 11.12
C SER A 9 -13.45 -7.53 11.25
N GLU A 10 -13.08 -6.85 10.15
CA GLU A 10 -13.01 -5.37 10.04
C GLU A 10 -12.31 -4.70 11.24
N THR A 11 -11.47 -5.43 11.91
CA THR A 11 -10.75 -4.91 13.02
C THR A 11 -9.39 -4.42 12.59
N SER A 12 -9.33 -3.14 12.33
CA SER A 12 -8.11 -2.48 11.90
C SER A 12 -7.14 -2.27 13.06
N ASN A 13 -7.18 -3.18 14.02
CA ASN A 13 -6.35 -3.08 15.20
C ASN A 13 -4.87 -3.21 14.84
N TRP A 14 -4.61 -3.80 13.69
CA TRP A 14 -3.25 -3.97 13.22
C TRP A 14 -3.03 -3.17 11.93
N ILE A 15 -4.06 -3.13 11.11
CA ILE A 15 -4.04 -2.40 9.84
C ILE A 15 -3.75 -0.91 10.08
N ALA A 16 -4.07 -0.43 11.27
CA ALA A 16 -3.87 0.96 11.65
C ALA A 16 -2.44 1.45 11.38
N ALA A 17 -1.47 0.55 11.51
CA ALA A 17 -0.07 0.93 11.28
C ALA A 17 0.77 -0.21 10.71
N ASN A 18 0.13 -1.24 10.21
CA ASN A 18 0.87 -2.38 9.64
C ASN A 18 0.46 -2.65 8.22
N THR A 19 -0.58 -1.99 7.79
CA THR A 19 -1.11 -2.19 6.46
C THR A 19 -1.77 -0.92 5.96
N LYS A 20 -1.98 -0.80 4.66
CA LYS A 20 -2.64 0.36 4.10
C LYS A 20 -3.60 -0.08 3.01
N GLU A 21 -4.19 0.89 2.34
CA GLU A 21 -5.16 0.60 1.31
C GLU A 21 -4.76 1.26 0.01
N CYS A 22 -5.48 0.90 -1.04
CA CYS A 22 -5.27 1.48 -2.34
C CYS A 22 -5.75 2.93 -2.34
N PRO A 23 -4.97 3.83 -2.91
CA PRO A 23 -5.34 5.23 -3.00
C PRO A 23 -6.32 5.49 -4.14
N LYS A 24 -6.70 4.44 -4.84
CA LYS A 24 -7.60 4.54 -5.95
C LYS A 24 -8.99 4.02 -5.60
N CYS A 25 -9.05 2.78 -5.16
CA CYS A 25 -10.34 2.16 -4.84
C CYS A 25 -10.51 1.94 -3.34
N HIS A 26 -9.47 2.25 -2.58
CA HIS A 26 -9.46 2.11 -1.13
C HIS A 26 -9.72 0.68 -0.70
N VAL A 27 -8.92 -0.23 -1.21
CA VAL A 27 -9.02 -1.62 -0.84
C VAL A 27 -7.82 -2.00 0.02
N THR A 28 -8.05 -2.76 1.06
CA THR A 28 -6.98 -3.17 1.96
C THR A 28 -5.96 -4.04 1.22
N ILE A 29 -4.75 -3.54 1.13
CA ILE A 29 -3.68 -4.27 0.47
C ILE A 29 -2.70 -4.77 1.51
N GLU A 30 -1.52 -5.16 1.10
CA GLU A 30 -0.51 -5.65 2.02
C GLU A 30 0.85 -5.59 1.35
N LYS A 31 1.79 -4.95 2.02
CA LYS A 31 3.12 -4.72 1.46
C LYS A 31 4.04 -5.94 1.60
N ASP A 32 4.87 -6.12 0.59
CA ASP A 32 5.88 -7.18 0.56
C ASP A 32 7.00 -6.85 1.54
N GLY A 33 7.60 -5.68 1.37
CA GLY A 33 8.64 -5.25 2.26
C GLY A 33 9.85 -4.71 1.52
N GLY A 34 10.18 -5.33 0.40
CA GLY A 34 11.34 -4.91 -0.36
C GLY A 34 11.04 -3.83 -1.38
N SER A 35 10.65 -4.25 -2.57
CA SER A 35 10.35 -3.34 -3.67
C SER A 35 9.21 -2.38 -3.34
N ASN A 36 9.22 -1.20 -3.95
CA ASN A 36 8.19 -0.19 -3.73
C ASN A 36 7.03 -0.45 -4.64
N HIS A 37 7.27 -1.22 -5.69
CA HIS A 37 6.26 -1.57 -6.67
C HIS A 37 5.11 -2.33 -5.99
N MET A 38 4.16 -1.58 -5.52
CA MET A 38 2.98 -2.13 -4.89
C MET A 38 1.80 -2.10 -5.85
N VAL A 39 1.20 -3.26 -6.06
CA VAL A 39 0.07 -3.37 -6.96
C VAL A 39 -1.19 -3.72 -6.19
N CYS A 40 -2.27 -3.04 -6.54
CA CYS A 40 -3.57 -3.25 -5.91
C CYS A 40 -4.01 -4.70 -6.03
N ARG A 41 -4.90 -5.11 -5.15
CA ARG A 41 -5.39 -6.48 -5.13
C ARG A 41 -6.74 -6.53 -5.80
N ASN A 42 -7.42 -5.39 -5.80
CA ASN A 42 -8.73 -5.27 -6.38
C ASN A 42 -8.67 -5.52 -7.87
N GLN A 43 -9.41 -6.52 -8.31
CA GLN A 43 -9.46 -6.89 -9.73
C GLN A 43 -10.22 -5.86 -10.55
N ASN A 44 -10.85 -4.93 -9.87
CA ASN A 44 -11.55 -3.83 -10.53
C ASN A 44 -10.66 -2.59 -10.51
N CYS A 45 -9.39 -2.81 -10.19
CA CYS A 45 -8.43 -1.75 -10.08
C CYS A 45 -7.10 -2.17 -10.66
N LYS A 46 -6.35 -2.95 -9.86
CA LYS A 46 -5.02 -3.45 -10.25
C LYS A 46 -4.06 -2.29 -10.46
N ALA A 47 -4.32 -1.18 -9.79
CA ALA A 47 -3.48 0.00 -9.91
C ALA A 47 -2.10 -0.26 -9.32
N GLU A 48 -1.08 0.14 -10.05
CA GLU A 48 0.28 0.01 -9.59
C GLU A 48 0.75 1.34 -9.05
N PHE A 49 1.05 1.38 -7.77
CA PHE A 49 1.42 2.63 -7.13
C PHE A 49 2.57 2.45 -6.15
N CYS A 50 3.10 3.58 -5.70
CA CYS A 50 4.16 3.59 -4.74
C CYS A 50 3.56 3.49 -3.35
N TRP A 51 3.71 2.35 -2.74
CA TRP A 51 3.17 2.10 -1.41
C TRP A 51 3.55 3.20 -0.41
N VAL A 52 4.79 3.65 -0.46
CA VAL A 52 5.30 4.63 0.51
C VAL A 52 4.45 5.89 0.57
N CYS A 53 4.39 6.61 -0.54
CA CYS A 53 3.63 7.85 -0.57
C CYS A 53 2.21 7.61 -1.04
N LEU A 54 1.93 6.37 -1.45
CA LEU A 54 0.63 5.99 -2.02
C LEU A 54 0.34 6.80 -3.27
N GLY A 55 1.40 7.20 -3.95
CA GLY A 55 1.25 7.94 -5.17
C GLY A 55 1.45 7.05 -6.38
N PRO A 56 1.40 7.61 -7.58
CA PRO A 56 1.56 6.84 -8.81
C PRO A 56 2.95 6.21 -8.91
N TRP A 57 3.01 4.95 -9.31
CA TRP A 57 4.29 4.28 -9.51
C TRP A 57 5.01 4.83 -10.73
N GLU A 58 4.26 5.43 -11.63
CA GLU A 58 4.78 5.99 -12.87
C GLU A 58 6.09 6.80 -12.69
N PRO A 59 6.11 7.87 -11.83
CA PRO A 59 7.33 8.68 -11.60
C PRO A 59 8.36 7.95 -10.72
N HIS A 60 7.98 6.82 -10.17
CA HIS A 60 8.88 6.06 -9.30
C HIS A 60 9.59 4.96 -10.08
N GLY A 61 8.96 4.50 -11.15
CA GLY A 61 9.51 3.44 -11.95
C GLY A 61 10.67 3.90 -12.81
N SER A 62 11.89 3.80 -12.25
CA SER A 62 13.12 4.14 -12.95
C SER A 62 13.07 5.58 -13.49
N ALA A 63 12.85 6.54 -12.60
CA ALA A 63 12.75 7.92 -13.02
C ALA A 63 13.56 8.84 -12.12
N TRP A 64 13.44 10.13 -12.38
CA TRP A 64 14.16 11.16 -11.63
C TRP A 64 13.52 11.39 -10.27
N TYR A 65 12.25 11.03 -10.18
CA TYR A 65 11.47 11.28 -8.99
C TYR A 65 11.86 10.38 -7.84
N ASN A 66 12.31 10.99 -6.76
CA ASN A 66 12.68 10.25 -5.56
C ASN A 66 11.53 10.26 -4.58
N CYS A 67 11.46 9.26 -3.74
CA CYS A 67 10.40 9.16 -2.77
C CYS A 67 10.98 9.18 -1.37
N ASN A 68 10.12 9.27 -0.40
CA ASN A 68 10.52 9.28 1.01
C ASN A 68 10.50 7.86 1.54
N ARG A 69 11.06 6.94 0.74
CA ARG A 69 11.11 5.52 1.04
C ARG A 69 11.61 5.30 2.46
N TYR A 70 12.72 5.91 2.80
CA TYR A 70 13.28 5.81 4.13
C TYR A 70 13.75 7.15 4.65
N ASN A 71 13.98 8.08 3.74
CA ASN A 71 14.46 9.41 4.11
C ASN A 71 13.52 10.50 3.61
N GLU A 72 13.06 11.33 4.54
CA GLU A 72 12.21 12.47 4.21
C GLU A 72 13.05 13.72 3.99
N ASP A 73 12.39 14.82 3.67
CA ASP A 73 13.06 16.08 3.45
C ASP A 73 13.43 16.72 4.78
N ASP A 74 12.55 16.55 5.74
CA ASP A 74 12.78 17.06 7.08
C ASP A 74 13.33 15.94 7.95
ZN ZN B . -7.06 -0.32 -6.11
ZN ZN C . 6.57 7.20 -3.47
N GLY A 1 3.86 -18.06 -0.01
CA GLY A 1 3.63 -19.45 0.41
C GLY A 1 2.71 -19.53 1.60
N SER A 2 3.11 -20.27 2.61
CA SER A 2 2.31 -20.42 3.81
C SER A 2 2.48 -19.21 4.73
N LYS A 3 1.49 -18.35 4.74
CA LYS A 3 1.50 -17.16 5.56
C LYS A 3 0.10 -16.85 6.04
N LYS A 4 -0.11 -16.93 7.33
CA LYS A 4 -1.41 -16.63 7.90
C LYS A 4 -1.48 -15.18 8.30
N CYS A 5 -2.35 -14.43 7.67
CA CYS A 5 -2.54 -13.04 7.99
C CYS A 5 -3.44 -12.90 9.19
N ASP A 6 -3.41 -11.72 9.80
CA ASP A 6 -4.23 -11.46 10.95
C ASP A 6 -5.64 -11.10 10.52
N ASP A 7 -6.42 -12.14 10.27
CA ASP A 7 -7.83 -11.99 9.93
C ASP A 7 -8.53 -11.01 10.87
N ASP A 8 -9.06 -9.94 10.31
CA ASP A 8 -9.66 -8.87 11.09
C ASP A 8 -11.14 -8.74 10.77
N SER A 9 -11.90 -8.27 11.75
CA SER A 9 -13.35 -8.11 11.60
C SER A 9 -13.72 -6.69 11.16
N GLU A 10 -13.05 -6.18 10.12
CA GLU A 10 -13.32 -4.85 9.56
C GLU A 10 -13.07 -3.73 10.58
N THR A 11 -12.27 -4.04 11.58
CA THR A 11 -11.92 -3.10 12.62
C THR A 11 -10.54 -2.51 12.36
N SER A 12 -9.68 -3.30 11.71
CA SER A 12 -8.32 -2.90 11.39
C SER A 12 -7.53 -2.64 12.66
N ASN A 13 -7.48 -3.63 13.54
CA ASN A 13 -6.77 -3.47 14.81
C ASN A 13 -5.27 -3.34 14.58
N TRP A 14 -4.78 -3.97 13.53
CA TRP A 14 -3.38 -3.92 13.19
C TRP A 14 -3.18 -3.14 11.90
N ILE A 15 -4.15 -3.27 11.00
CA ILE A 15 -4.13 -2.59 9.71
C ILE A 15 -4.04 -1.06 9.89
N ALA A 16 -4.42 -0.59 11.06
CA ALA A 16 -4.37 0.84 11.38
C ALA A 16 -2.97 1.41 11.15
N ALA A 17 -1.94 0.60 11.35
CA ALA A 17 -0.56 1.06 11.16
C ALA A 17 0.37 -0.06 10.66
N ASN A 18 -0.21 -1.19 10.28
CA ASN A 18 0.60 -2.30 9.77
C ASN A 18 0.35 -2.51 8.29
N THR A 19 -0.70 -1.92 7.80
CA THR A 19 -1.10 -2.07 6.43
C THR A 19 -1.78 -0.81 5.94
N LYS A 20 -2.00 -0.72 4.65
CA LYS A 20 -2.70 0.40 4.09
C LYS A 20 -3.65 -0.06 3.00
N GLU A 21 -4.36 0.86 2.41
CA GLU A 21 -5.33 0.53 1.39
C GLU A 21 -5.04 1.28 0.12
N CYS A 22 -5.66 0.84 -0.96
CA CYS A 22 -5.52 1.49 -2.24
C CYS A 22 -6.09 2.90 -2.16
N PRO A 23 -5.35 3.90 -2.63
CA PRO A 23 -5.82 5.26 -2.64
C PRO A 23 -6.78 5.52 -3.79
N LYS A 24 -7.05 4.48 -4.56
CA LYS A 24 -7.91 4.57 -5.68
C LYS A 24 -9.27 3.93 -5.40
N CYS A 25 -9.27 2.66 -5.05
CA CYS A 25 -10.51 1.95 -4.80
C CYS A 25 -10.72 1.66 -3.32
N HIS A 26 -9.69 1.92 -2.52
CA HIS A 26 -9.73 1.70 -1.09
C HIS A 26 -9.91 0.22 -0.76
N VAL A 27 -8.90 -0.56 -1.07
CA VAL A 27 -8.92 -1.97 -0.77
C VAL A 27 -7.69 -2.32 0.07
N THR A 28 -7.89 -3.11 1.10
CA THR A 28 -6.80 -3.49 1.98
C THR A 28 -5.74 -4.29 1.23
N ILE A 29 -4.55 -3.70 1.13
CA ILE A 29 -3.45 -4.35 0.45
C ILE A 29 -2.47 -4.86 1.50
N GLU A 30 -1.23 -5.12 1.09
CA GLU A 30 -0.21 -5.58 2.03
C GLU A 30 1.15 -5.45 1.36
N LYS A 31 2.06 -4.75 2.04
CA LYS A 31 3.38 -4.45 1.50
C LYS A 31 4.32 -5.65 1.60
N ASP A 32 5.16 -5.80 0.59
CA ASP A 32 6.13 -6.88 0.54
C ASP A 32 7.33 -6.57 1.44
N GLY A 33 7.97 -5.45 1.17
CA GLY A 33 9.12 -5.06 1.96
C GLY A 33 10.35 -4.89 1.10
N GLY A 34 10.57 -5.85 0.22
CA GLY A 34 11.72 -5.79 -0.67
C GLY A 34 11.44 -4.93 -1.86
N SER A 35 10.27 -5.09 -2.44
CA SER A 35 9.86 -4.30 -3.57
C SER A 35 9.12 -3.06 -3.13
N ASN A 36 9.32 -1.98 -3.86
CA ASN A 36 8.65 -0.73 -3.56
C ASN A 36 7.46 -0.58 -4.48
N HIS A 37 7.47 -1.38 -5.54
CA HIS A 37 6.42 -1.37 -6.55
C HIS A 37 5.16 -2.05 -6.01
N MET A 38 4.37 -1.29 -5.31
CA MET A 38 3.13 -1.78 -4.75
C MET A 38 1.98 -1.69 -5.75
N VAL A 39 1.33 -2.81 -6.00
CA VAL A 39 0.21 -2.86 -6.90
C VAL A 39 -1.04 -3.27 -6.15
N CYS A 40 -2.17 -2.66 -6.49
CA CYS A 40 -3.44 -2.96 -5.88
C CYS A 40 -3.79 -4.44 -6.02
N ARG A 41 -4.55 -4.95 -5.08
CA ARG A 41 -4.94 -6.36 -5.09
C ARG A 41 -6.29 -6.51 -5.73
N ASN A 42 -7.05 -5.43 -5.71
CA ASN A 42 -8.39 -5.43 -6.29
C ASN A 42 -8.32 -5.70 -7.78
N GLN A 43 -8.93 -6.80 -8.18
CA GLN A 43 -8.95 -7.21 -9.59
C GLN A 43 -9.78 -6.25 -10.45
N ASN A 44 -10.46 -5.34 -9.80
CA ASN A 44 -11.24 -4.32 -10.50
C ASN A 44 -10.49 -3.01 -10.48
N CYS A 45 -9.22 -3.07 -10.13
CA CYS A 45 -8.38 -1.91 -10.03
C CYS A 45 -6.99 -2.21 -10.57
N LYS A 46 -6.20 -2.93 -9.75
CA LYS A 46 -4.84 -3.32 -10.11
C LYS A 46 -3.95 -2.10 -10.35
N ALA A 47 -4.30 -0.99 -9.72
CA ALA A 47 -3.55 0.24 -9.86
C ALA A 47 -2.18 0.13 -9.23
N GLU A 48 -1.19 0.60 -9.94
CA GLU A 48 0.17 0.58 -9.45
C GLU A 48 0.47 1.93 -8.81
N PHE A 49 0.79 1.91 -7.53
CA PHE A 49 1.06 3.14 -6.83
C PHE A 49 2.21 2.99 -5.86
N CYS A 50 2.89 4.09 -5.63
CA CYS A 50 3.99 4.11 -4.69
C CYS A 50 3.45 3.98 -3.30
N TRP A 51 3.69 2.85 -2.67
CA TRP A 51 3.24 2.63 -1.30
C TRP A 51 3.77 3.72 -0.37
N VAL A 52 4.97 4.22 -0.68
CA VAL A 52 5.64 5.21 0.15
C VAL A 52 4.82 6.49 0.30
N CYS A 53 4.49 7.12 -0.81
CA CYS A 53 3.74 8.36 -0.78
C CYS A 53 2.28 8.14 -1.11
N LEU A 54 1.95 6.90 -1.46
CA LEU A 54 0.58 6.53 -1.89
C LEU A 54 0.19 7.31 -3.15
N GLY A 55 1.19 7.78 -3.89
CA GLY A 55 0.95 8.53 -5.09
C GLY A 55 1.12 7.67 -6.33
N PRO A 56 1.20 8.29 -7.51
CA PRO A 56 1.35 7.56 -8.78
C PRO A 56 2.72 6.91 -8.91
N TRP A 57 2.73 5.63 -9.25
CA TRP A 57 3.98 4.91 -9.41
C TRP A 57 4.64 5.24 -10.75
N GLU A 58 3.84 5.73 -11.69
CA GLU A 58 4.31 6.07 -13.02
C GLU A 58 5.67 6.83 -13.00
N PRO A 59 5.76 8.00 -12.27
CA PRO A 59 7.02 8.77 -12.18
C PRO A 59 8.09 8.06 -11.34
N HIS A 60 7.69 7.09 -10.54
CA HIS A 60 8.62 6.35 -9.68
C HIS A 60 9.30 5.22 -10.43
N GLY A 61 8.64 4.74 -11.48
CA GLY A 61 9.14 3.61 -12.24
C GLY A 61 10.46 3.88 -12.95
N SER A 62 11.56 3.59 -12.27
CA SER A 62 12.90 3.71 -12.83
C SER A 62 13.19 5.12 -13.37
N ALA A 63 12.67 6.13 -12.70
CA ALA A 63 12.86 7.50 -13.12
C ALA A 63 13.61 8.31 -12.08
N TRP A 64 13.77 9.61 -12.33
CA TRP A 64 14.48 10.55 -11.45
C TRP A 64 13.87 10.57 -10.05
N TYR A 65 12.58 10.28 -9.98
CA TYR A 65 11.83 10.32 -8.75
C TYR A 65 12.38 9.29 -7.76
N ASN A 66 12.90 9.76 -6.64
CA ASN A 66 13.49 8.86 -5.64
C ASN A 66 12.55 8.66 -4.45
N CYS A 67 11.75 9.68 -4.17
CA CYS A 67 10.73 9.64 -3.09
C CYS A 67 11.35 9.31 -1.72
N ASN A 68 12.69 9.45 -1.61
CA ASN A 68 13.46 9.13 -0.40
C ASN A 68 13.03 7.77 0.20
N ARG A 69 12.61 6.86 -0.68
CA ARG A 69 12.11 5.55 -0.27
C ARG A 69 13.24 4.66 0.25
N TYR A 70 14.47 5.08 0.01
CA TYR A 70 15.63 4.33 0.47
C TYR A 70 16.52 5.21 1.34
N ASN A 71 16.23 6.49 1.33
CA ASN A 71 17.02 7.46 2.08
C ASN A 71 16.22 8.04 3.23
N GLU A 72 16.75 7.93 4.43
CA GLU A 72 16.10 8.48 5.60
C GLU A 72 16.30 9.98 5.65
N ASP A 73 15.41 10.67 6.31
CA ASP A 73 15.46 12.13 6.38
C ASP A 73 16.57 12.56 7.31
N ASP A 74 16.84 11.74 8.30
CA ASP A 74 17.83 12.03 9.29
C ASP A 74 18.77 10.85 9.45
ZN ZN B . -7.15 -0.31 -6.07
ZN ZN C . 6.50 7.74 -3.62
N GLY A 1 -6.05 -15.40 14.67
CA GLY A 1 -7.29 -15.90 15.30
C GLY A 1 -8.48 -15.01 15.02
N SER A 2 -8.96 -15.04 13.79
CA SER A 2 -10.09 -14.23 13.40
C SER A 2 -11.40 -14.94 13.74
N LYS A 3 -11.76 -14.90 15.02
CA LYS A 3 -12.98 -15.54 15.50
C LYS A 3 -14.13 -14.55 15.57
N LYS A 4 -13.83 -13.31 15.21
CA LYS A 4 -14.80 -12.23 15.25
C LYS A 4 -14.72 -11.42 13.96
N CYS A 5 -15.64 -10.48 13.80
CA CYS A 5 -15.65 -9.64 12.62
C CYS A 5 -14.50 -8.64 12.66
N ASP A 6 -14.01 -8.29 11.50
CA ASP A 6 -12.90 -7.36 11.37
C ASP A 6 -13.14 -6.51 10.14
N ASP A 7 -14.39 -6.12 9.96
CA ASP A 7 -14.81 -5.37 8.79
C ASP A 7 -15.30 -3.98 9.16
N ASP A 8 -14.81 -3.46 10.27
CA ASP A 8 -15.22 -2.14 10.74
C ASP A 8 -13.99 -1.26 10.95
N SER A 9 -14.21 0.03 11.12
CA SER A 9 -13.12 0.96 11.35
C SER A 9 -12.50 0.71 12.73
N GLU A 10 -13.31 0.16 13.63
CA GLU A 10 -12.86 -0.16 14.97
C GLU A 10 -11.89 -1.32 14.97
N THR A 11 -12.07 -2.22 14.01
CA THR A 11 -11.23 -3.39 13.91
C THR A 11 -9.99 -3.11 13.07
N SER A 12 -9.88 -1.91 12.52
CA SER A 12 -8.73 -1.51 11.73
C SER A 12 -7.57 -1.10 12.63
N ASN A 13 -7.58 -1.63 13.85
CA ASN A 13 -6.56 -1.33 14.83
C ASN A 13 -5.20 -1.87 14.39
N TRP A 14 -5.20 -2.79 13.46
CA TRP A 14 -3.96 -3.35 12.98
C TRP A 14 -3.53 -2.69 11.69
N ILE A 15 -4.51 -2.32 10.88
CA ILE A 15 -4.26 -1.64 9.62
C ILE A 15 -3.69 -0.24 9.89
N ALA A 16 -3.97 0.28 11.07
CA ALA A 16 -3.55 1.61 11.48
C ALA A 16 -2.04 1.85 11.26
N ALA A 17 -1.24 0.80 11.41
CA ALA A 17 0.20 0.95 11.23
C ALA A 17 0.85 -0.33 10.71
N ASN A 18 0.05 -1.30 10.28
CA ASN A 18 0.60 -2.55 9.76
C ASN A 18 0.24 -2.73 8.31
N THR A 19 -0.67 -1.92 7.84
CA THR A 19 -1.14 -2.02 6.49
C THR A 19 -1.63 -0.69 5.98
N LYS A 20 -1.97 -0.64 4.70
CA LYS A 20 -2.54 0.55 4.09
C LYS A 20 -3.56 0.15 3.05
N GLU A 21 -4.15 1.12 2.40
CA GLU A 21 -5.18 0.84 1.41
C GLU A 21 -4.80 1.41 0.05
N CYS A 22 -5.55 1.01 -0.96
CA CYS A 22 -5.35 1.48 -2.31
C CYS A 22 -5.78 2.94 -2.42
N PRO A 23 -4.91 3.80 -2.96
CA PRO A 23 -5.21 5.21 -3.13
C PRO A 23 -6.13 5.46 -4.34
N LYS A 24 -6.63 4.37 -4.91
CA LYS A 24 -7.51 4.47 -6.05
C LYS A 24 -8.93 4.04 -5.67
N CYS A 25 -9.07 2.84 -5.11
CA CYS A 25 -10.39 2.32 -4.75
C CYS A 25 -10.56 2.20 -3.24
N HIS A 26 -9.48 2.42 -2.51
CA HIS A 26 -9.47 2.31 -1.05
C HIS A 26 -9.85 0.92 -0.59
N VAL A 27 -9.04 -0.04 -0.97
CA VAL A 27 -9.21 -1.40 -0.54
C VAL A 27 -8.02 -1.79 0.32
N THR A 28 -8.27 -2.51 1.38
CA THR A 28 -7.20 -2.93 2.26
C THR A 28 -6.26 -3.89 1.54
N ILE A 29 -5.03 -3.45 1.37
CA ILE A 29 -4.03 -4.25 0.68
C ILE A 29 -3.06 -4.78 1.72
N GLU A 30 -1.91 -5.26 1.28
CA GLU A 30 -0.88 -5.74 2.19
C GLU A 30 0.44 -5.79 1.48
N LYS A 31 1.44 -5.14 2.06
CA LYS A 31 2.76 -5.03 1.45
C LYS A 31 3.41 -6.40 1.24
N ASP A 32 4.13 -6.50 0.13
CA ASP A 32 4.79 -7.74 -0.26
C ASP A 32 6.05 -7.95 0.56
N GLY A 33 6.93 -6.97 0.52
CA GLY A 33 8.16 -7.05 1.26
C GLY A 33 9.14 -6.00 0.80
N GLY A 34 10.30 -6.43 0.36
CA GLY A 34 11.31 -5.49 -0.08
C GLY A 34 10.92 -4.80 -1.37
N SER A 35 10.12 -5.46 -2.18
CA SER A 35 9.66 -4.89 -3.43
C SER A 35 8.67 -3.77 -3.18
N ASN A 36 8.87 -2.67 -3.84
CA ASN A 36 8.06 -1.49 -3.63
C ASN A 36 6.89 -1.47 -4.60
N HIS A 37 7.01 -2.25 -5.66
CA HIS A 37 5.97 -2.34 -6.67
C HIS A 37 4.76 -3.08 -6.10
N MET A 38 3.93 -2.33 -5.42
CA MET A 38 2.74 -2.85 -4.78
C MET A 38 1.53 -2.80 -5.74
N VAL A 39 0.86 -3.93 -5.87
CA VAL A 39 -0.31 -4.04 -6.74
C VAL A 39 -1.57 -4.25 -5.92
N CYS A 40 -2.61 -3.49 -6.24
CA CYS A 40 -3.90 -3.56 -5.56
C CYS A 40 -4.45 -4.98 -5.57
N ARG A 41 -5.24 -5.31 -4.55
CA ARG A 41 -5.80 -6.65 -4.43
C ARG A 41 -7.18 -6.69 -5.04
N ASN A 42 -7.82 -5.53 -5.11
CA ASN A 42 -9.15 -5.44 -5.68
C ASN A 42 -9.13 -5.85 -7.15
N GLN A 43 -9.88 -6.90 -7.44
CA GLN A 43 -9.97 -7.44 -8.80
C GLN A 43 -10.66 -6.47 -9.75
N ASN A 44 -11.25 -5.43 -9.21
CA ASN A 44 -11.89 -4.40 -10.01
C ASN A 44 -10.95 -3.22 -10.14
N CYS A 45 -9.70 -3.41 -9.75
CA CYS A 45 -8.73 -2.35 -9.74
C CYS A 45 -7.38 -2.86 -10.22
N LYS A 46 -6.68 -3.57 -9.33
CA LYS A 46 -5.36 -4.10 -9.63
C LYS A 46 -4.38 -2.99 -10.02
N ALA A 47 -4.57 -1.82 -9.41
CA ALA A 47 -3.73 -0.66 -9.66
C ALA A 47 -2.30 -0.91 -9.20
N GLU A 48 -1.36 -0.37 -9.94
CA GLU A 48 0.03 -0.52 -9.59
C GLU A 48 0.58 0.81 -9.10
N PHE A 49 0.86 0.87 -7.82
CA PHE A 49 1.32 2.09 -7.21
C PHE A 49 2.48 1.86 -6.27
N CYS A 50 3.17 2.93 -5.95
CA CYS A 50 4.28 2.88 -5.05
C CYS A 50 3.77 2.87 -3.62
N TRP A 51 3.87 1.74 -2.96
CA TRP A 51 3.42 1.62 -1.58
C TRP A 51 4.12 2.65 -0.68
N VAL A 52 5.36 2.98 -1.00
CA VAL A 52 6.17 3.88 -0.20
C VAL A 52 5.48 5.23 0.03
N CYS A 53 5.00 5.83 -1.03
CA CYS A 53 4.35 7.12 -0.93
C CYS A 53 2.86 7.04 -1.30
N LEU A 54 2.43 5.84 -1.67
CA LEU A 54 1.07 5.60 -2.14
C LEU A 54 0.75 6.44 -3.37
N GLY A 55 1.76 6.65 -4.19
CA GLY A 55 1.60 7.43 -5.39
C GLY A 55 1.75 6.58 -6.64
N PRO A 56 1.72 7.21 -7.82
CA PRO A 56 1.85 6.50 -9.09
C PRO A 56 3.25 5.91 -9.26
N TRP A 57 3.31 4.68 -9.73
CA TRP A 57 4.59 3.98 -9.89
C TRP A 57 5.38 4.50 -11.09
N GLU A 58 4.69 5.11 -12.04
CA GLU A 58 5.33 5.61 -13.27
C GLU A 58 6.51 6.60 -13.00
N PRO A 59 6.30 7.70 -12.20
CA PRO A 59 7.40 8.66 -11.89
C PRO A 59 8.56 8.02 -11.11
N HIS A 60 8.37 6.79 -10.66
CA HIS A 60 9.38 6.10 -9.89
C HIS A 60 10.35 5.36 -10.79
N GLY A 61 11.25 6.10 -11.38
CA GLY A 61 12.25 5.53 -12.24
C GLY A 61 13.38 6.49 -12.46
N SER A 62 13.82 6.62 -13.69
CA SER A 62 14.88 7.55 -14.00
C SER A 62 14.30 8.95 -14.15
N ALA A 63 14.03 9.60 -13.02
CA ALA A 63 13.43 10.91 -13.03
C ALA A 63 13.87 11.74 -11.84
N TRP A 64 13.31 12.93 -11.75
CA TRP A 64 13.62 13.85 -10.67
C TRP A 64 12.93 13.42 -9.38
N TYR A 65 11.81 12.72 -9.54
CA TYR A 65 10.98 12.35 -8.42
C TYR A 65 11.68 11.37 -7.49
N ASN A 66 12.17 11.89 -6.39
CA ASN A 66 12.85 11.08 -5.40
C ASN A 66 11.84 10.39 -4.50
N CYS A 67 12.14 9.17 -4.14
CA CYS A 67 11.30 8.40 -3.27
C CYS A 67 12.16 7.53 -2.40
N ASN A 68 11.67 7.25 -1.20
CA ASN A 68 12.42 6.47 -0.22
C ASN A 68 12.56 5.02 -0.64
N ARG A 69 12.02 4.71 -1.79
CA ARG A 69 12.09 3.37 -2.30
C ARG A 69 13.44 3.11 -2.98
N TYR A 70 14.11 4.18 -3.40
CA TYR A 70 15.42 4.03 -4.01
C TYR A 70 16.39 5.09 -3.52
N ASN A 71 15.91 6.31 -3.32
CA ASN A 71 16.77 7.41 -2.93
C ASN A 71 16.19 8.13 -1.73
N GLU A 72 16.76 7.87 -0.57
CA GLU A 72 16.30 8.51 0.65
C GLU A 72 16.93 9.89 0.81
N ASP A 73 16.67 10.54 1.94
CA ASP A 73 17.15 11.90 2.15
C ASP A 73 18.62 11.90 2.55
N ASP A 74 19.05 10.84 3.20
CA ASP A 74 20.43 10.71 3.60
C ASP A 74 21.21 9.96 2.55
ZN ZN B . -7.32 -0.48 -5.93
ZN ZN C . 7.09 6.31 -3.92
N GLY A 1 -26.76 -17.27 7.81
CA GLY A 1 -26.56 -16.96 9.24
C GLY A 1 -25.10 -16.94 9.62
N SER A 2 -24.79 -16.23 10.71
CA SER A 2 -23.41 -16.10 11.20
C SER A 2 -22.49 -15.45 10.17
N LYS A 3 -23.09 -14.70 9.23
CA LYS A 3 -22.31 -14.04 8.21
C LYS A 3 -22.00 -12.60 8.60
N LYS A 4 -22.52 -12.22 9.76
CA LYS A 4 -22.29 -10.89 10.28
C LYS A 4 -20.82 -10.67 10.60
N CYS A 5 -20.31 -9.57 10.14
CA CYS A 5 -18.96 -9.19 10.43
C CYS A 5 -18.98 -7.97 11.33
N ASP A 6 -17.84 -7.54 11.80
CA ASP A 6 -17.79 -6.37 12.64
C ASP A 6 -18.17 -5.14 11.84
N ASP A 7 -17.40 -4.87 10.79
CA ASP A 7 -17.65 -3.74 9.88
C ASP A 7 -17.44 -2.37 10.55
N ASP A 8 -17.35 -2.37 11.87
CA ASP A 8 -17.14 -1.15 12.64
C ASP A 8 -15.80 -0.53 12.30
N SER A 9 -15.62 0.70 12.70
CA SER A 9 -14.37 1.40 12.47
C SER A 9 -13.28 0.88 13.42
N GLU A 10 -13.65 -0.05 14.27
CA GLU A 10 -12.72 -0.66 15.21
C GLU A 10 -12.02 -1.84 14.57
N THR A 11 -12.37 -2.12 13.33
CA THR A 11 -11.83 -3.26 12.61
C THR A 11 -10.35 -3.08 12.28
N SER A 12 -9.87 -1.85 12.32
CA SER A 12 -8.47 -1.58 12.05
C SER A 12 -7.64 -1.84 13.29
N ASN A 13 -7.76 -3.04 13.81
CA ASN A 13 -7.05 -3.44 15.00
C ASN A 13 -5.54 -3.47 14.76
N TRP A 14 -5.16 -3.99 13.60
CA TRP A 14 -3.76 -4.09 13.24
C TRP A 14 -3.47 -3.34 11.96
N ILE A 15 -4.47 -3.24 11.09
CA ILE A 15 -4.32 -2.55 9.82
C ILE A 15 -4.02 -1.06 10.04
N ALA A 16 -4.36 -0.57 11.22
CA ALA A 16 -4.15 0.84 11.58
C ALA A 16 -2.72 1.30 11.29
N ALA A 17 -1.75 0.43 11.54
CA ALA A 17 -0.35 0.79 11.31
C ALA A 17 0.46 -0.32 10.67
N ASN A 18 -0.19 -1.44 10.35
CA ASN A 18 0.52 -2.58 9.77
C ASN A 18 0.19 -2.73 8.30
N THR A 19 -0.81 -2.02 7.86
CA THR A 19 -1.25 -2.11 6.49
C THR A 19 -1.86 -0.79 6.03
N LYS A 20 -2.11 -0.68 4.73
CA LYS A 20 -2.76 0.50 4.18
C LYS A 20 -3.71 0.07 3.08
N GLU A 21 -4.37 1.03 2.48
CA GLU A 21 -5.32 0.73 1.44
C GLU A 21 -4.98 1.47 0.17
N CYS A 22 -5.52 0.99 -0.94
CA CYS A 22 -5.30 1.58 -2.24
C CYS A 22 -5.79 3.02 -2.26
N PRO A 23 -4.96 3.94 -2.77
CA PRO A 23 -5.34 5.34 -2.87
C PRO A 23 -6.32 5.60 -4.00
N LYS A 24 -6.72 4.55 -4.69
CA LYS A 24 -7.66 4.65 -5.78
C LYS A 24 -9.02 4.05 -5.41
N CYS A 25 -9.02 2.79 -5.00
CA CYS A 25 -10.27 2.10 -4.69
C CYS A 25 -10.42 1.86 -3.19
N HIS A 26 -9.39 2.19 -2.43
CA HIS A 26 -9.39 2.04 -0.98
C HIS A 26 -9.59 0.59 -0.57
N VAL A 27 -8.84 -0.30 -1.18
CA VAL A 27 -8.91 -1.70 -0.86
C VAL A 27 -7.74 -2.06 0.05
N THR A 28 -8.01 -2.88 1.03
CA THR A 28 -6.97 -3.30 1.94
C THR A 28 -5.93 -4.15 1.22
N ILE A 29 -4.76 -3.57 1.06
CA ILE A 29 -3.68 -4.24 0.39
C ILE A 29 -2.72 -4.79 1.43
N GLU A 30 -1.51 -5.09 1.02
CA GLU A 30 -0.50 -5.57 1.94
C GLU A 30 0.86 -5.48 1.29
N LYS A 31 1.79 -4.86 1.99
CA LYS A 31 3.12 -4.65 1.47
C LYS A 31 3.92 -5.94 1.41
N ASP A 32 4.75 -6.06 0.38
CA ASP A 32 5.62 -7.22 0.19
C ASP A 32 6.79 -7.14 1.14
N GLY A 33 7.29 -5.94 1.34
CA GLY A 33 8.39 -5.73 2.22
C GLY A 33 9.54 -5.05 1.51
N GLY A 34 10.32 -5.84 0.81
CA GLY A 34 11.45 -5.31 0.09
C GLY A 34 11.05 -4.65 -1.21
N SER A 35 10.16 -5.30 -1.96
CA SER A 35 9.71 -4.77 -3.23
C SER A 35 8.89 -3.50 -3.03
N ASN A 36 9.27 -2.45 -3.72
CA ASN A 36 8.59 -1.18 -3.62
C ASN A 36 7.46 -1.05 -4.61
N HIS A 37 7.51 -1.90 -5.63
CA HIS A 37 6.48 -1.92 -6.67
C HIS A 37 5.20 -2.52 -6.11
N MET A 38 4.46 -1.71 -5.39
CA MET A 38 3.22 -2.13 -4.78
C MET A 38 2.07 -2.03 -5.78
N VAL A 39 1.39 -3.15 -5.98
CA VAL A 39 0.28 -3.22 -6.89
C VAL A 39 -0.98 -3.57 -6.14
N CYS A 40 -2.07 -2.88 -6.48
CA CYS A 40 -3.37 -3.12 -5.86
C CYS A 40 -3.79 -4.58 -6.04
N ARG A 41 -4.59 -5.04 -5.10
CA ARG A 41 -5.05 -6.43 -5.13
C ARG A 41 -6.40 -6.50 -5.81
N ASN A 42 -7.11 -5.39 -5.78
CA ASN A 42 -8.43 -5.31 -6.34
C ASN A 42 -8.41 -5.53 -7.85
N GLN A 43 -9.12 -6.56 -8.28
CA GLN A 43 -9.21 -6.91 -9.70
C GLN A 43 -10.02 -5.87 -10.48
N ASN A 44 -10.65 -4.99 -9.76
CA ASN A 44 -11.42 -3.90 -10.36
C ASN A 44 -10.58 -2.64 -10.35
N CYS A 45 -9.30 -2.80 -10.07
CA CYS A 45 -8.38 -1.67 -9.96
C CYS A 45 -7.03 -2.01 -10.55
N LYS A 46 -6.23 -2.76 -9.79
CA LYS A 46 -4.88 -3.18 -10.18
C LYS A 46 -3.97 -1.97 -10.38
N ALA A 47 -4.23 -0.92 -9.62
CA ALA A 47 -3.43 0.30 -9.68
C ALA A 47 -2.03 0.04 -9.16
N GLU A 48 -1.04 0.52 -9.88
CA GLU A 48 0.34 0.38 -9.47
C GLU A 48 0.80 1.68 -8.84
N PHE A 49 1.08 1.64 -7.56
CA PHE A 49 1.44 2.84 -6.84
C PHE A 49 2.57 2.62 -5.86
N CYS A 50 3.24 3.70 -5.53
CA CYS A 50 4.31 3.67 -4.58
C CYS A 50 3.74 3.63 -3.19
N TRP A 51 3.92 2.51 -2.53
CA TRP A 51 3.41 2.33 -1.17
C TRP A 51 3.91 3.41 -0.22
N VAL A 52 5.16 3.84 -0.43
CA VAL A 52 5.82 4.81 0.43
C VAL A 52 5.02 6.11 0.57
N CYS A 53 4.78 6.76 -0.56
CA CYS A 53 4.06 8.02 -0.56
C CYS A 53 2.62 7.83 -1.03
N LEU A 54 2.27 6.59 -1.32
CA LEU A 54 0.94 6.22 -1.84
C LEU A 54 0.62 6.97 -3.13
N GLY A 55 1.66 7.37 -3.85
CA GLY A 55 1.47 8.04 -5.11
C GLY A 55 1.60 7.09 -6.26
N PRO A 56 1.53 7.58 -7.49
CA PRO A 56 1.63 6.73 -8.67
C PRO A 56 3.04 6.12 -8.81
N TRP A 57 3.10 4.83 -9.11
CA TRP A 57 4.39 4.15 -9.26
C TRP A 57 5.10 4.56 -10.56
N GLU A 58 4.34 5.03 -11.52
CA GLU A 58 4.87 5.42 -12.83
C GLU A 58 6.12 6.35 -12.72
N PRO A 59 6.04 7.50 -11.99
CA PRO A 59 7.19 8.40 -11.80
C PRO A 59 8.29 7.79 -10.91
N HIS A 60 8.00 6.66 -10.31
CA HIS A 60 8.96 5.98 -9.43
C HIS A 60 9.75 4.92 -10.18
N GLY A 61 9.12 4.35 -11.19
CA GLY A 61 9.77 3.33 -11.99
C GLY A 61 10.75 3.93 -12.97
N SER A 62 12.00 4.09 -12.52
CA SER A 62 13.09 4.65 -13.33
C SER A 62 12.70 6.01 -13.94
N ALA A 63 12.86 7.07 -13.16
CA ALA A 63 12.52 8.40 -13.61
C ALA A 63 13.26 9.47 -12.83
N TRP A 64 12.90 10.72 -13.08
CA TRP A 64 13.50 11.87 -12.42
C TRP A 64 12.94 12.05 -11.02
N TYR A 65 11.76 11.51 -10.80
CA TYR A 65 11.05 11.69 -9.56
C TYR A 65 11.70 10.92 -8.42
N ASN A 66 12.09 11.65 -7.40
CA ASN A 66 12.75 11.09 -6.24
C ASN A 66 11.73 10.72 -5.16
N CYS A 67 12.03 9.67 -4.41
CA CYS A 67 11.20 9.23 -3.30
C CYS A 67 12.08 8.57 -2.26
N ASN A 68 11.85 8.89 -1.00
CA ASN A 68 12.65 8.33 0.08
C ASN A 68 12.03 7.05 0.63
N ARG A 69 12.58 5.92 0.22
CA ARG A 69 12.08 4.63 0.68
C ARG A 69 13.11 3.95 1.56
N TYR A 70 14.36 4.01 1.15
CA TYR A 70 15.43 3.33 1.85
C TYR A 70 16.59 4.28 2.17
N ASN A 71 16.73 5.31 1.37
CA ASN A 71 17.80 6.27 1.55
C ASN A 71 17.25 7.59 2.04
N GLU A 72 17.76 8.04 3.18
CA GLU A 72 17.32 9.31 3.76
C GLU A 72 17.58 10.47 2.81
N ASP A 73 16.52 11.20 2.52
CA ASP A 73 16.58 12.30 1.56
C ASP A 73 16.70 13.62 2.29
N ASP A 74 16.39 13.58 3.56
CA ASP A 74 16.46 14.75 4.40
C ASP A 74 17.56 14.57 5.42
ZN ZN B . -6.91 -0.28 -6.01
ZN ZN C . 7.04 7.15 -3.51
N GLY A 1 -6.47 -17.64 1.28
CA GLY A 1 -7.08 -16.57 0.47
C GLY A 1 -6.66 -15.21 0.94
N SER A 2 -7.62 -14.43 1.40
CA SER A 2 -7.35 -13.11 1.91
C SER A 2 -6.97 -13.18 3.39
N LYS A 3 -6.54 -12.08 3.95
CA LYS A 3 -6.16 -12.06 5.36
C LYS A 3 -7.38 -12.28 6.23
N LYS A 4 -8.40 -11.46 6.04
CA LYS A 4 -9.65 -11.57 6.78
C LYS A 4 -10.81 -11.04 5.96
N CYS A 5 -12.00 -11.16 6.50
CA CYS A 5 -13.19 -10.70 5.83
C CYS A 5 -13.35 -9.20 6.01
N ASP A 6 -13.67 -8.51 4.93
CA ASP A 6 -13.83 -7.06 4.98
C ASP A 6 -15.24 -6.72 5.44
N ASP A 7 -15.47 -6.89 6.73
CA ASP A 7 -16.77 -6.60 7.31
C ASP A 7 -16.72 -5.37 8.19
N ASP A 8 -16.26 -5.56 9.42
CA ASP A 8 -16.17 -4.46 10.37
C ASP A 8 -14.77 -3.84 10.31
N SER A 9 -14.62 -2.70 10.93
CA SER A 9 -13.36 -1.99 10.90
C SER A 9 -12.54 -2.22 12.18
N GLU A 10 -13.09 -3.02 13.10
CA GLU A 10 -12.39 -3.31 14.36
C GLU A 10 -11.08 -4.05 14.12
N THR A 11 -10.95 -4.62 12.93
CA THR A 11 -9.77 -5.35 12.55
C THR A 11 -8.60 -4.40 12.23
N SER A 12 -8.87 -3.10 12.28
CA SER A 12 -7.85 -2.11 11.98
C SER A 12 -6.96 -1.85 13.17
N ASN A 13 -7.09 -2.66 14.19
CA ASN A 13 -6.28 -2.52 15.39
C ASN A 13 -4.81 -2.73 15.06
N TRP A 14 -4.55 -3.35 13.92
CA TRP A 14 -3.19 -3.58 13.48
C TRP A 14 -2.96 -2.93 12.12
N ILE A 15 -4.01 -2.88 11.31
CA ILE A 15 -3.95 -2.26 9.98
C ILE A 15 -3.49 -0.82 10.09
N ALA A 16 -3.84 -0.17 11.19
CA ALA A 16 -3.50 1.22 11.43
C ALA A 16 -2.00 1.51 11.25
N ALA A 17 -1.16 0.53 11.54
CA ALA A 17 0.28 0.72 11.42
C ALA A 17 0.98 -0.47 10.78
N ASN A 18 0.21 -1.39 10.22
CA ASN A 18 0.81 -2.57 9.60
C ASN A 18 0.28 -2.77 8.20
N THR A 19 -0.67 -1.94 7.79
CA THR A 19 -1.26 -2.08 6.47
C THR A 19 -1.84 -0.75 6.00
N LYS A 20 -2.20 -0.67 4.72
CA LYS A 20 -2.82 0.52 4.16
C LYS A 20 -3.79 0.13 3.06
N GLU A 21 -4.35 1.12 2.39
CA GLU A 21 -5.31 0.85 1.34
C GLU A 21 -4.85 1.44 0.02
N CYS A 22 -5.60 1.13 -1.02
CA CYS A 22 -5.33 1.64 -2.35
C CYS A 22 -5.78 3.10 -2.44
N PRO A 23 -4.92 3.98 -2.92
CA PRO A 23 -5.24 5.39 -3.08
C PRO A 23 -6.11 5.64 -4.30
N LYS A 24 -6.51 4.58 -4.97
CA LYS A 24 -7.32 4.67 -6.15
C LYS A 24 -8.75 4.17 -5.93
N CYS A 25 -8.89 2.97 -5.38
CA CYS A 25 -10.21 2.41 -5.14
C CYS A 25 -10.52 2.28 -3.65
N HIS A 26 -9.51 2.52 -2.83
CA HIS A 26 -9.60 2.42 -1.37
C HIS A 26 -9.98 1.02 -0.95
N VAL A 27 -9.06 0.11 -1.14
CA VAL A 27 -9.24 -1.26 -0.74
C VAL A 27 -8.09 -1.66 0.16
N THR A 28 -8.39 -2.37 1.23
CA THR A 28 -7.37 -2.80 2.14
C THR A 28 -6.43 -3.79 1.47
N ILE A 29 -5.20 -3.36 1.26
CA ILE A 29 -4.19 -4.16 0.62
C ILE A 29 -3.27 -4.73 1.67
N GLU A 30 -2.10 -5.19 1.26
CA GLU A 30 -1.13 -5.72 2.19
C GLU A 30 0.25 -5.69 1.56
N LYS A 31 1.19 -5.04 2.22
CA LYS A 31 2.54 -4.93 1.72
C LYS A 31 3.30 -6.23 1.92
N ASP A 32 4.13 -6.55 0.95
CA ASP A 32 4.94 -7.76 1.04
C ASP A 32 6.40 -7.39 1.15
N GLY A 33 6.78 -6.33 0.47
CA GLY A 33 8.14 -5.88 0.48
C GLY A 33 8.66 -5.64 -0.91
N GLY A 34 9.69 -6.38 -1.27
CA GLY A 34 10.29 -6.26 -2.59
C GLY A 34 10.88 -4.88 -2.84
N SER A 35 10.71 -4.40 -4.04
CA SER A 35 11.23 -3.09 -4.44
C SER A 35 10.22 -1.99 -4.12
N ASN A 36 9.24 -2.32 -3.26
CA ASN A 36 8.17 -1.39 -2.87
C ASN A 36 7.13 -1.29 -3.94
N HIS A 37 7.28 -2.14 -4.96
CA HIS A 37 6.34 -2.21 -6.05
C HIS A 37 5.06 -2.88 -5.57
N MET A 38 4.18 -2.08 -5.05
CA MET A 38 2.91 -2.54 -4.54
C MET A 38 1.82 -2.47 -5.62
N VAL A 39 1.01 -3.50 -5.69
CA VAL A 39 -0.09 -3.55 -6.62
C VAL A 39 -1.39 -3.92 -5.91
N CYS A 40 -2.44 -3.20 -6.25
CA CYS A 40 -3.76 -3.36 -5.66
C CYS A 40 -4.23 -4.81 -5.67
N ARG A 41 -5.08 -5.14 -4.72
CA ARG A 41 -5.63 -6.49 -4.62
C ARG A 41 -6.97 -6.53 -5.31
N ASN A 42 -7.63 -5.37 -5.33
CA ASN A 42 -8.94 -5.24 -5.93
C ASN A 42 -8.91 -5.62 -7.40
N GLN A 43 -9.68 -6.63 -7.74
CA GLN A 43 -9.77 -7.12 -9.12
C GLN A 43 -10.46 -6.12 -10.02
N ASN A 44 -11.00 -5.09 -9.44
CA ASN A 44 -11.64 -4.00 -10.17
C ASN A 44 -10.70 -2.82 -10.24
N CYS A 45 -9.43 -3.07 -9.95
CA CYS A 45 -8.43 -2.04 -9.92
C CYS A 45 -7.10 -2.58 -10.44
N LYS A 46 -6.42 -3.35 -9.59
CA LYS A 46 -5.12 -3.95 -9.93
C LYS A 46 -4.09 -2.86 -10.27
N ALA A 47 -4.28 -1.69 -9.69
CA ALA A 47 -3.38 -0.58 -9.92
C ALA A 47 -2.06 -0.76 -9.20
N GLU A 48 -0.97 -0.57 -9.92
CA GLU A 48 0.34 -0.65 -9.34
C GLU A 48 0.77 0.74 -8.88
N PHE A 49 0.96 0.90 -7.60
CA PHE A 49 1.30 2.19 -7.05
C PHE A 49 2.43 2.09 -6.03
N CYS A 50 3.06 3.22 -5.78
CA CYS A 50 4.12 3.30 -4.81
C CYS A 50 3.52 3.22 -3.42
N TRP A 51 3.70 2.11 -2.76
CA TRP A 51 3.19 1.94 -1.41
C TRP A 51 3.74 3.00 -0.47
N VAL A 52 4.98 3.42 -0.73
CA VAL A 52 5.68 4.38 0.12
C VAL A 52 4.88 5.65 0.33
N CYS A 53 4.54 6.32 -0.75
CA CYS A 53 3.82 7.57 -0.68
C CYS A 53 2.37 7.42 -1.14
N LEU A 54 2.03 6.19 -1.53
CA LEU A 54 0.69 5.88 -2.06
C LEU A 54 0.38 6.77 -3.27
N GLY A 55 1.17 6.60 -4.32
CA GLY A 55 0.98 7.37 -5.52
C GLY A 55 1.31 6.55 -6.75
N PRO A 56 1.31 7.17 -7.93
CA PRO A 56 1.58 6.48 -9.20
C PRO A 56 2.99 5.91 -9.25
N TRP A 57 3.10 4.61 -9.47
CA TRP A 57 4.39 3.93 -9.56
C TRP A 57 5.11 4.30 -10.86
N GLU A 58 4.37 4.80 -11.84
CA GLU A 58 4.94 5.14 -13.15
C GLU A 58 6.22 6.01 -13.05
N PRO A 59 6.16 7.20 -12.38
CA PRO A 59 7.35 8.06 -12.23
C PRO A 59 8.33 7.55 -11.17
N HIS A 60 7.99 6.45 -10.52
CA HIS A 60 8.82 5.91 -9.47
C HIS A 60 9.89 4.99 -10.01
N GLY A 61 11.01 5.58 -10.31
CA GLY A 61 12.15 4.84 -10.79
C GLY A 61 13.34 5.75 -10.84
N SER A 62 14.28 5.44 -11.69
CA SER A 62 15.44 6.28 -11.87
C SER A 62 15.06 7.45 -12.77
N ALA A 63 14.29 8.38 -12.21
CA ALA A 63 13.79 9.51 -12.94
C ALA A 63 13.83 10.77 -12.10
N TRP A 64 13.19 11.81 -12.61
CA TRP A 64 13.12 13.10 -11.92
C TRP A 64 12.37 12.97 -10.59
N TYR A 65 11.46 12.03 -10.54
CA TYR A 65 10.61 11.86 -9.39
C TYR A 65 11.35 11.13 -8.27
N ASN A 66 11.71 11.89 -7.25
CA ASN A 66 12.41 11.34 -6.11
C ASN A 66 11.42 10.97 -5.02
N CYS A 67 11.50 9.76 -4.54
CA CYS A 67 10.63 9.31 -3.49
C CYS A 67 11.45 8.94 -2.27
N ASN A 68 10.80 8.93 -1.13
CA ASN A 68 11.47 8.62 0.13
C ASN A 68 11.34 7.13 0.44
N ARG A 69 11.32 6.32 -0.62
CA ARG A 69 11.17 4.87 -0.52
C ARG A 69 12.16 4.23 0.49
N TYR A 70 13.37 4.76 0.58
CA TYR A 70 14.33 4.26 1.54
C TYR A 70 14.94 5.38 2.36
N ASN A 71 14.72 6.59 1.93
CA ASN A 71 15.22 7.77 2.63
C ASN A 71 14.22 8.21 3.69
N GLU A 72 14.56 7.95 4.94
CA GLU A 72 13.72 8.35 6.04
C GLU A 72 13.97 9.81 6.38
N ASP A 73 12.95 10.48 6.89
CA ASP A 73 13.08 11.89 7.25
C ASP A 73 13.68 12.02 8.64
N ASP A 74 13.68 10.92 9.39
CA ASP A 74 14.23 10.91 10.73
C ASP A 74 15.68 11.38 10.73
ZN ZN B . -7.02 -0.28 -6.07
ZN ZN C . 6.63 6.96 -3.66
N GLY A 1 -6.85 -21.82 23.15
CA GLY A 1 -7.45 -20.54 23.57
C GLY A 1 -8.38 -19.99 22.52
N SER A 2 -9.67 -19.93 22.84
CA SER A 2 -10.67 -19.45 21.90
C SER A 2 -10.50 -17.96 21.60
N LYS A 3 -10.07 -17.20 22.60
CA LYS A 3 -9.86 -15.76 22.43
C LYS A 3 -8.42 -15.48 22.06
N LYS A 4 -7.55 -16.41 22.38
CA LYS A 4 -6.14 -16.28 22.07
C LYS A 4 -5.85 -16.88 20.70
N CYS A 5 -6.06 -16.08 19.66
CA CYS A 5 -5.84 -16.53 18.30
C CYS A 5 -5.27 -15.39 17.46
N ASP A 6 -5.18 -15.61 16.16
CA ASP A 6 -4.66 -14.60 15.25
C ASP A 6 -5.81 -13.91 14.52
N ASP A 7 -7.00 -14.06 15.08
CA ASP A 7 -8.20 -13.50 14.47
C ASP A 7 -8.47 -12.08 14.88
N ASP A 8 -8.43 -11.17 13.93
CA ASP A 8 -8.87 -9.82 14.17
C ASP A 8 -10.33 -9.77 13.89
N SER A 9 -11.06 -9.32 14.82
CA SER A 9 -12.48 -9.31 14.72
C SER A 9 -12.97 -8.03 14.05
N GLU A 10 -12.51 -7.85 12.80
CA GLU A 10 -12.84 -6.70 11.94
C GLU A 10 -12.59 -5.37 12.63
N THR A 11 -11.75 -5.42 13.63
CA THR A 11 -11.37 -4.28 14.40
C THR A 11 -10.22 -3.55 13.73
N SER A 12 -9.52 -4.26 12.85
CA SER A 12 -8.37 -3.74 12.10
C SER A 12 -7.35 -3.10 13.04
N ASN A 13 -7.14 -3.74 14.18
CA ASN A 13 -6.26 -3.21 15.20
C ASN A 13 -4.81 -3.16 14.73
N TRP A 14 -4.49 -3.97 13.73
CA TRP A 14 -3.14 -4.03 13.21
C TRP A 14 -3.01 -3.20 11.95
N ILE A 15 -4.06 -3.19 11.15
CA ILE A 15 -4.11 -2.44 9.90
C ILE A 15 -3.96 -0.93 10.15
N ALA A 16 -4.27 -0.52 11.38
CA ALA A 16 -4.19 0.88 11.80
C ALA A 16 -2.94 1.59 11.27
N ALA A 17 -1.80 0.91 11.34
CA ALA A 17 -0.55 1.49 10.87
C ALA A 17 0.40 0.43 10.31
N ASN A 18 -0.08 -0.79 10.14
CA ASN A 18 0.77 -1.85 9.60
C ASN A 18 0.38 -2.18 8.18
N THR A 19 -0.79 -1.75 7.80
CA THR A 19 -1.30 -1.99 6.49
C THR A 19 -1.97 -0.71 5.98
N LYS A 20 -2.21 -0.62 4.69
CA LYS A 20 -2.82 0.57 4.12
C LYS A 20 -3.81 0.19 3.05
N GLU A 21 -4.39 1.18 2.41
CA GLU A 21 -5.38 0.94 1.39
C GLU A 21 -4.96 1.54 0.06
N CYS A 22 -5.67 1.17 -0.98
CA CYS A 22 -5.41 1.66 -2.31
C CYS A 22 -5.86 3.11 -2.43
N PRO A 23 -5.01 3.97 -2.98
CA PRO A 23 -5.34 5.38 -3.17
C PRO A 23 -6.27 5.61 -4.37
N LYS A 24 -6.78 4.51 -4.92
CA LYS A 24 -7.69 4.58 -6.02
C LYS A 24 -9.07 4.05 -5.65
N CYS A 25 -9.12 2.83 -5.13
CA CYS A 25 -10.40 2.23 -4.76
C CYS A 25 -10.57 2.10 -3.26
N HIS A 26 -9.54 2.48 -2.52
CA HIS A 26 -9.55 2.43 -1.05
C HIS A 26 -9.82 1.03 -0.55
N VAL A 27 -9.11 0.07 -1.10
CA VAL A 27 -9.25 -1.30 -0.70
C VAL A 27 -8.11 -1.65 0.24
N THR A 28 -8.39 -2.42 1.27
CA THR A 28 -7.36 -2.81 2.21
C THR A 28 -6.38 -3.76 1.53
N ILE A 29 -5.18 -3.27 1.31
CA ILE A 29 -4.17 -4.05 0.65
C ILE A 29 -3.22 -4.61 1.69
N GLU A 30 -2.09 -5.11 1.24
CA GLU A 30 -1.10 -5.66 2.14
C GLU A 30 0.23 -5.71 1.45
N LYS A 31 1.24 -5.20 2.10
CA LYS A 31 2.58 -5.15 1.55
C LYS A 31 3.36 -6.43 1.85
N ASP A 32 4.21 -6.82 0.93
CA ASP A 32 5.07 -7.99 1.11
C ASP A 32 6.35 -7.59 1.83
N GLY A 33 7.03 -6.59 1.29
CA GLY A 33 8.25 -6.10 1.91
C GLY A 33 9.48 -6.29 1.05
N GLY A 34 9.39 -7.19 0.09
CA GLY A 34 10.53 -7.45 -0.79
C GLY A 34 10.81 -6.30 -1.74
N SER A 35 9.77 -5.66 -2.21
CA SER A 35 9.90 -4.57 -3.14
C SER A 35 9.10 -3.36 -2.67
N ASN A 36 9.08 -2.33 -3.47
CA ASN A 36 8.31 -1.14 -3.18
C ASN A 36 7.13 -1.07 -4.11
N HIS A 37 7.26 -1.79 -5.23
CA HIS A 37 6.21 -1.88 -6.23
C HIS A 37 5.00 -2.59 -5.65
N MET A 38 4.06 -1.83 -5.16
CA MET A 38 2.82 -2.36 -4.61
C MET A 38 1.71 -2.36 -5.65
N VAL A 39 1.12 -3.52 -5.84
CA VAL A 39 0.01 -3.69 -6.76
C VAL A 39 -1.27 -3.96 -5.98
N CYS A 40 -2.33 -3.22 -6.31
CA CYS A 40 -3.63 -3.35 -5.64
C CYS A 40 -4.13 -4.80 -5.67
N ARG A 41 -4.95 -5.13 -4.70
CA ARG A 41 -5.48 -6.48 -4.56
C ARG A 41 -6.80 -6.57 -5.30
N ASN A 42 -7.50 -5.44 -5.34
CA ASN A 42 -8.80 -5.36 -5.98
C ASN A 42 -8.70 -5.70 -7.45
N GLN A 43 -9.38 -6.75 -7.84
CA GLN A 43 -9.39 -7.21 -9.24
C GLN A 43 -10.10 -6.21 -10.14
N ASN A 44 -10.83 -5.31 -9.53
CA ASN A 44 -11.55 -4.26 -10.27
C ASN A 44 -10.68 -3.01 -10.33
N CYS A 45 -9.41 -3.19 -9.95
CA CYS A 45 -8.48 -2.09 -9.90
C CYS A 45 -7.11 -2.53 -10.40
N LYS A 46 -6.36 -3.23 -9.54
CA LYS A 46 -5.01 -3.69 -9.86
C LYS A 46 -4.10 -2.51 -10.16
N ALA A 47 -4.33 -1.41 -9.47
CA ALA A 47 -3.53 -0.22 -9.66
C ALA A 47 -2.12 -0.45 -9.16
N GLU A 48 -1.15 -0.02 -9.95
CA GLU A 48 0.23 -0.15 -9.59
C GLU A 48 0.72 1.16 -9.02
N PHE A 49 0.99 1.19 -7.74
CA PHE A 49 1.40 2.41 -7.08
C PHE A 49 2.53 2.18 -6.11
N CYS A 50 3.22 3.23 -5.76
CA CYS A 50 4.28 3.17 -4.80
C CYS A 50 3.69 3.16 -3.42
N TRP A 51 3.77 2.02 -2.77
CA TRP A 51 3.26 1.86 -1.42
C TRP A 51 3.83 2.91 -0.45
N VAL A 52 5.08 3.29 -0.68
CA VAL A 52 5.79 4.22 0.20
C VAL A 52 5.07 5.56 0.32
N CYS A 53 4.91 6.24 -0.80
CA CYS A 53 4.27 7.55 -0.80
C CYS A 53 2.82 7.46 -1.25
N LEU A 54 2.38 6.24 -1.57
CA LEU A 54 1.03 6.01 -2.09
C LEU A 54 0.76 6.83 -3.34
N GLY A 55 1.79 6.98 -4.15
CA GLY A 55 1.68 7.71 -5.39
C GLY A 55 1.85 6.81 -6.59
N PRO A 56 1.89 7.38 -7.79
CA PRO A 56 2.04 6.61 -9.03
C PRO A 56 3.44 6.00 -9.13
N TRP A 57 3.51 4.75 -9.55
CA TRP A 57 4.79 4.05 -9.67
C TRP A 57 5.56 4.50 -10.91
N GLU A 58 4.85 5.01 -11.91
CA GLU A 58 5.49 5.46 -13.17
C GLU A 58 6.72 6.39 -12.93
N PRO A 59 6.58 7.49 -12.13
CA PRO A 59 7.71 8.40 -11.83
C PRO A 59 8.78 7.76 -10.92
N HIS A 60 8.65 6.48 -10.62
CA HIS A 60 9.61 5.79 -9.78
C HIS A 60 10.52 4.91 -10.62
N GLY A 61 11.58 5.49 -11.13
CA GLY A 61 12.51 4.74 -11.92
C GLY A 61 13.55 5.60 -12.58
N SER A 62 13.18 6.20 -13.70
CA SER A 62 14.11 7.02 -14.45
C SER A 62 13.57 8.45 -14.59
N ALA A 63 12.72 8.84 -13.65
CA ALA A 63 12.12 10.16 -13.68
C ALA A 63 12.82 11.11 -12.72
N TRP A 64 12.41 12.38 -12.76
CA TRP A 64 12.96 13.42 -11.88
C TRP A 64 12.57 13.14 -10.43
N TYR A 65 11.45 12.48 -10.26
CA TYR A 65 10.88 12.21 -8.96
C TYR A 65 11.69 11.16 -8.21
N ASN A 66 12.05 11.48 -7.00
CA ASN A 66 12.80 10.57 -6.17
C ASN A 66 11.98 10.20 -4.94
N CYS A 67 11.97 8.92 -4.62
CA CYS A 67 11.27 8.44 -3.45
C CYS A 67 12.31 7.86 -2.50
N ASN A 68 12.45 8.46 -1.33
CA ASN A 68 13.47 8.02 -0.36
C ASN A 68 13.08 6.71 0.30
N ARG A 69 12.93 5.69 -0.51
CA ARG A 69 12.62 4.36 -0.03
C ARG A 69 13.86 3.47 -0.06
N TYR A 70 14.84 3.92 -0.81
CA TYR A 70 16.12 3.21 -0.91
C TYR A 70 17.07 3.75 0.14
N ASN A 71 16.88 5.01 0.48
CA ASN A 71 17.67 5.66 1.49
C ASN A 71 16.84 5.87 2.72
N GLU A 72 17.09 5.09 3.74
CA GLU A 72 16.34 5.18 4.98
C GLU A 72 16.62 6.49 5.68
N ASP A 73 15.59 7.11 6.23
CA ASP A 73 15.75 8.34 6.97
C ASP A 73 16.37 8.01 8.30
N ASP A 74 16.04 6.83 8.78
CA ASP A 74 16.59 6.28 10.01
C ASP A 74 17.44 5.09 9.68
ZN ZN B . -7.13 -0.36 -5.99
ZN ZN C . 7.20 6.48 -3.69
N GLY A 1 -22.09 -2.71 20.65
CA GLY A 1 -21.39 -2.03 21.75
C GLY A 1 -19.89 -2.19 21.65
N SER A 2 -19.26 -2.52 22.76
CA SER A 2 -17.82 -2.72 22.81
C SER A 2 -17.48 -4.18 22.52
N LYS A 3 -18.46 -5.05 22.71
CA LYS A 3 -18.29 -6.46 22.49
C LYS A 3 -18.31 -6.79 21.00
N LYS A 4 -17.14 -7.03 20.45
CA LYS A 4 -17.03 -7.36 19.04
C LYS A 4 -17.13 -8.87 18.84
N CYS A 5 -17.42 -9.27 17.62
CA CYS A 5 -17.49 -10.67 17.28
C CYS A 5 -16.11 -11.18 16.87
N ASP A 6 -16.01 -12.44 16.46
CA ASP A 6 -14.74 -12.97 16.00
C ASP A 6 -14.38 -12.36 14.66
N ASP A 7 -15.41 -12.00 13.91
CA ASP A 7 -15.22 -11.35 12.63
C ASP A 7 -14.50 -10.03 12.82
N ASP A 8 -13.73 -9.63 11.81
CA ASP A 8 -12.93 -8.41 11.88
C ASP A 8 -13.75 -7.20 12.29
N SER A 9 -14.87 -6.99 11.61
CA SER A 9 -15.74 -5.84 11.91
C SER A 9 -14.98 -4.53 11.73
N GLU A 10 -14.01 -4.54 10.79
CA GLU A 10 -13.18 -3.37 10.48
C GLU A 10 -12.25 -2.98 11.63
N THR A 11 -11.83 -3.96 12.42
CA THR A 11 -10.93 -3.72 13.51
C THR A 11 -9.51 -3.49 12.98
N SER A 12 -9.24 -2.28 12.61
CA SER A 12 -7.94 -1.90 12.06
C SER A 12 -6.92 -1.64 13.15
N ASN A 13 -7.03 -2.36 14.26
CA ASN A 13 -6.10 -2.24 15.36
C ASN A 13 -4.67 -2.54 14.89
N TRP A 14 -4.58 -3.38 13.88
CA TRP A 14 -3.29 -3.75 13.34
C TRP A 14 -3.06 -3.04 12.02
N ILE A 15 -4.12 -2.97 11.21
CA ILE A 15 -4.09 -2.31 9.90
C ILE A 15 -3.58 -0.89 10.04
N ALA A 16 -3.85 -0.28 11.19
CA ALA A 16 -3.44 1.10 11.48
C ALA A 16 -1.97 1.35 11.16
N ALA A 17 -1.13 0.33 11.34
CA ALA A 17 0.30 0.49 11.08
C ALA A 17 0.89 -0.74 10.40
N ASN A 18 0.05 -1.69 10.04
CA ASN A 18 0.52 -2.90 9.39
C ASN A 18 0.05 -2.97 7.95
N THR A 19 -0.87 -2.10 7.59
CA THR A 19 -1.44 -2.14 6.27
C THR A 19 -1.93 -0.76 5.84
N LYS A 20 -2.28 -0.63 4.56
CA LYS A 20 -2.79 0.61 4.02
C LYS A 20 -3.83 0.30 2.95
N GLU A 21 -4.39 1.34 2.33
CA GLU A 21 -5.40 1.15 1.30
C GLU A 21 -4.97 1.73 -0.03
N CYS A 22 -5.60 1.25 -1.09
CA CYS A 22 -5.34 1.72 -2.44
C CYS A 22 -5.73 3.19 -2.58
N PRO A 23 -4.86 4.00 -3.16
CA PRO A 23 -5.13 5.42 -3.38
C PRO A 23 -6.00 5.63 -4.62
N LYS A 24 -6.60 4.57 -5.11
CA LYS A 24 -7.48 4.64 -6.25
C LYS A 24 -8.89 4.15 -5.91
N CYS A 25 -9.00 2.96 -5.34
CA CYS A 25 -10.32 2.41 -5.01
C CYS A 25 -10.53 2.32 -3.49
N HIS A 26 -9.50 2.68 -2.73
CA HIS A 26 -9.57 2.68 -1.26
C HIS A 26 -9.86 1.29 -0.71
N VAL A 27 -9.11 0.31 -1.19
CA VAL A 27 -9.28 -1.05 -0.73
C VAL A 27 -8.12 -1.42 0.18
N THR A 28 -8.41 -2.12 1.26
CA THR A 28 -7.38 -2.55 2.16
C THR A 28 -6.46 -3.53 1.45
N ILE A 29 -5.27 -3.09 1.16
CA ILE A 29 -4.31 -3.90 0.47
C ILE A 29 -3.41 -4.59 1.47
N GLU A 30 -2.25 -5.03 1.03
CA GLU A 30 -1.30 -5.68 1.90
C GLU A 30 0.05 -5.73 1.22
N LYS A 31 1.08 -5.27 1.91
CA LYS A 31 2.41 -5.20 1.33
C LYS A 31 3.25 -6.42 1.66
N ASP A 32 4.09 -6.81 0.71
CA ASP A 32 5.03 -7.90 0.89
C ASP A 32 6.19 -7.43 1.75
N GLY A 33 6.83 -6.36 1.33
CA GLY A 33 7.93 -5.79 2.08
C GLY A 33 9.21 -5.73 1.28
N GLY A 34 9.48 -6.76 0.50
CA GLY A 34 10.73 -6.84 -0.24
C GLY A 34 10.71 -6.04 -1.54
N SER A 35 9.63 -5.35 -1.81
CA SER A 35 9.53 -4.56 -3.01
C SER A 35 8.92 -3.20 -2.71
N ASN A 36 8.94 -2.34 -3.70
CA ASN A 36 8.33 -1.04 -3.59
C ASN A 36 7.12 -1.03 -4.48
N HIS A 37 7.17 -1.87 -5.51
CA HIS A 37 6.10 -1.99 -6.46
C HIS A 37 4.91 -2.69 -5.83
N MET A 38 3.98 -1.91 -5.35
CA MET A 38 2.76 -2.43 -4.77
C MET A 38 1.63 -2.46 -5.78
N VAL A 39 1.01 -3.63 -5.93
CA VAL A 39 -0.12 -3.80 -6.81
C VAL A 39 -1.39 -4.04 -5.99
N CYS A 40 -2.44 -3.28 -6.31
CA CYS A 40 -3.73 -3.37 -5.63
C CYS A 40 -4.27 -4.81 -5.61
N ARG A 41 -5.07 -5.11 -4.62
CA ARG A 41 -5.62 -6.45 -4.45
C ARG A 41 -6.97 -6.54 -5.13
N ASN A 42 -7.67 -5.41 -5.17
CA ASN A 42 -8.98 -5.33 -5.78
C ASN A 42 -8.92 -5.82 -7.21
N GLN A 43 -9.65 -6.89 -7.48
CA GLN A 43 -9.67 -7.50 -8.81
C GLN A 43 -10.27 -6.57 -9.84
N ASN A 44 -10.91 -5.53 -9.39
CA ASN A 44 -11.49 -4.55 -10.28
C ASN A 44 -10.60 -3.32 -10.31
N CYS A 45 -9.34 -3.48 -9.93
CA CYS A 45 -8.41 -2.38 -9.89
C CYS A 45 -7.01 -2.85 -10.25
N LYS A 46 -6.36 -3.48 -9.28
CA LYS A 46 -5.00 -3.97 -9.44
C LYS A 46 -4.07 -2.86 -9.92
N ALA A 47 -4.30 -1.67 -9.41
CA ALA A 47 -3.50 -0.50 -9.75
C ALA A 47 -2.07 -0.67 -9.27
N GLU A 48 -1.14 -0.12 -10.03
CA GLU A 48 0.26 -0.20 -9.69
C GLU A 48 0.74 1.12 -9.14
N PHE A 49 1.03 1.14 -7.86
CA PHE A 49 1.45 2.35 -7.20
C PHE A 49 2.59 2.09 -6.24
N CYS A 50 3.29 3.15 -5.89
CA CYS A 50 4.37 3.07 -4.96
C CYS A 50 3.82 3.03 -3.56
N TRP A 51 3.90 1.89 -2.93
CA TRP A 51 3.42 1.74 -1.56
C TRP A 51 4.12 2.72 -0.61
N VAL A 52 5.37 3.06 -0.94
CA VAL A 52 6.19 3.94 -0.11
C VAL A 52 5.51 5.28 0.14
N CYS A 53 5.06 5.92 -0.92
CA CYS A 53 4.42 7.22 -0.80
C CYS A 53 2.97 7.18 -1.26
N LEU A 54 2.49 5.98 -1.60
CA LEU A 54 1.12 5.78 -2.10
C LEU A 54 0.86 6.61 -3.37
N GLY A 55 1.90 6.83 -4.14
CA GLY A 55 1.78 7.59 -5.36
C GLY A 55 1.92 6.72 -6.59
N PRO A 56 1.90 7.31 -7.79
CA PRO A 56 2.03 6.56 -9.03
C PRO A 56 3.40 5.90 -9.15
N TRP A 57 3.41 4.61 -9.47
CA TRP A 57 4.66 3.85 -9.55
C TRP A 57 5.56 4.31 -10.70
N GLU A 58 4.96 4.71 -11.81
CA GLU A 58 5.69 5.08 -13.03
C GLU A 58 6.86 6.09 -12.78
N PRO A 59 6.60 7.28 -12.16
CA PRO A 59 7.65 8.30 -11.90
C PRO A 59 8.73 7.85 -10.92
N HIS A 60 8.63 6.61 -10.45
CA HIS A 60 9.59 6.07 -9.49
C HIS A 60 10.74 5.37 -10.18
N GLY A 61 10.71 5.34 -11.49
CA GLY A 61 11.80 4.74 -12.23
C GLY A 61 12.89 5.73 -12.53
N SER A 62 13.03 6.10 -13.78
CA SER A 62 14.02 7.06 -14.18
C SER A 62 13.35 8.42 -14.41
N ALA A 63 13.22 9.19 -13.34
CA ALA A 63 12.59 10.49 -13.41
C ALA A 63 13.13 11.42 -12.34
N TRP A 64 12.56 12.60 -12.25
CA TRP A 64 12.97 13.62 -11.28
C TRP A 64 12.39 13.30 -9.91
N TYR A 65 11.32 12.53 -9.92
CA TYR A 65 10.56 12.21 -8.73
C TYR A 65 11.41 11.45 -7.71
N ASN A 66 11.74 12.11 -6.62
CA ASN A 66 12.52 11.54 -5.55
C ASN A 66 11.61 10.82 -4.56
N CYS A 67 11.95 9.58 -4.26
CA CYS A 67 11.19 8.80 -3.30
C CYS A 67 12.13 8.23 -2.25
N ASN A 68 11.88 8.56 -1.01
CA ASN A 68 12.69 8.07 0.09
C ASN A 68 12.33 6.64 0.43
N ARG A 69 13.22 5.72 0.08
CA ARG A 69 12.99 4.31 0.33
C ARG A 69 14.19 3.73 1.06
N TYR A 70 15.34 3.83 0.41
CA TYR A 70 16.58 3.29 0.94
C TYR A 70 17.64 4.36 1.01
N ASN A 71 17.42 5.44 0.29
CA ASN A 71 18.39 6.53 0.22
C ASN A 71 17.86 7.78 0.88
N GLU A 72 18.59 8.28 1.87
CA GLU A 72 18.20 9.50 2.56
C GLU A 72 18.59 10.72 1.74
N ASP A 73 17.79 11.76 1.84
CA ASP A 73 18.05 13.00 1.12
C ASP A 73 19.09 13.80 1.87
N ASP A 74 18.97 13.78 3.18
CA ASP A 74 19.86 14.51 4.06
C ASP A 74 20.58 13.56 4.99
ZN ZN B . -7.15 -0.35 -6.08
ZN ZN C . 7.18 6.42 -3.63
N GLY A 1 -13.64 -8.90 3.55
CA GLY A 1 -12.40 -9.54 4.02
C GLY A 1 -12.00 -10.70 3.15
N SER A 2 -11.07 -11.50 3.61
CA SER A 2 -10.61 -12.66 2.87
C SER A 2 -11.56 -13.84 3.10
N LYS A 3 -11.76 -14.66 2.08
CA LYS A 3 -12.67 -15.79 2.18
C LYS A 3 -12.08 -16.95 2.98
N LYS A 4 -10.85 -16.78 3.44
CA LYS A 4 -10.23 -17.78 4.29
C LYS A 4 -10.96 -17.79 5.63
N CYS A 5 -11.29 -16.60 6.08
CA CYS A 5 -12.03 -16.39 7.31
C CYS A 5 -12.86 -15.13 7.15
N ASP A 6 -14.14 -15.27 6.89
CA ASP A 6 -15.01 -14.13 6.68
C ASP A 6 -15.35 -13.44 8.01
N ASP A 7 -14.46 -12.59 8.42
CA ASP A 7 -14.60 -11.85 9.66
C ASP A 7 -15.26 -10.49 9.40
N ASP A 8 -15.12 -9.59 10.36
CA ASP A 8 -15.71 -8.27 10.26
C ASP A 8 -14.67 -7.26 9.80
N SER A 9 -15.05 -6.00 9.70
CA SER A 9 -14.14 -4.95 9.32
C SER A 9 -13.63 -4.25 10.57
N GLU A 10 -14.28 -4.55 11.70
CA GLU A 10 -13.89 -3.99 13.00
C GLU A 10 -12.59 -4.63 13.49
N THR A 11 -12.09 -5.58 12.74
CA THR A 11 -10.86 -6.27 13.06
C THR A 11 -9.64 -5.49 12.58
N SER A 12 -9.89 -4.34 11.96
CA SER A 12 -8.82 -3.50 11.42
C SER A 12 -8.10 -2.72 12.53
N ASN A 13 -7.95 -3.35 13.68
CA ASN A 13 -7.30 -2.71 14.80
C ASN A 13 -5.79 -2.70 14.60
N TRP A 14 -5.31 -3.53 13.69
CA TRP A 14 -3.89 -3.62 13.42
C TRP A 14 -3.55 -2.92 12.12
N ILE A 15 -4.47 -2.98 11.17
CA ILE A 15 -4.31 -2.35 9.86
C ILE A 15 -4.02 -0.87 10.01
N ALA A 16 -4.56 -0.28 11.08
CA ALA A 16 -4.40 1.14 11.37
C ALA A 16 -2.96 1.64 11.24
N ALA A 17 -1.99 0.78 11.57
CA ALA A 17 -0.58 1.17 11.50
C ALA A 17 0.31 0.04 10.99
N ASN A 18 -0.29 -1.01 10.45
CA ASN A 18 0.48 -2.14 9.96
C ASN A 18 0.17 -2.43 8.51
N THR A 19 -0.84 -1.79 8.00
CA THR A 19 -1.26 -1.99 6.64
C THR A 19 -1.86 -0.70 6.08
N LYS A 20 -2.09 -0.66 4.79
CA LYS A 20 -2.66 0.52 4.16
C LYS A 20 -3.63 0.12 3.07
N GLU A 21 -4.23 1.08 2.43
CA GLU A 21 -5.18 0.80 1.37
C GLU A 21 -4.75 1.40 0.06
N CYS A 22 -5.44 1.02 -1.00
CA CYS A 22 -5.19 1.53 -2.33
C CYS A 22 -5.64 2.98 -2.41
N PRO A 23 -4.75 3.87 -2.83
CA PRO A 23 -5.07 5.29 -2.95
C PRO A 23 -5.95 5.58 -4.16
N LYS A 24 -6.33 4.53 -4.87
CA LYS A 24 -7.15 4.67 -6.05
C LYS A 24 -8.58 4.20 -5.80
N CYS A 25 -8.74 2.97 -5.33
CA CYS A 25 -10.08 2.43 -5.11
C CYS A 25 -10.40 2.33 -3.63
N HIS A 26 -9.36 2.42 -2.82
CA HIS A 26 -9.45 2.32 -1.37
C HIS A 26 -9.86 0.93 -0.95
N VAL A 27 -8.93 0.02 -1.08
CA VAL A 27 -9.11 -1.35 -0.65
C VAL A 27 -7.93 -1.74 0.20
N THR A 28 -8.18 -2.47 1.27
CA THR A 28 -7.12 -2.90 2.14
C THR A 28 -6.16 -3.82 1.42
N ILE A 29 -4.93 -3.37 1.28
CA ILE A 29 -3.91 -4.13 0.64
C ILE A 29 -2.99 -4.70 1.69
N GLU A 30 -1.83 -5.16 1.28
CA GLU A 30 -0.85 -5.67 2.20
C GLU A 30 0.48 -5.77 1.50
N LYS A 31 1.51 -5.27 2.14
CA LYS A 31 2.82 -5.25 1.54
C LYS A 31 3.43 -6.64 1.46
N ASP A 32 4.10 -6.90 0.36
CA ASP A 32 4.70 -8.20 0.10
C ASP A 32 6.14 -8.25 0.59
N GLY A 33 6.91 -7.22 0.27
CA GLY A 33 8.28 -7.21 0.66
C GLY A 33 8.91 -5.85 0.52
N GLY A 34 10.22 -5.84 0.30
CA GLY A 34 10.98 -4.61 0.21
C GLY A 34 10.75 -3.85 -1.08
N SER A 35 10.43 -4.58 -2.14
CA SER A 35 10.16 -3.96 -3.44
C SER A 35 9.02 -2.94 -3.30
N ASN A 36 9.25 -1.74 -3.80
CA ASN A 36 8.29 -0.65 -3.65
C ASN A 36 7.10 -0.86 -4.53
N HIS A 37 7.30 -1.63 -5.59
CA HIS A 37 6.26 -1.92 -6.57
C HIS A 37 5.09 -2.67 -5.92
N MET A 38 4.18 -1.92 -5.36
CA MET A 38 2.99 -2.46 -4.75
C MET A 38 1.79 -2.34 -5.69
N VAL A 39 1.11 -3.43 -5.90
CA VAL A 39 -0.06 -3.43 -6.76
C VAL A 39 -1.30 -3.82 -5.97
N CYS A 40 -2.39 -3.11 -6.25
CA CYS A 40 -3.67 -3.29 -5.59
C CYS A 40 -4.13 -4.74 -5.62
N ARG A 41 -4.93 -5.12 -4.64
CA ARG A 41 -5.42 -6.48 -4.53
C ARG A 41 -6.80 -6.57 -5.16
N ASN A 42 -7.49 -5.43 -5.19
CA ASN A 42 -8.81 -5.37 -5.76
C ASN A 42 -8.78 -5.73 -7.24
N GLN A 43 -9.46 -6.82 -7.57
CA GLN A 43 -9.54 -7.31 -8.95
C GLN A 43 -10.30 -6.35 -9.85
N ASN A 44 -10.97 -5.39 -9.24
CA ASN A 44 -11.70 -4.37 -9.97
C ASN A 44 -10.84 -3.12 -10.10
N CYS A 45 -9.57 -3.26 -9.74
CA CYS A 45 -8.65 -2.15 -9.76
C CYS A 45 -7.30 -2.58 -10.30
N LYS A 46 -6.54 -3.30 -9.46
CA LYS A 46 -5.22 -3.80 -9.83
C LYS A 46 -4.28 -2.67 -10.21
N ALA A 47 -4.41 -1.56 -9.49
CA ALA A 47 -3.58 -0.40 -9.71
C ALA A 47 -2.19 -0.60 -9.13
N GLU A 48 -1.19 -0.30 -9.92
CA GLU A 48 0.18 -0.40 -9.46
C GLU A 48 0.67 0.95 -8.97
N PHE A 49 1.11 1.01 -7.74
CA PHE A 49 1.57 2.24 -7.14
C PHE A 49 2.75 2.00 -6.23
N CYS A 50 3.25 3.07 -5.65
CA CYS A 50 4.34 2.97 -4.72
C CYS A 50 3.77 2.89 -3.32
N TRP A 51 4.00 1.78 -2.67
CA TRP A 51 3.50 1.58 -1.31
C TRP A 51 4.03 2.63 -0.36
N VAL A 52 5.30 2.99 -0.52
CA VAL A 52 5.98 3.91 0.39
C VAL A 52 5.21 5.23 0.52
N CYS A 53 5.16 5.98 -0.55
CA CYS A 53 4.49 7.27 -0.53
C CYS A 53 3.04 7.18 -0.95
N LEU A 54 2.61 5.97 -1.33
CA LEU A 54 1.25 5.73 -1.83
C LEU A 54 0.97 6.60 -3.05
N GLY A 55 2.02 6.90 -3.79
CA GLY A 55 1.89 7.70 -4.97
C GLY A 55 1.95 6.87 -6.22
N PRO A 56 1.96 7.51 -7.39
CA PRO A 56 2.00 6.81 -8.67
C PRO A 56 3.34 6.14 -8.90
N TRP A 57 3.30 4.88 -9.28
CA TRP A 57 4.52 4.11 -9.51
C TRP A 57 5.26 4.59 -10.75
N GLU A 58 4.53 5.19 -11.68
CA GLU A 58 5.09 5.66 -12.95
C GLU A 58 6.39 6.51 -12.78
N PRO A 59 6.36 7.64 -12.01
CA PRO A 59 7.54 8.51 -11.80
C PRO A 59 8.63 7.86 -10.94
N HIS A 60 8.40 6.63 -10.49
CA HIS A 60 9.37 5.95 -9.64
C HIS A 60 10.41 5.21 -10.45
N GLY A 61 10.34 5.32 -11.76
CA GLY A 61 11.34 4.73 -12.61
C GLY A 61 12.50 5.66 -12.83
N SER A 62 12.99 5.74 -14.04
CA SER A 62 14.06 6.65 -14.35
C SER A 62 13.49 8.02 -14.69
N ALA A 63 13.35 8.86 -13.67
CA ALA A 63 12.77 10.18 -13.84
C ALA A 63 13.30 11.15 -12.80
N TRP A 64 12.71 12.33 -12.77
CA TRP A 64 13.10 13.39 -11.84
C TRP A 64 12.67 13.05 -10.42
N TYR A 65 11.68 12.20 -10.31
CA TYR A 65 11.07 11.85 -9.06
C TYR A 65 11.89 10.80 -8.31
N ASN A 66 12.08 11.03 -7.02
CA ASN A 66 12.81 10.10 -6.16
C ASN A 66 12.01 9.83 -4.91
N CYS A 67 11.92 8.57 -4.54
CA CYS A 67 11.18 8.18 -3.36
C CYS A 67 12.11 7.99 -2.18
N ASN A 68 11.59 8.19 -1.00
CA ASN A 68 12.38 8.07 0.21
C ASN A 68 11.87 6.94 1.06
N ARG A 69 12.57 5.81 1.00
CA ARG A 69 12.19 4.62 1.73
C ARG A 69 12.80 4.62 3.12
N TYR A 70 14.10 4.81 3.18
CA TYR A 70 14.84 4.74 4.43
C TYR A 70 15.56 6.05 4.74
N ASN A 71 15.94 6.76 3.70
CA ASN A 71 16.62 8.04 3.86
C ASN A 71 15.61 9.17 3.90
N GLU A 72 15.81 10.12 4.81
CA GLU A 72 14.89 11.25 4.99
C GLU A 72 14.82 12.12 3.74
N ASP A 73 13.62 12.58 3.42
CA ASP A 73 13.43 13.47 2.28
C ASP A 73 14.00 14.83 2.61
N ASP A 74 13.79 15.23 3.85
CA ASP A 74 14.30 16.47 4.36
C ASP A 74 15.62 16.22 5.06
ZN ZN B . -7.12 -0.36 -5.96
ZN ZN C . 7.25 6.23 -3.47
N GLY A 1 -33.71 -6.04 17.67
CA GLY A 1 -32.39 -6.23 17.01
C GLY A 1 -31.70 -4.91 16.77
N SER A 2 -30.70 -4.92 15.87
CA SER A 2 -29.93 -3.72 15.51
C SER A 2 -29.20 -3.12 16.71
N LYS A 3 -28.97 -3.94 17.73
CA LYS A 3 -28.28 -3.50 18.91
C LYS A 3 -26.77 -3.61 18.71
N LYS A 4 -26.30 -4.81 18.40
CA LYS A 4 -24.88 -5.03 18.13
C LYS A 4 -24.49 -4.43 16.79
N CYS A 5 -23.25 -4.01 16.67
CA CYS A 5 -22.76 -3.40 15.44
C CYS A 5 -22.63 -4.46 14.35
N ASP A 6 -23.04 -4.11 13.13
CA ASP A 6 -22.95 -5.03 12.00
C ASP A 6 -21.50 -5.22 11.60
N ASP A 7 -20.78 -4.13 11.52
CA ASP A 7 -19.35 -4.16 11.26
C ASP A 7 -18.62 -3.79 12.53
N ASP A 8 -18.14 -4.80 13.23
CA ASP A 8 -17.48 -4.60 14.52
C ASP A 8 -16.08 -3.99 14.34
N SER A 9 -15.57 -4.04 13.11
CA SER A 9 -14.26 -3.48 12.76
C SER A 9 -13.11 -4.26 13.41
N GLU A 10 -13.38 -5.51 13.76
CA GLU A 10 -12.39 -6.36 14.41
C GLU A 10 -11.28 -6.79 13.44
N THR A 11 -11.59 -6.81 12.16
CA THR A 11 -10.65 -7.23 11.14
C THR A 11 -9.49 -6.24 10.95
N SER A 12 -9.63 -5.03 11.47
CA SER A 12 -8.60 -4.02 11.34
C SER A 12 -7.78 -3.87 12.61
N ASN A 13 -7.72 -4.94 13.39
CA ASN A 13 -6.99 -4.93 14.64
C ASN A 13 -5.48 -4.81 14.40
N TRP A 14 -5.06 -5.09 13.18
CA TRP A 14 -3.65 -5.05 12.82
C TRP A 14 -3.39 -3.99 11.75
N ILE A 15 -4.37 -3.80 10.87
CA ILE A 15 -4.27 -2.83 9.77
C ILE A 15 -4.01 -1.43 10.29
N ALA A 16 -4.46 -1.19 11.53
CA ALA A 16 -4.32 0.11 12.19
C ALA A 16 -2.91 0.69 12.03
N ALA A 17 -1.88 -0.16 12.11
CA ALA A 17 -0.51 0.32 12.00
C ALA A 17 0.38 -0.67 11.25
N ASN A 18 -0.21 -1.56 10.47
CA ASN A 18 0.58 -2.52 9.70
C ASN A 18 0.28 -2.43 8.23
N THR A 19 -0.83 -1.85 7.90
CA THR A 19 -1.26 -1.83 6.52
C THR A 19 -1.95 -0.54 6.14
N LYS A 20 -2.16 -0.39 4.84
CA LYS A 20 -2.85 0.77 4.31
C LYS A 20 -3.78 0.32 3.21
N GLU A 21 -4.41 1.27 2.53
CA GLU A 21 -5.35 0.93 1.47
C GLU A 21 -5.00 1.63 0.17
N CYS A 22 -5.58 1.14 -0.92
CA CYS A 22 -5.37 1.71 -2.23
C CYS A 22 -5.86 3.15 -2.24
N PRO A 23 -5.06 4.07 -2.76
CA PRO A 23 -5.43 5.47 -2.84
C PRO A 23 -6.35 5.73 -4.03
N LYS A 24 -6.63 4.67 -4.78
CA LYS A 24 -7.46 4.77 -5.94
C LYS A 24 -8.87 4.22 -5.67
N CYS A 25 -8.94 2.98 -5.21
CA CYS A 25 -10.24 2.37 -4.95
C CYS A 25 -10.48 2.16 -3.46
N HIS A 26 -9.43 2.37 -2.67
CA HIS A 26 -9.47 2.22 -1.22
C HIS A 26 -9.82 0.80 -0.81
N VAL A 27 -8.92 -0.09 -1.10
CA VAL A 27 -9.05 -1.48 -0.73
C VAL A 27 -7.88 -1.85 0.17
N THR A 28 -8.14 -2.66 1.17
CA THR A 28 -7.09 -3.08 2.07
C THR A 28 -6.05 -3.90 1.33
N ILE A 29 -4.86 -3.37 1.26
CA ILE A 29 -3.78 -4.04 0.58
C ILE A 29 -2.75 -4.49 1.60
N GLU A 30 -1.57 -4.81 1.14
CA GLU A 30 -0.48 -5.21 2.03
C GLU A 30 0.82 -5.09 1.28
N LYS A 31 1.78 -4.44 1.88
CA LYS A 31 3.06 -4.20 1.24
C LYS A 31 4.08 -5.27 1.56
N ASP A 32 4.90 -5.59 0.57
CA ASP A 32 6.01 -6.48 0.74
C ASP A 32 7.13 -5.74 1.48
N GLY A 33 7.65 -4.70 0.82
CA GLY A 33 8.64 -3.86 1.47
C GLY A 33 9.96 -3.79 0.72
N GLY A 34 10.11 -4.62 -0.28
CA GLY A 34 11.35 -4.67 -1.02
C GLY A 34 11.53 -3.57 -2.07
N SER A 35 11.07 -3.84 -3.28
CA SER A 35 11.32 -2.95 -4.41
C SER A 35 10.34 -1.77 -4.52
N ASN A 36 9.45 -1.62 -3.54
CA ASN A 36 8.53 -0.45 -3.45
C ASN A 36 7.37 -0.52 -4.44
N HIS A 37 7.53 -1.31 -5.49
CA HIS A 37 6.50 -1.45 -6.52
C HIS A 37 5.24 -2.10 -5.96
N MET A 38 4.37 -1.28 -5.43
CA MET A 38 3.10 -1.74 -4.91
C MET A 38 2.01 -1.70 -5.97
N VAL A 39 1.21 -2.74 -6.01
CA VAL A 39 0.11 -2.83 -6.92
C VAL A 39 -1.13 -3.31 -6.18
N CYS A 40 -2.25 -2.66 -6.47
CA CYS A 40 -3.52 -2.95 -5.83
C CYS A 40 -3.88 -4.43 -5.91
N ARG A 41 -4.60 -4.89 -4.90
CA ARG A 41 -5.01 -6.28 -4.81
C ARG A 41 -6.36 -6.44 -5.46
N ASN A 42 -7.16 -5.38 -5.39
CA ASN A 42 -8.51 -5.39 -5.95
C ASN A 42 -8.46 -5.77 -7.41
N GLN A 43 -9.10 -6.88 -7.74
CA GLN A 43 -9.14 -7.38 -9.11
C GLN A 43 -9.92 -6.46 -10.03
N ASN A 44 -10.60 -5.50 -9.44
CA ASN A 44 -11.34 -4.50 -10.20
C ASN A 44 -10.54 -3.21 -10.28
N CYS A 45 -9.25 -3.29 -9.93
CA CYS A 45 -8.39 -2.13 -9.91
C CYS A 45 -7.00 -2.51 -10.40
N LYS A 46 -6.24 -3.18 -9.53
CA LYS A 46 -4.89 -3.63 -9.83
C LYS A 46 -3.99 -2.46 -10.28
N ALA A 47 -4.26 -1.28 -9.73
CA ALA A 47 -3.47 -0.11 -10.05
C ALA A 47 -2.12 -0.15 -9.35
N GLU A 48 -1.08 0.25 -10.06
CA GLU A 48 0.26 0.26 -9.50
C GLU A 48 0.60 1.65 -8.99
N PHE A 49 0.91 1.73 -7.71
CA PHE A 49 1.20 3.00 -7.08
C PHE A 49 2.35 2.86 -6.09
N CYS A 50 2.98 3.98 -5.79
CA CYS A 50 4.05 3.99 -4.84
C CYS A 50 3.46 3.93 -3.46
N TRP A 51 3.58 2.81 -2.83
CA TRP A 51 3.05 2.58 -1.49
C TRP A 51 3.57 3.62 -0.48
N VAL A 52 4.81 4.05 -0.68
CA VAL A 52 5.47 4.99 0.22
C VAL A 52 4.67 6.27 0.39
N CYS A 53 4.38 6.92 -0.73
CA CYS A 53 3.66 8.17 -0.70
C CYS A 53 2.21 7.96 -1.08
N LEU A 54 1.86 6.72 -1.45
CA LEU A 54 0.53 6.38 -1.93
C LEU A 54 0.19 7.19 -3.17
N GLY A 55 1.21 7.49 -3.95
CA GLY A 55 1.02 8.24 -5.16
C GLY A 55 1.23 7.38 -6.37
N PRO A 56 1.23 7.95 -7.57
CA PRO A 56 1.40 7.18 -8.80
C PRO A 56 2.81 6.60 -8.93
N TRP A 57 2.90 5.31 -9.20
CA TRP A 57 4.19 4.65 -9.36
C TRP A 57 4.83 5.02 -10.69
N GLU A 58 4.00 5.51 -11.60
CA GLU A 58 4.41 5.89 -12.95
C GLU A 58 5.68 6.79 -12.98
N PRO A 59 5.66 7.99 -12.30
CA PRO A 59 6.83 8.87 -12.26
C PRO A 59 8.02 8.25 -11.52
N HIS A 60 7.73 7.29 -10.65
CA HIS A 60 8.78 6.60 -9.89
C HIS A 60 9.51 5.60 -10.78
N GLY A 61 9.01 4.36 -10.80
CA GLY A 61 9.62 3.31 -11.58
C GLY A 61 11.11 3.20 -11.35
N SER A 62 11.85 3.16 -12.43
CA SER A 62 13.30 3.08 -12.38
C SER A 62 13.92 4.24 -13.16
N ALA A 63 13.12 5.27 -13.40
CA ALA A 63 13.57 6.42 -14.17
C ALA A 63 14.20 7.46 -13.27
N TRP A 64 13.37 8.11 -12.48
CA TRP A 64 13.81 9.17 -11.61
C TRP A 64 12.81 9.32 -10.45
N TYR A 65 12.72 10.53 -9.91
CA TYR A 65 11.77 10.87 -8.87
C TYR A 65 12.15 10.20 -7.55
N ASN A 66 12.97 10.88 -6.77
CA ASN A 66 13.41 10.35 -5.50
C ASN A 66 12.31 10.46 -4.45
N CYS A 67 11.81 9.31 -4.05
CA CYS A 67 10.77 9.26 -3.03
C CYS A 67 11.40 8.96 -1.69
N ASN A 68 11.21 9.85 -0.73
CA ASN A 68 11.79 9.67 0.59
C ASN A 68 10.99 8.68 1.41
N ARG A 69 11.37 7.42 1.32
CA ARG A 69 10.72 6.37 2.05
C ARG A 69 11.13 6.40 3.51
N TYR A 70 12.41 6.30 3.75
CA TYR A 70 12.94 6.34 5.10
C TYR A 70 14.23 7.16 5.16
N ASN A 71 14.94 7.24 4.04
CA ASN A 71 16.20 7.95 3.97
C ASN A 71 15.96 9.45 3.76
N GLU A 72 16.80 10.26 4.39
CA GLU A 72 16.68 11.72 4.32
C GLU A 72 17.17 12.25 2.97
N ASP A 73 16.64 13.39 2.58
CA ASP A 73 17.08 14.05 1.35
C ASP A 73 18.22 14.98 1.69
N ASP A 74 18.06 15.71 2.78
CA ASP A 74 19.08 16.62 3.26
C ASP A 74 19.98 15.92 4.25
ZN ZN B . -7.11 -0.20 -6.03
ZN ZN C . 6.61 7.50 -3.65
N GLY A 1 1.55 -12.04 8.28
CA GLY A 1 0.61 -12.08 9.42
C GLY A 1 -0.83 -12.10 8.98
N SER A 2 -1.17 -13.01 8.09
CA SER A 2 -2.51 -13.11 7.57
C SER A 2 -3.29 -14.20 8.29
N LYS A 3 -3.82 -13.88 9.47
CA LYS A 3 -4.61 -14.83 10.21
C LYS A 3 -6.10 -14.48 10.07
N LYS A 4 -6.34 -13.29 9.54
CA LYS A 4 -7.70 -12.83 9.32
C LYS A 4 -8.31 -13.49 8.09
N CYS A 5 -9.61 -13.64 8.10
CA CYS A 5 -10.31 -14.25 7.00
C CYS A 5 -10.60 -13.21 5.91
N ASP A 6 -11.21 -13.65 4.82
CA ASP A 6 -11.55 -12.77 3.70
C ASP A 6 -12.55 -11.72 4.15
N ASP A 7 -13.52 -12.15 4.94
CA ASP A 7 -14.50 -11.25 5.51
C ASP A 7 -14.03 -10.84 6.89
N ASP A 8 -14.30 -9.62 7.28
CA ASP A 8 -13.81 -9.14 8.56
C ASP A 8 -14.86 -8.32 9.30
N SER A 9 -14.77 -8.36 10.61
CA SER A 9 -15.70 -7.68 11.48
C SER A 9 -15.18 -6.27 11.82
N GLU A 10 -14.47 -5.65 10.88
CA GLU A 10 -13.92 -4.30 11.04
C GLU A 10 -12.86 -4.25 12.14
N THR A 11 -12.14 -5.33 12.32
CA THR A 11 -11.08 -5.37 13.30
C THR A 11 -9.79 -4.89 12.67
N SER A 12 -9.75 -3.61 12.34
CA SER A 12 -8.62 -3.01 11.67
C SER A 12 -7.63 -2.42 12.66
N ASN A 13 -7.60 -2.97 13.86
CA ASN A 13 -6.72 -2.48 14.90
C ASN A 13 -5.25 -2.70 14.55
N TRP A 14 -5.02 -3.60 13.61
CA TRP A 14 -3.66 -3.89 13.18
C TRP A 14 -3.37 -3.18 11.88
N ILE A 15 -4.39 -3.07 11.05
CA ILE A 15 -4.29 -2.40 9.77
C ILE A 15 -3.98 -0.92 9.98
N ALA A 16 -4.38 -0.39 11.13
CA ALA A 16 -4.20 1.01 11.49
C ALA A 16 -2.78 1.51 11.22
N ALA A 17 -1.78 0.67 11.46
CA ALA A 17 -0.40 1.08 11.25
C ALA A 17 0.47 -0.05 10.70
N ASN A 18 -0.15 -1.16 10.32
CA ASN A 18 0.61 -2.30 9.80
C ASN A 18 0.24 -2.57 8.37
N THR A 19 -0.79 -1.91 7.91
CA THR A 19 -1.25 -2.08 6.56
C THR A 19 -1.92 -0.81 6.06
N LYS A 20 -2.21 -0.73 4.78
CA LYS A 20 -2.87 0.43 4.21
C LYS A 20 -3.84 0.01 3.13
N GLU A 21 -4.48 0.99 2.51
CA GLU A 21 -5.44 0.71 1.48
C GLU A 21 -5.05 1.39 0.18
N CYS A 22 -5.69 0.97 -0.90
CA CYS A 22 -5.45 1.54 -2.20
C CYS A 22 -5.93 2.98 -2.23
N PRO A 23 -5.11 3.88 -2.72
CA PRO A 23 -5.47 5.29 -2.83
C PRO A 23 -6.33 5.56 -4.06
N LYS A 24 -6.79 4.48 -4.68
CA LYS A 24 -7.64 4.57 -5.83
C LYS A 24 -9.03 3.99 -5.55
N CYS A 25 -9.09 2.74 -5.11
CA CYS A 25 -10.38 2.11 -4.84
C CYS A 25 -10.61 1.89 -3.35
N HIS A 26 -9.63 2.30 -2.54
CA HIS A 26 -9.72 2.21 -1.08
C HIS A 26 -9.92 0.77 -0.61
N VAL A 27 -9.15 -0.14 -1.19
CA VAL A 27 -9.24 -1.54 -0.84
C VAL A 27 -8.09 -1.90 0.11
N THR A 28 -8.38 -2.69 1.11
CA THR A 28 -7.36 -3.12 2.04
C THR A 28 -6.32 -3.98 1.32
N ILE A 29 -5.11 -3.46 1.21
CA ILE A 29 -4.05 -4.17 0.55
C ILE A 29 -3.07 -4.68 1.58
N GLU A 30 -1.90 -5.08 1.15
CA GLU A 30 -0.85 -5.52 2.04
C GLU A 30 0.48 -5.45 1.35
N LYS A 31 1.44 -4.81 2.00
CA LYS A 31 2.75 -4.62 1.43
C LYS A 31 3.48 -5.94 1.21
N ASP A 32 4.21 -6.00 0.12
CA ASP A 32 5.00 -7.17 -0.22
C ASP A 32 6.41 -6.99 0.31
N GLY A 33 7.01 -5.85 0.00
CA GLY A 33 8.33 -5.54 0.46
C GLY A 33 9.29 -5.33 -0.69
N GLY A 34 10.56 -5.46 -0.36
CA GLY A 34 11.64 -5.37 -1.33
C GLY A 34 11.61 -4.13 -2.22
N SER A 35 11.21 -4.34 -3.47
CA SER A 35 11.20 -3.31 -4.51
C SER A 35 10.30 -2.12 -4.16
N ASN A 36 9.33 -2.35 -3.26
CA ASN A 36 8.36 -1.30 -2.86
C ASN A 36 7.30 -1.13 -3.93
N HIS A 37 7.35 -2.00 -4.93
CA HIS A 37 6.40 -1.98 -6.03
C HIS A 37 5.09 -2.60 -5.56
N MET A 38 4.26 -1.78 -4.99
CA MET A 38 2.97 -2.20 -4.49
C MET A 38 1.89 -2.15 -5.58
N VAL A 39 1.25 -3.29 -5.79
CA VAL A 39 0.17 -3.40 -6.75
C VAL A 39 -1.13 -3.73 -6.01
N CYS A 40 -2.20 -3.02 -6.36
CA CYS A 40 -3.51 -3.22 -5.74
C CYS A 40 -3.96 -4.67 -5.82
N ARG A 41 -4.76 -5.07 -4.85
CA ARG A 41 -5.26 -6.45 -4.80
C ARG A 41 -6.60 -6.53 -5.47
N ASN A 42 -7.28 -5.39 -5.54
CA ASN A 42 -8.58 -5.33 -6.17
C ASN A 42 -8.47 -5.65 -7.65
N GLN A 43 -9.12 -6.72 -8.03
CA GLN A 43 -9.12 -7.21 -9.42
C GLN A 43 -9.83 -6.24 -10.36
N ASN A 44 -10.51 -5.28 -9.79
CA ASN A 44 -11.19 -4.27 -10.57
C ASN A 44 -10.33 -3.02 -10.63
N CYS A 45 -9.11 -3.13 -10.14
CA CYS A 45 -8.20 -2.01 -10.04
C CYS A 45 -6.81 -2.41 -10.47
N LYS A 46 -6.09 -3.12 -9.60
CA LYS A 46 -4.73 -3.58 -9.86
C LYS A 46 -3.81 -2.40 -10.17
N ALA A 47 -4.14 -1.24 -9.63
CA ALA A 47 -3.34 -0.04 -9.83
C ALA A 47 -1.96 -0.20 -9.20
N GLU A 48 -0.95 0.26 -9.90
CA GLU A 48 0.41 0.18 -9.40
C GLU A 48 0.81 1.51 -8.79
N PHE A 49 1.05 1.50 -7.50
CA PHE A 49 1.40 2.71 -6.81
C PHE A 49 2.51 2.49 -5.79
N CYS A 50 3.22 3.54 -5.49
CA CYS A 50 4.29 3.49 -4.52
C CYS A 50 3.68 3.42 -3.14
N TRP A 51 3.81 2.29 -2.51
CA TRP A 51 3.28 2.09 -1.16
C TRP A 51 3.79 3.15 -0.18
N VAL A 52 5.05 3.54 -0.34
CA VAL A 52 5.71 4.48 0.57
C VAL A 52 4.93 5.79 0.70
N CYS A 53 4.70 6.45 -0.43
CA CYS A 53 4.01 7.72 -0.42
C CYS A 53 2.56 7.57 -0.87
N LEU A 54 2.20 6.36 -1.27
CA LEU A 54 0.86 6.07 -1.80
C LEU A 54 0.60 6.86 -3.08
N GLY A 55 1.68 7.22 -3.77
CA GLY A 55 1.56 7.94 -5.01
C GLY A 55 1.73 7.03 -6.20
N PRO A 56 1.76 7.58 -7.41
CA PRO A 56 1.92 6.78 -8.63
C PRO A 56 3.30 6.13 -8.70
N TRP A 57 3.35 4.88 -9.13
CA TRP A 57 4.61 4.15 -9.23
C TRP A 57 5.44 4.62 -10.43
N GLU A 58 4.77 5.20 -11.43
CA GLU A 58 5.45 5.66 -12.64
C GLU A 58 6.67 6.58 -12.35
N PRO A 59 6.51 7.69 -11.57
CA PRO A 59 7.64 8.58 -11.23
C PRO A 59 8.70 7.89 -10.34
N HIS A 60 8.47 6.63 -10.02
CA HIS A 60 9.39 5.87 -9.19
C HIS A 60 10.15 4.86 -10.05
N GLY A 61 9.45 4.22 -10.96
CA GLY A 61 10.08 3.25 -11.85
C GLY A 61 10.83 3.92 -12.98
N SER A 62 12.07 4.33 -12.71
CA SER A 62 12.92 5.01 -13.68
C SER A 62 12.33 6.35 -14.09
N ALA A 63 12.53 7.36 -13.26
CA ALA A 63 12.01 8.68 -13.53
C ALA A 63 12.80 9.74 -12.78
N TRP A 64 12.45 10.98 -13.02
CA TRP A 64 13.12 12.14 -12.41
C TRP A 64 12.93 12.15 -10.89
N TYR A 65 11.87 11.52 -10.44
CA TYR A 65 11.46 11.59 -9.06
C TYR A 65 12.11 10.52 -8.20
N ASN A 66 12.48 10.92 -6.99
CA ASN A 66 13.04 10.02 -5.99
C ASN A 66 12.13 10.01 -4.78
N CYS A 67 12.00 8.85 -4.16
CA CYS A 67 11.11 8.71 -3.02
C CYS A 67 11.87 8.34 -1.78
N ASN A 68 11.25 8.56 -0.64
CA ASN A 68 11.83 8.23 0.66
C ASN A 68 11.67 6.75 0.96
N ARG A 69 11.55 5.96 -0.10
CA ARG A 69 11.38 4.52 -0.03
C ARG A 69 12.56 3.85 0.67
N TYR A 70 13.74 4.43 0.51
CA TYR A 70 14.94 3.89 1.15
C TYR A 70 15.57 4.91 2.06
N ASN A 71 15.00 6.08 2.09
CA ASN A 71 15.55 7.19 2.86
C ASN A 71 14.59 7.66 3.94
N GLU A 72 15.00 7.51 5.19
CA GLU A 72 14.22 8.01 6.30
C GLU A 72 14.58 9.46 6.57
N ASP A 73 13.64 10.21 7.08
CA ASP A 73 13.89 11.61 7.40
C ASP A 73 14.63 11.73 8.71
N ASP A 74 14.40 10.77 9.59
CA ASP A 74 15.06 10.75 10.88
C ASP A 74 16.43 10.13 10.76
ZN ZN B . -7.05 -0.34 -6.05
ZN ZN C . 6.92 6.94 -3.29
N GLY A 1 -14.17 -23.61 23.58
CA GLY A 1 -14.02 -22.27 22.97
C GLY A 1 -15.32 -21.50 22.99
N SER A 2 -15.23 -20.19 23.09
CA SER A 2 -16.39 -19.33 23.10
C SER A 2 -16.23 -18.20 22.10
N LYS A 3 -17.25 -18.03 21.26
CA LYS A 3 -17.29 -16.96 20.24
C LYS A 3 -16.15 -17.12 19.22
N LYS A 4 -15.65 -18.34 19.11
CA LYS A 4 -14.57 -18.62 18.19
C LYS A 4 -15.12 -18.87 16.80
N CYS A 5 -15.00 -17.89 15.94
CA CYS A 5 -15.49 -18.00 14.58
C CYS A 5 -14.52 -17.34 13.60
N ASP A 6 -14.70 -17.64 12.33
CA ASP A 6 -13.84 -17.12 11.27
C ASP A 6 -14.61 -16.16 10.38
N ASP A 7 -15.53 -15.42 10.97
CA ASP A 7 -16.35 -14.46 10.24
C ASP A 7 -15.55 -13.21 9.84
N ASP A 8 -16.26 -12.17 9.41
CA ASP A 8 -15.68 -10.91 8.91
C ASP A 8 -14.50 -10.42 9.73
N SER A 9 -13.40 -10.13 9.05
CA SER A 9 -12.19 -9.64 9.70
C SER A 9 -12.31 -8.15 9.94
N GLU A 10 -13.29 -7.78 10.72
CA GLU A 10 -13.57 -6.37 11.05
C GLU A 10 -12.57 -5.82 12.08
N THR A 11 -11.66 -6.66 12.52
CA THR A 11 -10.68 -6.26 13.49
C THR A 11 -9.46 -5.63 12.82
N SER A 12 -9.58 -4.37 12.50
CA SER A 12 -8.51 -3.62 11.84
C SER A 12 -7.55 -3.02 12.85
N ASN A 13 -7.45 -3.67 14.00
CA ASN A 13 -6.60 -3.19 15.07
C ASN A 13 -5.13 -3.22 14.66
N TRP A 14 -4.81 -4.03 13.67
CA TRP A 14 -3.44 -4.14 13.21
C TRP A 14 -3.24 -3.31 11.95
N ILE A 15 -4.29 -3.22 11.15
CA ILE A 15 -4.27 -2.45 9.90
C ILE A 15 -4.03 -0.97 10.18
N ALA A 16 -4.32 -0.56 11.41
CA ALA A 16 -4.16 0.83 11.84
C ALA A 16 -2.77 1.38 11.51
N ALA A 17 -1.75 0.53 11.54
CA ALA A 17 -0.40 0.99 11.25
C ALA A 17 0.44 -0.08 10.55
N ASN A 18 -0.15 -1.22 10.27
CA ASN A 18 0.59 -2.32 9.66
C ASN A 18 0.17 -2.54 8.23
N THR A 19 -0.89 -1.89 7.84
CA THR A 19 -1.40 -2.03 6.51
C THR A 19 -2.05 -0.73 6.06
N LYS A 20 -2.24 -0.60 4.77
CA LYS A 20 -2.87 0.57 4.20
C LYS A 20 -3.82 0.15 3.10
N GLU A 21 -4.42 1.12 2.45
CA GLU A 21 -5.36 0.83 1.40
C GLU A 21 -4.93 1.48 0.10
N CYS A 22 -5.55 1.04 -0.98
CA CYS A 22 -5.31 1.59 -2.29
C CYS A 22 -5.72 3.05 -2.32
N PRO A 23 -4.88 3.92 -2.87
CA PRO A 23 -5.18 5.34 -3.00
C PRO A 23 -6.09 5.61 -4.19
N LYS A 24 -6.51 4.56 -4.86
CA LYS A 24 -7.37 4.67 -6.00
C LYS A 24 -8.78 4.17 -5.69
N CYS A 25 -8.89 2.94 -5.22
CA CYS A 25 -10.19 2.36 -4.92
C CYS A 25 -10.41 2.19 -3.42
N HIS A 26 -9.36 2.42 -2.66
CA HIS A 26 -9.41 2.33 -1.19
C HIS A 26 -9.72 0.92 -0.73
N VAL A 27 -8.98 -0.03 -1.25
CA VAL A 27 -9.14 -1.42 -0.85
C VAL A 27 -7.99 -1.82 0.06
N THR A 28 -8.27 -2.63 1.07
CA THR A 28 -7.27 -3.06 2.00
C THR A 28 -6.23 -3.94 1.31
N ILE A 29 -5.03 -3.42 1.19
CA ILE A 29 -3.94 -4.14 0.55
C ILE A 29 -3.00 -4.65 1.62
N GLU A 30 -1.79 -5.03 1.23
CA GLU A 30 -0.79 -5.50 2.17
C GLU A 30 0.56 -5.60 1.49
N LYS A 31 1.55 -4.99 2.10
CA LYS A 31 2.90 -4.97 1.55
C LYS A 31 3.51 -6.37 1.55
N ASP A 32 4.23 -6.68 0.49
CA ASP A 32 4.81 -8.00 0.31
C ASP A 32 6.18 -8.08 0.98
N GLY A 33 6.99 -7.05 0.77
CA GLY A 33 8.29 -7.04 1.35
C GLY A 33 9.04 -5.75 1.08
N GLY A 34 10.30 -5.88 0.68
CA GLY A 34 11.15 -4.72 0.45
C GLY A 34 10.80 -3.95 -0.80
N SER A 35 10.39 -4.66 -1.84
CA SER A 35 10.04 -4.02 -3.09
C SER A 35 8.84 -3.11 -2.91
N ASN A 36 9.04 -1.84 -3.16
CA ASN A 36 7.99 -0.84 -2.98
C ASN A 36 7.03 -0.84 -4.16
N HIS A 37 7.29 -1.71 -5.12
CA HIS A 37 6.43 -1.88 -6.27
C HIS A 37 5.13 -2.57 -5.84
N MET A 38 4.30 -1.84 -5.15
CA MET A 38 3.05 -2.34 -4.62
C MET A 38 1.93 -2.20 -5.65
N VAL A 39 1.17 -3.26 -5.82
CA VAL A 39 0.05 -3.25 -6.73
C VAL A 39 -1.22 -3.67 -6.01
N CYS A 40 -2.30 -2.94 -6.32
CA CYS A 40 -3.60 -3.16 -5.72
C CYS A 40 -4.05 -4.62 -5.83
N ARG A 41 -4.88 -5.04 -4.89
CA ARG A 41 -5.38 -6.40 -4.86
C ARG A 41 -6.73 -6.47 -5.51
N ASN A 42 -7.42 -5.33 -5.53
CA ASN A 42 -8.74 -5.25 -6.11
C ASN A 42 -8.70 -5.63 -7.58
N GLN A 43 -9.43 -6.66 -7.92
CA GLN A 43 -9.50 -7.18 -9.29
C GLN A 43 -10.13 -6.17 -10.24
N ASN A 44 -10.79 -5.17 -9.69
CA ASN A 44 -11.41 -4.12 -10.49
C ASN A 44 -10.51 -2.90 -10.54
N CYS A 45 -9.28 -3.07 -10.09
CA CYS A 45 -8.33 -1.97 -10.02
C CYS A 45 -6.96 -2.41 -10.50
N LYS A 46 -6.24 -3.14 -9.63
CA LYS A 46 -4.90 -3.65 -9.94
C LYS A 46 -3.95 -2.50 -10.30
N ALA A 47 -4.14 -1.37 -9.67
CA ALA A 47 -3.30 -0.21 -9.90
C ALA A 47 -1.95 -0.39 -9.21
N GLU A 48 -0.88 -0.12 -9.94
CA GLU A 48 0.46 -0.21 -9.38
C GLU A 48 0.88 1.15 -8.85
N PHE A 49 1.23 1.20 -7.59
CA PHE A 49 1.59 2.46 -6.96
C PHE A 49 2.72 2.29 -5.96
N CYS A 50 3.34 3.39 -5.60
CA CYS A 50 4.40 3.38 -4.64
C CYS A 50 3.80 3.29 -3.25
N TRP A 51 3.94 2.14 -2.63
CA TRP A 51 3.40 1.92 -1.29
C TRP A 51 3.85 3.00 -0.29
N VAL A 52 5.09 3.45 -0.43
CA VAL A 52 5.67 4.43 0.49
C VAL A 52 4.83 5.70 0.58
N CYS A 53 4.80 6.45 -0.51
CA CYS A 53 4.09 7.71 -0.55
C CYS A 53 2.65 7.52 -0.99
N LEU A 54 2.30 6.28 -1.35
CA LEU A 54 0.97 5.95 -1.89
C LEU A 54 0.69 6.74 -3.15
N GLY A 55 1.74 7.07 -3.88
CA GLY A 55 1.60 7.79 -5.11
C GLY A 55 1.79 6.88 -6.30
N PRO A 56 1.74 7.43 -7.51
CA PRO A 56 1.91 6.64 -8.73
C PRO A 56 3.33 6.06 -8.83
N TRP A 57 3.41 4.80 -9.19
CA TRP A 57 4.69 4.11 -9.31
C TRP A 57 5.41 4.50 -10.60
N GLU A 58 4.67 5.03 -11.56
CA GLU A 58 5.24 5.42 -12.85
C GLU A 58 6.47 6.36 -12.70
N PRO A 59 6.35 7.53 -11.99
CA PRO A 59 7.49 8.46 -11.80
C PRO A 59 8.62 7.81 -11.00
N HIS A 60 8.33 6.68 -10.36
CA HIS A 60 9.32 5.95 -9.59
C HIS A 60 10.07 4.97 -10.46
N GLY A 61 9.87 5.07 -11.76
CA GLY A 61 10.56 4.22 -12.70
C GLY A 61 11.80 4.90 -13.23
N SER A 62 11.92 4.96 -14.55
CA SER A 62 13.05 5.61 -15.16
C SER A 62 12.72 7.07 -15.45
N ALA A 63 12.83 7.88 -14.41
CA ALA A 63 12.55 9.31 -14.49
C ALA A 63 13.16 10.02 -13.31
N TRP A 64 12.78 11.27 -13.15
CA TRP A 64 13.22 12.08 -12.03
C TRP A 64 12.38 11.71 -10.79
N TYR A 65 12.32 12.64 -9.82
CA TYR A 65 11.46 12.50 -8.64
C TYR A 65 12.02 11.49 -7.65
N ASN A 66 12.57 11.99 -6.55
CA ASN A 66 13.10 11.12 -5.51
C ASN A 66 12.03 10.84 -4.46
N CYS A 67 11.89 9.59 -4.06
CA CYS A 67 10.88 9.21 -3.09
C CYS A 67 11.48 9.17 -1.70
N ASN A 68 10.68 9.56 -0.73
CA ASN A 68 11.08 9.58 0.67
C ASN A 68 10.95 8.19 1.29
N ARG A 69 11.43 7.19 0.57
CA ARG A 69 11.37 5.80 1.03
C ARG A 69 12.48 5.50 2.05
N TYR A 70 13.44 6.40 2.14
CA TYR A 70 14.55 6.23 3.08
C TYR A 70 14.89 7.54 3.77
N ASN A 71 14.90 8.62 3.01
CA ASN A 71 15.24 9.92 3.54
C ASN A 71 13.96 10.73 3.74
N GLU A 72 13.69 11.08 5.00
CA GLU A 72 12.47 11.82 5.32
C GLU A 72 12.52 13.24 4.76
N ASP A 73 11.37 13.89 4.72
CA ASP A 73 11.24 15.22 4.10
C ASP A 73 11.72 16.33 5.02
N ASP A 74 11.99 15.99 6.26
CA ASP A 74 12.48 16.96 7.23
C ASP A 74 13.90 17.40 6.89
ZN ZN B . -7.03 -0.25 -6.10
ZN ZN C . 7.03 6.95 -3.52
N GLY A 1 5.29 -7.04 10.12
CA GLY A 1 4.33 -8.10 9.74
C GLY A 1 2.91 -7.60 9.72
N SER A 2 2.06 -8.26 8.97
CA SER A 2 0.66 -7.88 8.87
C SER A 2 -0.24 -9.11 8.96
N LYS A 3 -1.46 -8.91 9.42
CA LYS A 3 -2.41 -10.00 9.58
C LYS A 3 -3.57 -9.84 8.60
N LYS A 4 -3.26 -10.02 7.33
CA LYS A 4 -4.26 -9.88 6.26
C LYS A 4 -5.49 -10.75 6.51
N CYS A 5 -6.66 -10.17 6.30
CA CYS A 5 -7.91 -10.89 6.48
C CYS A 5 -8.72 -10.89 5.19
N ASP A 6 -9.59 -11.86 5.04
CA ASP A 6 -10.46 -11.94 3.86
C ASP A 6 -11.73 -11.15 4.11
N ASP A 7 -12.16 -11.14 5.37
CA ASP A 7 -13.37 -10.43 5.77
C ASP A 7 -13.15 -8.92 5.78
N ASP A 8 -14.05 -8.20 6.42
CA ASP A 8 -13.98 -6.73 6.45
C ASP A 8 -12.67 -6.24 7.07
N SER A 9 -12.32 -5.02 6.74
CA SER A 9 -11.11 -4.42 7.23
C SER A 9 -11.41 -3.08 7.90
N GLU A 10 -12.66 -2.92 8.34
CA GLU A 10 -13.08 -1.68 8.95
C GLU A 10 -12.48 -1.53 10.34
N THR A 11 -12.28 -2.65 11.00
CA THR A 11 -11.65 -2.67 12.28
C THR A 11 -10.15 -2.59 12.10
N SER A 12 -9.68 -1.39 11.80
CA SER A 12 -8.28 -1.14 11.52
C SER A 12 -7.44 -1.07 12.78
N ASN A 13 -7.73 -1.97 13.71
CA ASN A 13 -6.98 -2.03 14.95
C ASN A 13 -5.53 -2.37 14.66
N TRP A 14 -5.33 -3.22 13.67
CA TRP A 14 -4.01 -3.64 13.27
C TRP A 14 -3.56 -2.88 12.02
N ILE A 15 -4.51 -2.66 11.11
CA ILE A 15 -4.25 -1.94 9.86
C ILE A 15 -3.69 -0.55 10.12
N ALA A 16 -3.94 -0.03 11.32
CA ALA A 16 -3.45 1.27 11.74
C ALA A 16 -1.92 1.40 11.57
N ALA A 17 -1.22 0.27 11.62
CA ALA A 17 0.24 0.30 11.44
C ALA A 17 0.75 -0.97 10.77
N ASN A 18 -0.15 -1.83 10.35
CA ASN A 18 0.25 -3.08 9.69
C ASN A 18 0.00 -3.02 8.22
N THR A 19 -0.90 -2.16 7.81
CA THR A 19 -1.36 -2.14 6.43
C THR A 19 -1.85 -0.78 6.01
N LYS A 20 -2.19 -0.68 4.72
CA LYS A 20 -2.77 0.53 4.15
C LYS A 20 -3.72 0.12 3.03
N GLU A 21 -4.36 1.09 2.42
CA GLU A 21 -5.31 0.80 1.35
C GLU A 21 -4.90 1.44 0.04
N CYS A 22 -5.55 1.00 -1.03
CA CYS A 22 -5.34 1.54 -2.36
C CYS A 22 -5.86 2.97 -2.41
N PRO A 23 -5.03 3.92 -2.81
CA PRO A 23 -5.42 5.33 -2.90
C PRO A 23 -6.29 5.61 -4.11
N LYS A 24 -6.83 4.56 -4.71
CA LYS A 24 -7.67 4.68 -5.86
C LYS A 24 -9.07 4.10 -5.59
N CYS A 25 -9.13 2.84 -5.18
CA CYS A 25 -10.42 2.20 -4.93
C CYS A 25 -10.65 1.94 -3.45
N HIS A 26 -9.63 2.19 -2.66
CA HIS A 26 -9.67 2.01 -1.21
C HIS A 26 -9.94 0.56 -0.84
N VAL A 27 -8.97 -0.27 -1.12
CA VAL A 27 -9.01 -1.67 -0.77
C VAL A 27 -7.80 -2.00 0.07
N THR A 28 -7.98 -2.79 1.10
CA THR A 28 -6.89 -3.15 1.99
C THR A 28 -5.85 -3.98 1.26
N ILE A 29 -4.68 -3.39 1.06
CA ILE A 29 -3.60 -4.07 0.40
C ILE A 29 -2.62 -4.55 1.45
N GLU A 30 -1.42 -4.90 1.05
CA GLU A 30 -0.40 -5.34 2.00
C GLU A 30 0.95 -5.31 1.35
N LYS A 31 1.88 -4.61 1.98
CA LYS A 31 3.22 -4.44 1.43
C LYS A 31 3.96 -5.78 1.36
N ASP A 32 4.73 -5.93 0.30
CA ASP A 32 5.50 -7.13 0.06
C ASP A 32 6.78 -7.14 0.90
N GLY A 33 7.55 -6.07 0.79
CA GLY A 33 8.76 -5.96 1.55
C GLY A 33 9.99 -5.88 0.69
N GLY A 34 10.10 -6.79 -0.27
CA GLY A 34 11.25 -6.80 -1.15
C GLY A 34 11.05 -5.88 -2.34
N SER A 35 9.81 -5.66 -2.70
CA SER A 35 9.48 -4.80 -3.81
C SER A 35 8.76 -3.54 -3.34
N ASN A 36 9.13 -2.40 -3.92
CA ASN A 36 8.47 -1.14 -3.62
C ASN A 36 7.33 -0.95 -4.58
N HIS A 37 7.36 -1.72 -5.67
CA HIS A 37 6.35 -1.68 -6.70
C HIS A 37 5.08 -2.35 -6.18
N MET A 38 4.32 -1.60 -5.42
CA MET A 38 3.09 -2.09 -4.84
C MET A 38 1.92 -1.88 -5.78
N VAL A 39 1.20 -2.94 -6.05
CA VAL A 39 0.04 -2.84 -6.88
C VAL A 39 -1.19 -3.29 -6.13
N CYS A 40 -2.32 -2.71 -6.46
CA CYS A 40 -3.59 -3.00 -5.83
C CYS A 40 -3.92 -4.50 -5.90
N ARG A 41 -4.66 -4.96 -4.91
CA ARG A 41 -5.03 -6.36 -4.85
C ARG A 41 -6.39 -6.56 -5.48
N ASN A 42 -7.18 -5.48 -5.48
CA ASN A 42 -8.50 -5.52 -6.06
C ASN A 42 -8.43 -5.92 -7.52
N GLN A 43 -9.07 -7.02 -7.84
CA GLN A 43 -9.08 -7.57 -9.19
C GLN A 43 -9.78 -6.67 -10.19
N ASN A 44 -10.48 -5.68 -9.69
CA ASN A 44 -11.16 -4.71 -10.54
C ASN A 44 -10.31 -3.46 -10.67
N CYS A 45 -9.16 -3.49 -10.06
CA CYS A 45 -8.27 -2.34 -10.03
C CYS A 45 -6.86 -2.72 -10.45
N LYS A 46 -6.09 -3.30 -9.51
CA LYS A 46 -4.70 -3.71 -9.76
C LYS A 46 -3.82 -2.49 -10.12
N ALA A 47 -4.22 -1.33 -9.63
CA ALA A 47 -3.48 -0.10 -9.88
C ALA A 47 -2.09 -0.18 -9.25
N GLU A 48 -1.09 0.20 -10.02
CA GLU A 48 0.28 0.15 -9.54
C GLU A 48 0.70 1.52 -9.02
N PHE A 49 1.08 1.57 -7.75
CA PHE A 49 1.45 2.83 -7.12
C PHE A 49 2.61 2.65 -6.16
N CYS A 50 3.10 3.76 -5.64
CA CYS A 50 4.15 3.76 -4.67
C CYS A 50 3.55 3.60 -3.30
N TRP A 51 3.77 2.47 -2.68
CA TRP A 51 3.23 2.21 -1.35
C TRP A 51 3.64 3.28 -0.34
N VAL A 52 4.87 3.73 -0.45
CA VAL A 52 5.46 4.67 0.50
C VAL A 52 4.61 5.93 0.66
N CYS A 53 4.49 6.68 -0.41
CA CYS A 53 3.75 7.92 -0.38
C CYS A 53 2.32 7.74 -0.90
N LEU A 54 2.02 6.51 -1.32
CA LEU A 54 0.72 6.18 -1.90
C LEU A 54 0.44 7.03 -3.14
N GLY A 55 1.49 7.37 -3.86
CA GLY A 55 1.36 8.14 -5.07
C GLY A 55 1.56 7.30 -6.30
N PRO A 56 1.58 7.90 -7.48
CA PRO A 56 1.75 7.18 -8.75
C PRO A 56 3.14 6.55 -8.85
N TRP A 57 3.19 5.30 -9.30
CA TRP A 57 4.46 4.60 -9.45
C TRP A 57 5.25 5.10 -10.66
N GLU A 58 4.54 5.67 -11.63
CA GLU A 58 5.16 6.17 -12.87
C GLU A 58 6.45 7.00 -12.62
N PRO A 59 6.39 8.08 -11.80
CA PRO A 59 7.57 8.91 -11.50
C PRO A 59 8.64 8.16 -10.68
N HIS A 60 8.21 7.12 -9.98
CA HIS A 60 9.09 6.33 -9.11
C HIS A 60 9.84 5.25 -9.89
N GLY A 61 9.22 4.75 -10.95
CA GLY A 61 9.80 3.68 -11.73
C GLY A 61 10.93 4.16 -12.64
N SER A 62 12.03 4.61 -12.03
CA SER A 62 13.20 5.09 -12.76
C SER A 62 12.84 6.20 -13.75
N ALA A 63 12.77 7.41 -13.25
CA ALA A 63 12.43 8.54 -14.07
C ALA A 63 13.19 9.77 -13.64
N TRP A 64 12.89 10.24 -12.44
CA TRP A 64 13.50 11.44 -11.90
C TRP A 64 13.04 11.68 -10.46
N TYR A 65 11.86 11.18 -10.15
CA TYR A 65 11.23 11.40 -8.87
C TYR A 65 11.77 10.44 -7.82
N ASN A 66 12.13 10.99 -6.67
CA ASN A 66 12.67 10.21 -5.57
C ASN A 66 11.62 10.07 -4.48
N CYS A 67 11.82 9.14 -3.55
CA CYS A 67 10.89 8.92 -2.47
C CYS A 67 11.64 8.53 -1.21
N ASN A 68 11.18 9.02 -0.08
CA ASN A 68 11.83 8.76 1.21
C ASN A 68 11.50 7.36 1.70
N ARG A 69 12.12 6.36 1.12
CA ARG A 69 11.88 4.98 1.51
C ARG A 69 13.18 4.24 1.76
N TYR A 70 14.25 4.96 1.66
CA TYR A 70 15.59 4.41 1.87
C TYR A 70 16.31 5.22 2.93
N ASN A 71 15.71 6.33 3.30
CA ASN A 71 16.30 7.24 4.26
C ASN A 71 15.30 7.56 5.35
N GLU A 72 15.80 7.90 6.52
CA GLU A 72 14.96 8.25 7.65
C GLU A 72 14.25 9.57 7.38
N ASP A 73 13.04 9.69 7.88
CA ASP A 73 12.27 10.91 7.67
C ASP A 73 12.75 12.00 8.60
N ASP A 74 13.13 11.61 9.81
CA ASP A 74 13.62 12.53 10.82
C ASP A 74 14.87 13.27 10.32
ZN ZN B . -7.15 -0.31 -6.16
ZN ZN C . 6.76 7.24 -3.25
N GLY A 1 0.83 -20.18 11.94
CA GLY A 1 0.11 -18.90 12.06
C GLY A 1 -1.38 -19.10 12.22
N SER A 2 -2.10 -19.10 11.11
CA SER A 2 -3.53 -19.26 11.11
C SER A 2 -3.94 -20.44 10.23
N LYS A 3 -5.08 -21.02 10.55
CA LYS A 3 -5.63 -22.12 9.80
C LYS A 3 -7.12 -21.88 9.56
N LYS A 4 -7.43 -21.19 8.48
CA LYS A 4 -8.79 -20.82 8.16
C LYS A 4 -8.86 -20.15 6.80
N CYS A 5 -10.05 -19.86 6.34
CA CYS A 5 -10.23 -19.16 5.09
C CYS A 5 -10.21 -17.65 5.38
N ASP A 6 -9.04 -17.07 5.37
CA ASP A 6 -8.89 -15.66 5.68
C ASP A 6 -9.21 -14.79 4.49
N ASP A 7 -10.48 -14.49 4.35
CA ASP A 7 -10.94 -13.59 3.31
C ASP A 7 -10.60 -12.16 3.71
N ASP A 8 -10.67 -11.91 5.01
CA ASP A 8 -10.31 -10.62 5.57
C ASP A 8 -9.85 -10.83 7.01
N SER A 9 -9.31 -9.79 7.62
CA SER A 9 -8.83 -9.88 8.98
C SER A 9 -9.84 -9.30 9.97
N GLU A 10 -10.61 -8.31 9.50
CA GLU A 10 -11.61 -7.60 10.31
C GLU A 10 -10.98 -6.87 11.52
N THR A 11 -9.68 -6.93 11.62
CA THR A 11 -8.96 -6.35 12.72
C THR A 11 -8.10 -5.19 12.22
N SER A 12 -8.63 -4.01 12.29
CA SER A 12 -7.90 -2.84 11.85
C SER A 12 -7.10 -2.23 12.96
N ASN A 13 -7.00 -2.93 14.08
CA ASN A 13 -6.21 -2.44 15.18
C ASN A 13 -4.73 -2.47 14.83
N TRP A 14 -4.39 -3.28 13.83
CA TRP A 14 -3.01 -3.39 13.40
C TRP A 14 -2.83 -2.77 12.03
N ILE A 15 -3.90 -2.81 11.24
CA ILE A 15 -3.90 -2.21 9.91
C ILE A 15 -3.63 -0.71 9.98
N ALA A 16 -3.92 -0.13 11.14
CA ALA A 16 -3.71 1.30 11.37
C ALA A 16 -2.29 1.75 11.00
N ALA A 17 -1.30 0.87 11.16
CA ALA A 17 0.08 1.24 10.83
C ALA A 17 0.87 0.09 10.22
N ASN A 18 0.23 -1.04 10.01
CA ASN A 18 0.94 -2.20 9.44
C ASN A 18 0.51 -2.46 8.03
N THR A 19 -0.60 -1.87 7.66
CA THR A 19 -1.15 -2.06 6.34
C THR A 19 -1.78 -0.76 5.86
N LYS A 20 -2.03 -0.66 4.57
CA LYS A 20 -2.66 0.52 4.02
C LYS A 20 -3.67 0.13 2.98
N GLU A 21 -4.32 1.10 2.40
CA GLU A 21 -5.34 0.85 1.41
C GLU A 21 -4.99 1.47 0.08
N CYS A 22 -5.69 1.04 -0.95
CA CYS A 22 -5.51 1.58 -2.27
C CYS A 22 -5.94 3.03 -2.30
N PRO A 23 -5.07 3.92 -2.76
CA PRO A 23 -5.38 5.34 -2.86
C PRO A 23 -6.28 5.64 -4.06
N LYS A 24 -6.77 4.59 -4.68
CA LYS A 24 -7.63 4.71 -5.83
C LYS A 24 -9.04 4.18 -5.52
N CYS A 25 -9.14 2.93 -5.09
CA CYS A 25 -10.45 2.34 -4.81
C CYS A 25 -10.69 2.13 -3.31
N HIS A 26 -9.68 2.43 -2.51
CA HIS A 26 -9.77 2.30 -1.05
C HIS A 26 -10.02 0.86 -0.61
N VAL A 27 -9.17 -0.03 -1.06
CA VAL A 27 -9.27 -1.41 -0.65
C VAL A 27 -8.08 -1.78 0.22
N THR A 28 -8.32 -2.55 1.27
CA THR A 28 -7.26 -2.97 2.15
C THR A 28 -6.28 -3.87 1.40
N ILE A 29 -5.07 -3.37 1.20
CA ILE A 29 -4.06 -4.13 0.51
C ILE A 29 -3.09 -4.68 1.52
N GLU A 30 -1.95 -5.14 1.07
CA GLU A 30 -0.94 -5.65 1.96
C GLU A 30 0.42 -5.63 1.29
N LYS A 31 1.36 -4.98 1.94
CA LYS A 31 2.70 -4.81 1.41
C LYS A 31 3.45 -6.14 1.32
N ASP A 32 4.28 -6.26 0.30
CA ASP A 32 5.08 -7.46 0.08
C ASP A 32 6.16 -7.57 1.14
N GLY A 33 7.02 -6.57 1.17
CA GLY A 33 8.10 -6.55 2.12
C GLY A 33 9.38 -6.14 1.47
N GLY A 34 9.87 -7.00 0.59
CA GLY A 34 11.08 -6.70 -0.14
C GLY A 34 10.78 -5.93 -1.40
N SER A 35 9.68 -6.28 -2.05
CA SER A 35 9.28 -5.63 -3.28
C SER A 35 8.55 -4.33 -2.96
N ASN A 36 8.96 -3.25 -3.63
CA ASN A 36 8.35 -1.95 -3.41
C ASN A 36 7.27 -1.70 -4.43
N HIS A 37 7.29 -2.49 -5.49
CA HIS A 37 6.30 -2.41 -6.55
C HIS A 37 4.98 -2.99 -6.05
N MET A 38 4.20 -2.16 -5.40
CA MET A 38 2.92 -2.56 -4.86
C MET A 38 1.80 -2.40 -5.89
N VAL A 39 0.92 -3.37 -5.93
CA VAL A 39 -0.21 -3.35 -6.82
C VAL A 39 -1.48 -3.76 -6.08
N CYS A 40 -2.57 -3.04 -6.37
CA CYS A 40 -3.86 -3.25 -5.73
C CYS A 40 -4.30 -4.71 -5.80
N ARG A 41 -5.06 -5.11 -4.81
CA ARG A 41 -5.55 -6.48 -4.72
C ARG A 41 -6.91 -6.57 -5.37
N ASN A 42 -7.64 -5.46 -5.32
CA ASN A 42 -8.97 -5.38 -5.89
C ASN A 42 -8.94 -5.74 -7.37
N GLN A 43 -9.64 -6.81 -7.71
CA GLN A 43 -9.71 -7.29 -9.10
C GLN A 43 -10.47 -6.31 -9.99
N ASN A 44 -11.09 -5.33 -9.36
CA ASN A 44 -11.81 -4.30 -10.08
C ASN A 44 -10.96 -3.03 -10.14
N CYS A 45 -9.67 -3.19 -9.86
CA CYS A 45 -8.74 -2.08 -9.84
C CYS A 45 -7.38 -2.53 -10.34
N LYS A 46 -6.64 -3.24 -9.48
CA LYS A 46 -5.31 -3.75 -9.80
C LYS A 46 -4.34 -2.62 -10.17
N ALA A 47 -4.54 -1.47 -9.57
CA ALA A 47 -3.68 -0.31 -9.81
C ALA A 47 -2.30 -0.52 -9.22
N GLU A 48 -1.27 -0.26 -10.01
CA GLU A 48 0.10 -0.38 -9.54
C GLU A 48 0.59 0.97 -9.03
N PHE A 49 0.84 1.04 -7.73
CA PHE A 49 1.25 2.29 -7.13
C PHE A 49 2.36 2.08 -6.13
N CYS A 50 3.14 3.11 -5.93
CA CYS A 50 4.21 3.07 -4.97
C CYS A 50 3.62 3.04 -3.59
N TRP A 51 3.87 1.97 -2.86
CA TRP A 51 3.38 1.85 -1.51
C TRP A 51 3.92 2.96 -0.63
N VAL A 52 5.16 3.34 -0.89
CA VAL A 52 5.87 4.33 -0.10
C VAL A 52 5.12 5.66 -0.01
N CYS A 53 4.90 6.28 -1.15
CA CYS A 53 4.20 7.57 -1.18
C CYS A 53 2.74 7.40 -1.57
N LEU A 54 2.36 6.15 -1.84
CA LEU A 54 1.00 5.82 -2.29
C LEU A 54 0.66 6.56 -3.60
N GLY A 55 1.70 6.89 -4.35
CA GLY A 55 1.52 7.58 -5.61
C GLY A 55 1.79 6.68 -6.80
N PRO A 56 1.86 7.25 -8.00
CA PRO A 56 2.12 6.48 -9.22
C PRO A 56 3.53 5.90 -9.21
N TRP A 57 3.65 4.63 -9.54
CA TRP A 57 4.94 3.95 -9.52
C TRP A 57 5.80 4.33 -10.74
N GLU A 58 5.13 4.70 -11.83
CA GLU A 58 5.81 5.05 -13.09
C GLU A 58 7.00 6.05 -12.89
N PRO A 59 6.77 7.24 -12.26
CA PRO A 59 7.84 8.26 -12.04
C PRO A 59 8.97 7.79 -11.09
N HIS A 60 8.93 6.55 -10.64
CA HIS A 60 9.96 6.05 -9.72
C HIS A 60 11.09 5.38 -10.48
N GLY A 61 10.88 5.14 -11.77
CA GLY A 61 11.88 4.51 -12.59
C GLY A 61 12.95 5.49 -13.04
N SER A 62 13.70 6.00 -12.08
CA SER A 62 14.78 6.97 -12.34
C SER A 62 14.25 8.21 -13.07
N ALA A 63 13.69 9.13 -12.30
CA ALA A 63 13.13 10.35 -12.84
C ALA A 63 13.31 11.51 -11.87
N TRP A 64 12.70 12.64 -12.22
CA TRP A 64 12.74 13.84 -11.38
C TRP A 64 12.04 13.59 -10.06
N TYR A 65 11.08 12.69 -10.09
CA TYR A 65 10.27 12.38 -8.94
C TYR A 65 11.07 11.68 -7.86
N ASN A 66 11.19 12.33 -6.73
CA ASN A 66 11.91 11.77 -5.60
C ASN A 66 10.96 10.98 -4.71
N CYS A 67 11.49 9.96 -4.05
CA CYS A 67 10.68 9.15 -3.15
C CYS A 67 11.58 8.42 -2.16
N ASN A 68 11.12 8.36 -0.93
CA ASN A 68 11.86 7.73 0.15
C ASN A 68 11.69 6.21 0.11
N ARG A 69 12.20 5.56 -0.93
CA ARG A 69 12.08 4.10 -1.01
C ARG A 69 13.44 3.42 -0.97
N TYR A 70 14.48 4.21 -1.01
CA TYR A 70 15.84 3.68 -0.91
C TYR A 70 16.60 4.45 0.17
N ASN A 71 16.72 5.75 0.00
CA ASN A 71 17.34 6.59 0.99
C ASN A 71 16.28 7.03 1.96
N GLU A 72 16.45 6.68 3.21
CA GLU A 72 15.47 7.01 4.23
C GLU A 72 15.83 8.28 4.96
N ASP A 73 14.81 9.01 5.37
CA ASP A 73 15.02 10.23 6.11
C ASP A 73 15.08 9.91 7.59
N ASP A 74 14.45 8.82 7.96
CA ASP A 74 14.43 8.37 9.32
C ASP A 74 14.48 6.85 9.37
ZN ZN B . -7.33 -0.33 -6.00
ZN ZN C . 6.93 6.56 -3.98
#